data_5M8T
#
_entry.id   5M8T
#
_cell.length_a   89.732
_cell.length_b   140.605
_cell.length_c   191.253
_cell.angle_alpha   90.000
_cell.angle_beta   90.000
_cell.angle_gamma   90.000
#
_symmetry.space_group_name_H-M   'P 21 21 21'
#
loop_
_entity.id
_entity.type
_entity.pdbx_description
1 polymer '5,6-dihydroxyindole-2-carboxylic acid oxidase'
2 branched 2-acetamido-2-deoxy-beta-D-glucopyranose-(1-4)-[alpha-L-fucopyranose-(1-6)]2-acetamido-2-deoxy-beta-D-glucopyranose
3 branched alpha-L-fucopyranose-(1-6)-2-acetamido-2-deoxy-beta-D-glucopyranose
4 branched 2-acetamido-2-deoxy-beta-D-glucopyranose-(1-4)-2-acetamido-2-deoxy-beta-D-glucopyranose
5 branched alpha-D-mannopyranose-(1-6)-alpha-D-mannopyranose-(1-4)-2-acetamido-2-deoxy-beta-D-glucopyranose-(1-4)-[alpha-L-fucopyranose-(1-6)]2-acetamido-2-deoxy-beta-D-glucopyranose
6 branched alpha-D-mannopyranose-(1-4)-2-acetamido-2-deoxy-beta-D-glucopyranose-(1-4)-2-acetamido-2-deoxy-beta-D-glucopyranose
7 branched alpha-D-mannopyranose-(1-4)-2-acetamido-2-deoxy-beta-D-glucopyranose-(1-4)-[alpha-L-fucopyranose-(1-6)]2-acetamido-2-deoxy-beta-D-glucopyranose
8 non-polymer 2-acetamido-2-deoxy-beta-D-glucopyranose
9 non-polymer 'ZINC ION'
10 non-polymer 2-HYDROXYCYCLOHEPTA-2,4,6-TRIEN-1-ONE
11 water water
#
_entity_poly.entity_id   1
_entity_poly.type   'polypeptide(L)'
_entity_poly.pdbx_seq_one_letter_code
;QFPRQCATVEALRSGMCCPDLSPVSGPGTDRCGSSSGRGRCEAVTADSRPHSPQYPHDGRDDREVWPLRFFNRTCHCNGN
FSGHNCGTCRPGWRGAACDQRVLIVRRNLLDLSKEEKNHFVRALDMAKRTTHPLFVIATRRSEEILGPDGNTPQFENISI
YNYFVWTHYYSVKKTFLGVGQESFGEVDFSHEGPAFLTWHRYHLLRLEKDMQEMLQEPSFSLPYWNFATGKNVCDICTDD
LMGSRSNFDSTLISPNSVFSQWRVVCDSLEDYDTLGTLCNSTEDGPIRRNPAGNVARPMVQRLPEPQDVAQCLEVGLFDT
PPFYSNSTNSFRNTVEGFSDPTGKYDPAVSSLHNLAHLFLNGTGGQVHLSPNDPIFVLLHTFTDAVFDEWLRRYNADIST
FPLENAPIGHNRQYNMVPFWPPVTNTEMFVTAPDNLGYTYEIQWPS
;
_entity_poly.pdbx_strand_id   A,B,C,D
#
loop_
_chem_comp.id
_chem_comp.type
_chem_comp.name
_chem_comp.formula
0TR non-polymer 2-HYDROXYCYCLOHEPTA-2,4,6-TRIEN-1-ONE 'C7 H6 O2'
FUC L-saccharide, alpha linking alpha-L-fucopyranose 'C6 H12 O5'
MAN D-saccharide, alpha linking alpha-D-mannopyranose 'C6 H12 O6'
NAG D-saccharide, beta linking 2-acetamido-2-deoxy-beta-D-glucopyranose 'C8 H15 N O6'
ZN non-polymer 'ZINC ION' 'Zn 2'
#
# COMPACT_ATOMS: atom_id res chain seq x y z
N GLN A 1 -12.05 25.82 12.80
CA GLN A 1 -12.52 26.44 11.53
C GLN A 1 -11.48 27.43 11.07
N PHE A 2 -11.76 28.42 10.23
CA PHE A 2 -10.51 28.88 9.62
C PHE A 2 -10.06 30.22 10.17
N PRO A 3 -8.75 30.48 10.18
CA PRO A 3 -8.26 31.81 10.55
C PRO A 3 -8.90 32.86 9.65
N ARG A 4 -9.24 34.01 10.23
CA ARG A 4 -9.96 35.03 9.47
C ARG A 4 -9.16 35.48 8.26
N GLN A 5 -7.82 35.50 8.34
CA GLN A 5 -7.07 35.91 7.16
C GLN A 5 -6.99 34.81 6.10
N CYS A 6 -7.45 33.59 6.38
CA CYS A 6 -7.53 32.57 5.34
C CYS A 6 -8.94 32.43 4.77
N ALA A 7 -9.95 33.02 5.42
CA ALA A 7 -11.34 32.94 4.97
C ALA A 7 -11.59 33.99 3.89
N THR A 8 -10.76 33.91 2.85
CA THR A 8 -10.75 34.87 1.77
C THR A 8 -10.84 34.15 0.44
N VAL A 9 -11.25 34.90 -0.60
CA VAL A 9 -11.27 34.37 -1.96
C VAL A 9 -9.88 33.87 -2.33
N GLU A 10 -8.86 34.68 -2.04
CA GLU A 10 -7.53 34.38 -2.53
C GLU A 10 -6.98 33.10 -1.92
N ALA A 11 -7.17 32.91 -0.60
CA ALA A 11 -6.62 31.72 0.04
C ALA A 11 -7.38 30.47 -0.38
N LEU A 12 -8.70 30.59 -0.49
CA LEU A 12 -9.51 29.45 -0.90
C LEU A 12 -9.24 29.06 -2.35
N ARG A 13 -8.83 30.01 -3.19
CA ARG A 13 -8.49 29.65 -4.56
C ARG A 13 -7.08 29.10 -4.67
N SER A 14 -6.18 29.55 -3.82
CA SER A 14 -4.83 29.03 -3.89
C SER A 14 -4.70 27.68 -3.19
N GLY A 15 -5.69 27.31 -2.37
CA GLY A 15 -5.64 26.14 -1.51
C GLY A 15 -4.66 26.23 -0.36
N MET A 16 -4.15 27.42 -0.06
CA MET A 16 -3.08 27.59 0.91
C MET A 16 -3.60 28.40 2.10
N CYS A 17 -3.47 27.86 3.30
CA CYS A 17 -3.79 28.58 4.54
C CYS A 17 -2.49 28.66 5.34
N CYS A 18 -1.66 29.62 4.97
CA CYS A 18 -0.31 29.78 5.49
C CYS A 18 -0.12 31.26 5.84
N PRO A 19 -0.83 31.75 6.84
CA PRO A 19 -0.87 33.20 7.06
C PRO A 19 0.46 33.76 7.54
N ASP A 20 0.64 35.05 7.30
CA ASP A 20 1.83 35.74 7.77
C ASP A 20 1.88 35.73 9.29
N LEU A 21 3.09 35.77 9.87
CA LEU A 21 3.17 35.92 11.33
C LEU A 21 3.15 37.42 11.65
N SER A 22 4.24 38.16 11.43
CA SER A 22 4.13 39.59 11.18
C SER A 22 5.34 40.04 10.33
N PRO A 23 5.11 40.25 9.05
CA PRO A 23 6.22 40.35 8.06
C PRO A 23 6.93 41.72 7.93
N VAL A 24 8.15 41.65 7.38
CA VAL A 24 9.20 42.68 7.41
C VAL A 24 9.62 43.12 5.99
N SER A 25 8.74 42.89 5.01
CA SER A 25 9.10 42.93 3.59
C SER A 25 7.94 42.95 2.60
N GLY A 26 6.72 43.14 3.10
CA GLY A 26 5.53 42.98 2.28
C GLY A 26 4.70 41.81 2.78
N PRO A 27 3.51 41.66 2.21
CA PRO A 27 2.68 40.49 2.54
C PRO A 27 3.29 39.20 2.03
N GLY A 28 3.04 38.12 2.75
CA GLY A 28 3.54 36.82 2.33
C GLY A 28 5.02 36.61 2.54
N THR A 29 5.71 37.51 3.23
CA THR A 29 7.14 37.36 3.49
C THR A 29 7.43 36.62 4.79
N ASP A 30 6.41 36.35 5.60
CA ASP A 30 6.61 35.65 6.86
C ASP A 30 5.53 34.58 7.07
N ARG A 31 5.18 33.86 6.00
CA ARG A 31 4.20 32.79 6.11
C ARG A 31 4.68 31.76 7.12
N CYS A 32 3.83 31.47 8.10
CA CYS A 32 4.10 30.45 9.12
C CYS A 32 5.30 30.80 9.98
N GLY A 33 5.71 32.07 10.01
CA GLY A 33 6.90 32.45 10.75
C GLY A 33 8.20 31.91 10.21
N SER A 34 8.31 31.75 8.90
CA SER A 34 9.54 31.19 8.33
C SER A 34 10.73 32.15 8.43
N SER A 35 10.51 33.46 8.63
CA SER A 35 11.64 34.39 8.73
C SER A 35 12.40 34.21 10.05
N SER A 36 11.69 33.95 11.15
CA SER A 36 12.33 33.36 12.32
C SER A 36 12.33 31.84 12.11
N GLY A 37 12.60 31.08 13.15
CA GLY A 37 12.65 29.65 12.86
C GLY A 37 11.35 28.91 13.08
N ARG A 38 10.21 29.61 13.08
CA ARG A 38 9.08 29.06 13.82
C ARG A 38 8.30 28.02 13.04
N GLY A 39 8.25 28.13 11.72
CA GLY A 39 7.61 27.09 10.93
C GLY A 39 7.65 27.44 9.47
N ARG A 40 6.94 26.63 8.68
CA ARG A 40 6.93 26.80 7.24
C ARG A 40 5.64 26.26 6.65
N CYS A 41 5.28 26.81 5.50
CA CYS A 41 4.16 26.32 4.72
C CYS A 41 4.52 24.96 4.11
N GLU A 42 3.64 23.97 4.26
CA GLU A 42 3.90 22.62 3.75
C GLU A 42 2.61 21.97 3.28
N ALA A 43 2.76 20.87 2.54
CA ALA A 43 1.59 20.13 2.13
C ALA A 43 0.99 19.48 3.37
N VAL A 44 -0.33 19.53 3.50
CA VAL A 44 -1.01 18.99 4.68
C VAL A 44 -1.08 17.47 4.52
N THR A 45 -0.96 16.74 5.62
CA THR A 45 -1.23 15.31 5.62
C THR A 45 -2.63 15.07 6.13
N ALA A 46 -3.45 14.39 5.35
CA ALA A 46 -4.76 13.96 5.79
C ALA A 46 -4.82 12.46 5.65
N ASP A 47 -5.66 11.82 6.45
CA ASP A 47 -5.76 10.37 6.46
C ASP A 47 -6.40 9.89 5.15
N SER A 48 -5.78 8.88 4.53
CA SER A 48 -6.25 8.32 3.27
C SER A 48 -6.75 6.88 3.39
N ARG A 49 -6.65 6.28 4.57
CA ARG A 49 -7.05 4.91 4.78
C ARG A 49 -8.57 4.73 4.71
N PRO A 50 -9.04 3.52 4.39
CA PRO A 50 -10.47 3.28 4.26
C PRO A 50 -11.19 3.36 5.61
N HIS A 51 -12.49 3.61 5.53
CA HIS A 51 -13.37 3.66 6.69
C HIS A 51 -14.41 2.54 6.59
N SER A 52 -15.23 2.44 7.64
CA SER A 52 -16.25 1.41 7.70
C SER A 52 -17.28 1.62 6.58
N PRO A 53 -17.98 0.57 6.17
CA PRO A 53 -18.96 0.72 5.07
C PRO A 53 -20.17 1.56 5.44
N GLN A 54 -20.32 1.94 6.70
CA GLN A 54 -21.52 2.65 7.16
C GLN A 54 -21.74 3.96 6.40
N TYR A 55 -20.68 4.60 5.92
CA TYR A 55 -20.80 5.84 5.19
C TYR A 55 -20.68 5.56 3.69
N PRO A 56 -21.76 5.68 2.91
CA PRO A 56 -21.71 5.33 1.48
C PRO A 56 -21.52 6.50 0.53
N HIS A 57 -21.28 7.71 1.03
CA HIS A 57 -21.33 8.89 0.19
C HIS A 57 -19.97 9.57 0.03
N ASP A 58 -18.89 8.80 -0.11
CA ASP A 58 -17.58 9.39 -0.41
C ASP A 58 -17.71 10.33 -1.60
N GLY A 59 -17.10 11.50 -1.47
CA GLY A 59 -17.14 12.54 -2.47
C GLY A 59 -18.16 13.63 -2.22
N ARG A 60 -19.03 13.46 -1.23
CA ARG A 60 -20.16 14.37 -1.08
C ARG A 60 -20.06 15.33 0.09
N ASP A 61 -19.11 15.11 1.02
CA ASP A 61 -19.11 15.84 2.28
C ASP A 61 -17.75 16.50 2.52
N ASP A 62 -17.79 17.81 2.83
CA ASP A 62 -16.59 18.60 3.08
C ASP A 62 -15.77 18.10 4.25
N ARG A 63 -16.36 17.27 5.11
CA ARG A 63 -15.60 16.81 6.25
C ARG A 63 -14.70 15.65 5.91
N GLU A 64 -14.93 14.98 4.77
CA GLU A 64 -14.06 13.90 4.34
C GLU A 64 -12.63 14.42 4.17
N VAL A 65 -11.67 13.56 4.54
CA VAL A 65 -10.23 13.77 4.47
C VAL A 65 -9.87 15.20 4.85
N TRP A 66 -10.41 15.65 5.98
CA TRP A 66 -10.18 17.00 6.48
C TRP A 66 -8.70 17.36 6.60
N PRO A 67 -8.29 18.56 6.11
CA PRO A 67 -9.10 19.63 5.52
C PRO A 67 -9.02 19.75 4.01
N LEU A 68 -8.75 18.65 3.30
CA LEU A 68 -8.34 18.74 1.91
C LEU A 68 -9.37 19.37 0.99
N ARG A 69 -10.65 19.45 1.38
CA ARG A 69 -11.64 20.12 0.54
C ARG A 69 -11.57 21.62 0.62
N PHE A 70 -10.76 22.16 1.50
CA PHE A 70 -10.60 23.60 1.54
C PHE A 70 -9.15 24.01 1.32
N PHE A 71 -8.20 23.30 1.93
CA PHE A 71 -6.80 23.65 1.86
C PHE A 71 -5.96 22.39 1.73
N ASN A 72 -4.90 22.48 0.94
CA ASN A 72 -3.92 21.40 0.82
C ASN A 72 -2.53 21.82 1.28
N ARG A 73 -2.37 23.07 1.74
CA ARG A 73 -1.12 23.56 2.32
C ARG A 73 -1.45 24.32 3.59
N THR A 74 -0.71 24.05 4.67
CA THR A 74 -0.94 24.70 5.95
C THR A 74 0.40 24.91 6.65
N CYS A 75 0.35 25.60 7.78
CA CYS A 75 1.53 25.85 8.57
C CYS A 75 1.90 24.59 9.32
N HIS A 76 3.15 24.18 9.15
CA HIS A 76 3.77 23.16 9.97
C HIS A 76 4.85 23.85 10.79
N CYS A 77 4.74 23.75 12.10
CA CYS A 77 5.64 24.51 12.95
C CYS A 77 6.83 23.64 13.33
N ASN A 78 7.93 24.31 13.67
CA ASN A 78 9.13 23.63 14.13
C ASN A 78 9.11 23.48 15.65
N GLY A 79 9.76 22.42 16.13
CA GLY A 79 9.98 22.28 17.56
C GLY A 79 8.73 22.39 18.39
N ASN A 80 8.77 23.26 19.39
CA ASN A 80 7.63 23.44 20.28
C ASN A 80 6.87 24.75 19.98
N PHE A 81 7.01 25.28 18.77
CA PHE A 81 6.10 26.31 18.29
C PHE A 81 4.81 25.64 17.80
N SER A 82 3.74 26.43 17.73
CA SER A 82 2.43 25.90 17.37
C SER A 82 1.56 27.06 16.90
N GLY A 83 0.35 26.73 16.46
CA GLY A 83 -0.61 27.75 16.08
C GLY A 83 -0.76 27.87 14.58
N HIS A 84 -1.85 28.55 14.18
CA HIS A 84 -2.24 28.64 12.78
C HIS A 84 -1.18 29.29 11.91
N ASN A 85 -0.39 30.21 12.49
CA ASN A 85 0.75 30.83 11.80
C ASN A 85 2.05 30.62 12.58
N CYS A 86 2.06 29.61 13.47
CA CYS A 86 3.23 29.24 14.26
C CYS A 86 3.62 30.33 15.24
N GLY A 87 2.68 31.23 15.53
CA GLY A 87 2.91 32.33 16.43
C GLY A 87 2.70 32.03 17.90
N THR A 88 2.27 30.82 18.26
CA THR A 88 2.13 30.48 19.68
C THR A 88 2.92 29.23 20.00
N CYS A 89 2.59 28.54 21.09
CA CYS A 89 3.36 27.41 21.59
C CYS A 89 2.48 26.17 21.73
N ARG A 90 3.12 25.02 21.58
CA ARG A 90 2.51 23.74 21.90
C ARG A 90 1.94 23.70 23.31
N PRO A 91 0.98 22.82 23.55
CA PRO A 91 0.41 22.72 24.91
C PRO A 91 1.50 22.35 25.92
N GLY A 92 1.55 23.12 27.00
CA GLY A 92 2.52 22.94 28.07
C GLY A 92 3.68 23.91 28.06
N TRP A 93 3.76 24.79 27.07
CA TRP A 93 4.89 25.68 26.88
C TRP A 93 4.45 27.11 26.64
N ARG A 94 5.29 28.03 27.10
CA ARG A 94 5.08 29.45 26.93
C ARG A 94 6.41 30.13 26.68
N GLY A 95 6.34 31.43 26.45
CA GLY A 95 7.53 32.23 26.22
C GLY A 95 7.73 32.47 24.75
N ALA A 96 8.40 33.59 24.43
CA ALA A 96 8.66 33.90 23.04
C ALA A 96 9.37 32.74 22.35
N ALA A 97 10.21 32.00 23.07
CA ALA A 97 10.93 30.83 22.54
C ALA A 97 10.25 29.51 22.89
N CYS A 98 9.05 29.52 23.47
CA CYS A 98 8.32 28.28 23.77
C CYS A 98 9.17 27.29 24.55
N ASP A 99 9.83 27.81 25.59
CA ASP A 99 10.76 27.00 26.39
C ASP A 99 10.54 27.10 27.89
N GLN A 100 9.45 27.75 28.34
CA GLN A 100 9.10 27.76 29.75
C GLN A 100 7.88 26.87 29.92
N ARG A 101 7.96 25.92 30.86
CA ARG A 101 6.89 24.95 31.03
C ARG A 101 5.81 25.48 31.95
N VAL A 102 4.58 25.04 31.70
CA VAL A 102 3.41 25.44 32.47
C VAL A 102 2.59 24.20 32.71
N LEU A 103 2.03 24.09 33.89
CA LEU A 103 1.18 22.97 34.25
C LEU A 103 0.02 23.55 35.03
N ILE A 104 -1.15 23.56 34.41
CA ILE A 104 -2.33 24.06 35.06
C ILE A 104 -3.08 22.85 35.60
N VAL A 105 -3.90 23.11 36.62
CA VAL A 105 -4.59 22.08 37.37
C VAL A 105 -6.08 22.26 37.18
N ARG A 106 -6.76 21.22 36.72
CA ARG A 106 -8.21 21.27 36.60
C ARG A 106 -8.81 20.68 37.86
N ARG A 107 -9.65 21.46 38.54
CA ARG A 107 -10.11 21.10 39.88
C ARG A 107 -11.61 20.83 39.88
N ASN A 108 -12.06 20.07 40.88
CA ASN A 108 -13.51 19.91 41.06
C ASN A 108 -14.13 21.27 41.27
N LEU A 109 -15.17 21.58 40.47
CA LEU A 109 -15.80 22.88 40.56
C LEU A 109 -16.37 23.16 41.97
N LEU A 110 -16.78 22.12 42.70
CA LEU A 110 -17.32 22.34 44.04
C LEU A 110 -16.24 22.62 45.09
N ASP A 111 -14.97 22.32 44.79
CA ASP A 111 -13.84 22.60 45.68
C ASP A 111 -13.27 24.01 45.50
N LEU A 112 -13.77 24.77 44.54
CA LEU A 112 -13.27 26.11 44.32
C LEU A 112 -13.80 27.04 45.39
N SER A 113 -13.03 28.07 45.71
CA SER A 113 -13.48 29.09 46.64
C SER A 113 -14.65 29.87 46.03
N LYS A 114 -15.27 30.68 46.89
CA LYS A 114 -16.39 31.51 46.47
C LYS A 114 -15.98 32.44 45.32
N GLU A 115 -14.81 33.07 45.42
CA GLU A 115 -14.36 33.99 44.39
C GLU A 115 -13.91 33.26 43.14
N GLU A 116 -13.36 32.04 43.28
CA GLU A 116 -12.96 31.27 42.11
C GLU A 116 -14.19 30.78 41.33
N LYS A 117 -15.22 30.30 42.04
CA LYS A 117 -16.50 29.98 41.42
C LYS A 117 -17.07 31.17 40.69
N ASN A 118 -17.01 32.35 41.30
CA ASN A 118 -17.59 33.53 40.65
C ASN A 118 -16.73 33.97 39.47
N HIS A 119 -15.42 33.80 39.58
CA HIS A 119 -14.53 34.11 38.49
C HIS A 119 -14.79 33.18 37.29
N PHE A 120 -15.00 31.89 37.56
CA PHE A 120 -15.28 30.93 36.49
C PHE A 120 -16.54 31.30 35.73
N VAL A 121 -17.64 31.54 36.46
CA VAL A 121 -18.93 31.91 35.86
C VAL A 121 -18.81 33.17 35.02
N ARG A 122 -18.13 34.20 35.55
CA ARG A 122 -17.99 35.44 34.78
C ARG A 122 -17.13 35.21 33.54
N ALA A 123 -16.10 34.36 33.64
CA ALA A 123 -15.22 34.10 32.50
C ALA A 123 -16.00 33.40 31.38
N LEU A 124 -16.78 32.38 31.74
CA LEU A 124 -17.65 31.74 30.77
C LEU A 124 -18.57 32.76 30.11
N ASP A 125 -19.24 33.57 30.93
CA ASP A 125 -20.17 34.54 30.38
C ASP A 125 -19.45 35.53 29.46
N MET A 126 -18.23 35.92 29.83
CA MET A 126 -17.41 36.75 28.95
C MET A 126 -17.10 36.03 27.64
N ALA A 127 -16.78 34.72 27.71
CA ALA A 127 -16.51 33.95 26.48
C ALA A 127 -17.73 33.89 25.58
N LYS A 128 -18.93 33.89 26.18
CA LYS A 128 -20.14 33.84 25.36
C LYS A 128 -20.38 35.15 24.60
N ARG A 129 -19.85 36.28 25.07
CA ARG A 129 -20.09 37.56 24.44
C ARG A 129 -18.91 38.11 23.64
N THR A 130 -17.71 37.60 23.85
CA THR A 130 -16.52 38.16 23.24
C THR A 130 -16.22 37.47 21.92
N THR A 131 -16.05 38.25 20.86
CA THR A 131 -15.70 37.72 19.53
C THR A 131 -14.39 36.93 19.53
N HIS A 132 -14.40 35.75 18.91
CA HIS A 132 -13.16 34.97 18.78
C HIS A 132 -12.15 35.75 17.95
N PRO A 133 -10.96 36.06 18.48
CA PRO A 133 -10.02 36.88 17.72
C PRO A 133 -9.49 36.22 16.45
N LEU A 134 -9.47 34.90 16.39
CA LEU A 134 -8.81 34.19 15.31
C LEU A 134 -9.75 33.56 14.30
N PHE A 135 -10.77 32.82 14.75
CA PHE A 135 -11.54 31.98 13.85
C PHE A 135 -12.85 32.63 13.47
N VAL A 136 -13.25 32.39 12.22
CA VAL A 136 -14.59 32.67 11.71
C VAL A 136 -15.17 31.33 11.28
N ILE A 137 -16.49 31.28 11.15
CA ILE A 137 -17.20 30.05 10.82
C ILE A 137 -17.89 30.22 9.47
N ALA A 138 -17.87 29.14 8.69
CA ALA A 138 -18.61 29.08 7.42
C ALA A 138 -20.10 28.90 7.66
N THR A 139 -20.91 29.61 6.89
CA THR A 139 -22.35 29.44 6.94
C THR A 139 -22.88 28.67 5.74
N ARG A 140 -22.00 28.30 4.81
CA ARG A 140 -22.37 27.57 3.61
C ARG A 140 -21.34 26.47 3.38
N ARG A 141 -21.79 25.44 2.67
CA ARG A 141 -20.89 24.37 2.30
C ARG A 141 -19.91 24.85 1.22
N SER A 142 -18.95 23.98 0.87
CA SER A 142 -17.81 24.41 0.06
C SER A 142 -18.20 24.94 -1.32
N GLU A 143 -19.24 24.38 -1.94
CA GLU A 143 -19.63 24.87 -3.26
C GLU A 143 -20.22 26.28 -3.22
N GLU A 144 -20.78 26.70 -2.08
CA GLU A 144 -21.35 28.03 -1.97
C GLU A 144 -20.51 28.97 -1.10
N ILE A 145 -19.27 28.57 -0.78
CA ILE A 145 -18.47 29.28 0.22
C ILE A 145 -18.03 30.67 -0.27
N LEU A 146 -17.92 30.89 -1.58
CA LEU A 146 -17.50 32.19 -2.06
C LEU A 146 -18.69 33.09 -2.38
N GLY A 147 -19.88 32.65 -2.00
CA GLY A 147 -21.04 33.48 -2.01
C GLY A 147 -21.75 33.54 -3.34
N PRO A 148 -22.91 34.19 -3.34
CA PRO A 148 -23.72 34.24 -4.56
C PRO A 148 -22.96 34.78 -5.75
N ASP A 149 -22.23 35.89 -5.58
CA ASP A 149 -21.48 36.48 -6.70
C ASP A 149 -20.10 35.86 -6.88
N GLY A 150 -19.79 34.80 -6.14
CA GLY A 150 -18.48 34.19 -6.25
C GLY A 150 -17.34 34.99 -5.65
N ASN A 151 -17.63 36.12 -5.00
CA ASN A 151 -16.54 36.92 -4.48
C ASN A 151 -16.80 37.39 -3.05
N THR A 152 -17.65 36.68 -2.31
CA THR A 152 -18.10 37.10 -0.97
C THR A 152 -18.02 35.90 -0.05
N PRO A 153 -16.89 35.72 0.65
CA PRO A 153 -16.74 34.57 1.55
C PRO A 153 -17.89 34.47 2.55
N GLN A 154 -18.50 33.30 2.61
CA GLN A 154 -19.67 33.08 3.47
C GLN A 154 -19.25 32.66 4.88
N PHE A 155 -18.53 33.57 5.54
CA PHE A 155 -18.07 33.34 6.90
C PHE A 155 -18.60 34.45 7.80
N GLU A 156 -18.89 34.11 9.04
CA GLU A 156 -19.30 35.08 10.06
C GLU A 156 -18.36 35.06 11.25
N ASN A 157 -18.23 36.21 11.91
CA ASN A 157 -17.64 36.27 13.25
C ASN A 157 -18.45 35.47 14.25
N ILE A 158 -17.80 35.07 15.33
CA ILE A 158 -18.51 34.28 16.33
C ILE A 158 -17.77 34.39 17.65
N SER A 159 -18.52 34.26 18.72
CA SER A 159 -17.90 34.42 20.03
C SER A 159 -17.05 33.18 20.36
N ILE A 160 -16.18 33.34 21.36
CA ILE A 160 -15.33 32.24 21.78
C ILE A 160 -16.16 31.03 22.18
N TYR A 161 -17.22 31.24 22.95
CA TYR A 161 -17.98 30.08 23.39
C TYR A 161 -18.86 29.53 22.26
N ASN A 162 -19.40 30.38 21.40
CA ASN A 162 -20.23 29.86 20.32
C ASN A 162 -19.39 29.11 19.27
N TYR A 163 -18.11 29.45 19.13
CA TYR A 163 -17.21 28.64 18.31
C TYR A 163 -17.12 27.23 18.87
N PHE A 164 -16.98 27.11 20.19
CA PHE A 164 -17.01 25.83 20.89
C PHE A 164 -18.30 25.06 20.59
N VAL A 165 -19.44 25.75 20.57
CA VAL A 165 -20.71 25.09 20.20
C VAL A 165 -20.68 24.70 18.73
N TRP A 166 -20.22 25.61 17.88
CA TRP A 166 -20.28 25.38 16.44
C TRP A 166 -19.43 24.18 16.00
N THR A 167 -18.20 24.06 16.53
CA THR A 167 -17.35 22.97 16.04
C THR A 167 -17.97 21.62 16.39
N HIS A 168 -18.58 21.50 17.57
CA HIS A 168 -19.28 20.28 17.96
C HIS A 168 -20.44 20.02 17.01
N TYR A 169 -21.22 21.05 16.70
CA TYR A 169 -22.32 20.91 15.76
C TYR A 169 -21.83 20.39 14.41
N TYR A 170 -20.77 21.01 13.87
CA TYR A 170 -20.25 20.65 12.55
C TYR A 170 -19.77 19.21 12.52
N SER A 171 -19.23 18.72 13.63
CA SER A 171 -18.75 17.35 13.64
C SER A 171 -19.90 16.35 13.61
N VAL A 172 -21.12 16.77 13.97
CA VAL A 172 -22.25 15.86 14.06
C VAL A 172 -23.32 16.10 13.01
N LYS A 173 -23.28 17.22 12.29
CA LYS A 173 -24.32 17.53 11.32
C LYS A 173 -24.45 16.42 10.28
N LYS A 174 -25.64 16.28 9.71
CA LYS A 174 -25.88 15.26 8.69
C LYS A 174 -25.26 15.67 7.37
N THR A 175 -24.90 14.68 6.55
CA THR A 175 -24.43 14.95 5.22
C THR A 175 -25.60 15.39 4.34
N PHE A 176 -25.48 16.58 3.76
CA PHE A 176 -26.50 17.06 2.84
C PHE A 176 -26.35 16.44 1.46
N LEU A 177 -27.43 15.84 0.95
CA LEU A 177 -27.38 15.17 -0.36
C LEU A 177 -28.02 15.99 -1.48
N GLY A 178 -28.79 17.02 -1.15
CA GLY A 178 -29.38 17.88 -2.16
C GLY A 178 -30.79 18.28 -1.76
N VAL A 179 -31.25 19.42 -2.31
CA VAL A 179 -32.62 19.85 -2.06
C VAL A 179 -33.57 18.75 -2.51
N GLY A 180 -34.56 18.44 -1.66
CA GLY A 180 -35.49 17.38 -1.94
C GLY A 180 -35.05 16.01 -1.49
N GLN A 181 -33.79 15.84 -1.11
CA GLN A 181 -33.34 14.56 -0.61
C GLN A 181 -33.21 14.56 0.90
N GLU A 182 -33.36 13.39 1.49
CA GLU A 182 -33.18 13.24 2.93
C GLU A 182 -31.68 13.22 3.26
N SER A 183 -31.26 14.07 4.19
CA SER A 183 -29.84 14.12 4.56
C SER A 183 -29.46 12.82 5.25
N PHE A 184 -28.18 12.43 5.08
CA PHE A 184 -27.70 11.15 5.58
C PHE A 184 -27.12 11.32 6.98
N GLY A 185 -27.59 10.50 7.92
CA GLY A 185 -27.33 10.77 9.32
C GLY A 185 -26.60 9.72 10.11
N GLU A 186 -26.23 8.62 9.47
CA GLU A 186 -25.42 7.60 10.16
C GLU A 186 -23.93 7.90 9.93
N VAL A 187 -23.58 9.10 10.37
CA VAL A 187 -22.23 9.65 10.31
C VAL A 187 -22.07 10.57 11.51
N ASP A 188 -20.88 10.58 12.10
CA ASP A 188 -20.61 11.39 13.28
C ASP A 188 -19.12 11.41 13.51
N PHE A 189 -18.47 12.54 13.23
CA PHE A 189 -17.02 12.63 13.28
C PHE A 189 -16.46 12.77 14.69
N SER A 190 -17.33 12.78 15.70
CA SER A 190 -16.86 12.99 17.07
C SER A 190 -17.54 12.10 18.08
N HIS A 191 -18.48 11.25 17.67
CA HIS A 191 -19.14 10.33 18.59
C HIS A 191 -19.19 8.95 17.96
N GLU A 192 -19.42 7.94 18.80
CA GLU A 192 -19.66 6.58 18.32
C GLU A 192 -18.47 6.08 17.50
N GLY A 193 -17.29 6.21 18.08
CA GLY A 193 -16.10 5.74 17.46
C GLY A 193 -14.92 6.17 18.30
N PRO A 194 -13.75 5.63 17.97
CA PRO A 194 -12.54 5.88 18.78
C PRO A 194 -12.19 7.35 18.96
N ALA A 195 -12.57 8.21 18.01
CA ALA A 195 -12.16 9.60 18.10
C ALA A 195 -12.93 10.36 19.18
N PHE A 196 -13.92 9.73 19.81
CA PHE A 196 -14.77 10.42 20.78
C PHE A 196 -13.96 11.10 21.89
N LEU A 197 -12.98 10.40 22.47
CA LEU A 197 -12.31 10.98 23.63
C LEU A 197 -11.26 12.01 23.22
N THR A 198 -10.53 11.74 22.14
CA THR A 198 -9.49 12.68 21.69
C THR A 198 -10.11 13.92 21.07
N TRP A 199 -11.22 13.76 20.35
CA TRP A 199 -11.93 14.91 19.82
C TRP A 199 -12.36 15.85 20.95
N HIS A 200 -13.05 15.32 21.95
CA HIS A 200 -13.52 16.16 23.04
C HIS A 200 -12.37 16.68 23.89
N ARG A 201 -11.24 15.96 23.90
CA ARG A 201 -10.07 16.46 24.60
C ARG A 201 -9.54 17.74 23.96
N TYR A 202 -9.38 17.74 22.64
CA TYR A 202 -8.90 18.96 21.99
C TYR A 202 -9.94 20.06 22.08
N HIS A 203 -11.22 19.72 21.93
CA HIS A 203 -12.34 20.66 22.12
C HIS A 203 -12.17 21.49 23.40
N LEU A 204 -11.94 20.81 24.53
CA LEU A 204 -11.73 21.52 25.79
C LEU A 204 -10.43 22.31 25.79
N LEU A 205 -9.35 21.69 25.32
CA LEU A 205 -8.04 22.34 25.30
C LEU A 205 -8.10 23.65 24.53
N ARG A 206 -8.85 23.67 23.43
CA ARG A 206 -8.98 24.87 22.61
C ARG A 206 -9.80 25.95 23.32
N LEU A 207 -10.89 25.57 24.00
CA LEU A 207 -11.67 26.53 24.76
C LEU A 207 -10.84 27.11 25.92
N GLU A 208 -10.11 26.25 26.62
CA GLU A 208 -9.29 26.69 27.76
C GLU A 208 -8.26 27.71 27.32
N LYS A 209 -7.54 27.43 26.20
CA LYS A 209 -6.56 28.36 25.65
C LYS A 209 -7.20 29.66 25.19
N ASP A 210 -8.35 29.60 24.53
CA ASP A 210 -8.99 30.85 24.09
C ASP A 210 -9.40 31.69 25.30
N MET A 211 -9.85 31.05 26.39
CA MET A 211 -10.26 31.81 27.56
C MET A 211 -9.05 32.37 28.30
N GLN A 212 -7.92 31.63 28.33
CA GLN A 212 -6.68 32.15 28.89
C GLN A 212 -6.27 33.47 28.21
N GLU A 213 -6.26 33.46 26.86
CA GLU A 213 -5.97 34.66 26.08
C GLU A 213 -6.99 35.73 26.34
N MET A 214 -8.26 35.32 26.39
CA MET A 214 -9.33 36.28 26.59
C MET A 214 -9.19 36.98 27.95
N LEU A 215 -8.84 36.22 29.00
CA LEU A 215 -8.68 36.76 30.35
C LEU A 215 -7.28 37.29 30.61
N GLN A 216 -6.34 37.08 29.70
CA GLN A 216 -4.90 37.23 29.95
C GLN A 216 -4.52 36.65 31.31
N GLU A 217 -4.92 35.38 31.52
CA GLU A 217 -4.56 34.58 32.70
C GLU A 217 -4.03 33.25 32.18
N PRO A 218 -2.72 33.15 31.98
CA PRO A 218 -2.18 31.91 31.40
C PRO A 218 -2.47 30.67 32.25
N SER A 219 -2.69 30.83 33.54
CA SER A 219 -2.91 29.65 34.38
C SER A 219 -4.39 29.31 34.53
N PHE A 220 -5.29 30.08 33.93
CA PHE A 220 -6.70 29.77 34.00
C PHE A 220 -6.96 28.33 33.53
N SER A 221 -7.74 27.60 34.30
CA SER A 221 -8.01 26.22 33.96
C SER A 221 -9.50 25.96 34.06
N LEU A 222 -9.96 24.95 33.33
CA LEU A 222 -11.37 24.62 33.40
C LEU A 222 -11.65 23.59 34.50
N PRO A 223 -12.62 23.83 35.38
CA PRO A 223 -12.92 22.86 36.44
C PRO A 223 -13.71 21.69 35.87
N TYR A 224 -14.03 20.74 36.74
CA TYR A 224 -14.82 19.60 36.30
C TYR A 224 -16.02 19.35 37.21
N TRP A 225 -16.95 18.58 36.68
CA TRP A 225 -18.14 18.16 37.42
C TRP A 225 -18.08 16.64 37.60
N ASN A 226 -17.89 16.19 38.82
CA ASN A 226 -18.01 14.76 39.04
C ASN A 226 -19.49 14.38 39.03
N PHE A 227 -19.99 13.97 37.88
CA PHE A 227 -21.38 13.55 37.78
C PHE A 227 -21.59 12.11 38.22
N ALA A 228 -20.53 11.41 38.61
CA ALA A 228 -20.64 10.00 38.99
C ALA A 228 -20.86 9.86 40.50
N THR A 229 -22.01 10.37 40.93
CA THR A 229 -22.39 10.41 42.33
C THR A 229 -23.65 9.61 42.64
N GLY A 230 -24.36 9.13 41.64
CA GLY A 230 -25.60 8.45 41.90
C GLY A 230 -26.73 9.36 42.31
N LYS A 231 -26.59 10.67 42.15
CA LYS A 231 -27.58 11.59 42.67
C LYS A 231 -28.78 11.72 41.73
N ASN A 232 -29.90 12.09 42.34
CA ASN A 232 -31.19 12.40 41.75
C ASN A 232 -31.25 13.81 41.19
N VAL A 233 -30.28 14.64 41.57
CA VAL A 233 -30.26 16.07 41.31
C VAL A 233 -28.91 16.43 40.69
N CYS A 234 -28.84 17.64 40.13
CA CYS A 234 -27.61 18.18 39.57
C CYS A 234 -27.01 19.08 40.65
N ASP A 235 -25.96 18.60 41.32
CA ASP A 235 -25.44 19.37 42.46
C ASP A 235 -24.65 20.61 42.05
N ILE A 236 -24.43 20.85 40.75
CA ILE A 236 -23.84 22.12 40.31
C ILE A 236 -24.88 23.07 39.76
N CYS A 237 -26.17 22.73 39.86
CA CYS A 237 -27.22 23.60 39.33
C CYS A 237 -27.74 24.52 40.44
N THR A 238 -26.86 25.43 40.86
CA THR A 238 -27.15 26.47 41.84
C THR A 238 -26.78 27.82 41.24
N ASP A 239 -27.34 28.88 41.82
CA ASP A 239 -27.23 30.19 41.17
C ASP A 239 -25.85 30.81 41.30
N ASP A 240 -24.99 30.32 42.19
CA ASP A 240 -23.62 30.79 42.18
C ASP A 240 -22.74 30.02 41.18
N LEU A 241 -23.29 29.03 40.49
CA LEU A 241 -22.57 28.35 39.41
C LEU A 241 -23.45 27.46 38.56
N MET A 242 -23.74 27.86 37.33
CA MET A 242 -24.41 27.06 36.29
C MET A 242 -25.92 27.22 36.34
N GLY A 243 -26.48 27.58 37.50
CA GLY A 243 -27.86 28.02 37.55
C GLY A 243 -28.86 26.99 38.02
N SER A 244 -29.75 27.38 38.91
CA SER A 244 -30.75 26.46 39.38
C SER A 244 -32.02 26.54 38.51
N ARG A 245 -33.00 25.73 38.85
CA ARG A 245 -34.23 25.71 38.09
C ARG A 245 -35.07 26.98 38.32
N SER A 246 -35.65 27.49 37.24
CA SER A 246 -36.53 28.64 37.33
C SER A 246 -37.83 28.27 38.03
N ASN A 247 -38.26 29.11 38.97
CA ASN A 247 -39.52 28.91 39.64
C ASN A 247 -40.70 29.32 38.78
N PHE A 248 -40.44 29.91 37.59
CA PHE A 248 -41.49 30.34 36.67
C PHE A 248 -41.66 29.44 35.44
N ASP A 249 -40.72 28.54 35.20
CA ASP A 249 -40.81 27.58 34.10
C ASP A 249 -39.83 26.48 34.44
N SER A 250 -40.33 25.27 34.72
CA SER A 250 -39.47 24.19 35.18
C SER A 250 -38.36 23.81 34.20
N THR A 251 -38.42 24.27 32.95
CA THR A 251 -37.42 23.92 31.94
C THR A 251 -36.46 25.06 31.63
N LEU A 252 -36.60 26.19 32.31
CA LEU A 252 -35.68 27.30 32.13
C LEU A 252 -34.72 27.37 33.31
N ILE A 253 -33.70 28.21 33.16
CA ILE A 253 -32.72 28.46 34.20
C ILE A 253 -33.17 29.66 35.04
N SER A 254 -32.89 29.60 36.33
CA SER A 254 -33.25 30.67 37.25
C SER A 254 -32.82 32.04 36.71
N PRO A 255 -33.69 33.05 36.77
CA PRO A 255 -33.28 34.42 36.35
C PRO A 255 -32.18 35.01 37.19
N ASN A 256 -31.84 34.40 38.32
CA ASN A 256 -30.74 34.88 39.15
C ASN A 256 -29.39 34.31 38.73
N SER A 257 -29.33 33.58 37.60
CA SER A 257 -28.07 33.13 36.99
C SER A 257 -27.89 33.83 35.64
N VAL A 258 -26.66 34.23 35.32
CA VAL A 258 -26.41 34.83 34.00
C VAL A 258 -26.73 33.85 32.88
N PHE A 259 -26.70 32.55 33.17
CA PHE A 259 -26.94 31.59 32.10
C PHE A 259 -28.37 31.60 31.62
N SER A 260 -29.30 32.19 32.38
CA SER A 260 -30.66 32.37 31.89
C SER A 260 -30.72 33.42 30.79
N GLN A 261 -29.68 34.22 30.64
CA GLN A 261 -29.61 35.22 29.59
C GLN A 261 -29.03 34.66 28.29
N TRP A 262 -28.37 33.50 28.34
CA TRP A 262 -27.76 32.96 27.13
C TRP A 262 -28.82 32.58 26.11
N ARG A 263 -28.53 32.82 24.82
CA ARG A 263 -29.34 32.34 23.72
C ARG A 263 -28.53 31.39 22.84
N VAL A 264 -29.16 30.32 22.34
CA VAL A 264 -28.41 29.21 21.72
C VAL A 264 -28.15 29.47 20.24
N VAL A 265 -27.06 28.87 19.73
CA VAL A 265 -26.79 28.81 18.30
C VAL A 265 -27.05 27.38 17.83
N CYS A 266 -27.31 27.25 16.53
CA CYS A 266 -27.43 25.98 15.79
C CYS A 266 -28.76 25.26 16.03
N ASP A 267 -29.83 25.94 16.45
CA ASP A 267 -31.09 25.27 16.71
C ASP A 267 -32.04 25.32 15.52
N SER A 268 -31.52 25.34 14.30
CA SER A 268 -32.40 25.34 13.13
C SER A 268 -32.11 24.17 12.20
N LEU A 269 -32.13 22.94 12.75
CA LEU A 269 -31.81 21.77 11.93
C LEU A 269 -32.73 21.69 10.74
N GLU A 270 -33.97 22.14 10.89
CA GLU A 270 -34.93 22.13 9.78
C GLU A 270 -34.42 22.92 8.58
N ASP A 271 -33.73 24.04 8.82
CA ASP A 271 -33.17 24.80 7.71
C ASP A 271 -31.92 24.15 7.12
N TYR A 272 -30.98 23.75 7.99
CA TYR A 272 -29.70 23.21 7.50
C TYR A 272 -29.93 21.96 6.67
N ASP A 273 -30.82 21.10 7.14
CA ASP A 273 -30.98 19.79 6.55
C ASP A 273 -31.95 19.79 5.37
N THR A 274 -32.61 20.91 5.09
CA THR A 274 -33.39 20.99 3.87
C THR A 274 -32.83 21.95 2.83
N LEU A 275 -32.13 23.01 3.26
CA LEU A 275 -31.51 23.98 2.37
C LEU A 275 -30.02 23.73 2.12
N GLY A 276 -29.36 22.88 2.88
CA GLY A 276 -27.93 22.70 2.71
C GLY A 276 -27.06 23.82 3.27
N THR A 277 -27.59 24.67 4.16
CA THR A 277 -26.83 25.70 4.85
C THR A 277 -26.16 25.10 6.08
N LEU A 278 -25.41 25.94 6.81
CA LEU A 278 -24.74 25.58 8.05
C LEU A 278 -25.17 26.52 9.15
N CYS A 279 -25.10 26.02 10.40
CA CYS A 279 -25.30 26.84 11.58
C CYS A 279 -24.49 28.12 11.48
N ASN A 280 -25.14 29.26 11.69
CA ASN A 280 -24.44 30.54 11.69
C ASN A 280 -24.46 31.13 13.11
N SER A 281 -23.99 32.37 13.24
CA SER A 281 -23.76 33.00 14.53
C SER A 281 -24.98 33.68 15.14
N THR A 282 -26.12 33.68 14.44
CA THR A 282 -27.34 34.29 14.99
C THR A 282 -27.90 33.39 16.07
N GLU A 283 -28.12 33.94 17.25
CA GLU A 283 -28.64 33.16 18.36
C GLU A 283 -30.17 33.16 18.37
N ASP A 284 -30.75 32.19 19.08
CA ASP A 284 -32.20 32.09 19.08
C ASP A 284 -32.78 31.98 20.49
N GLY A 285 -33.23 30.79 20.89
CA GLY A 285 -33.96 30.63 22.13
C GLY A 285 -33.08 30.45 23.36
N PRO A 286 -33.70 30.27 24.52
CA PRO A 286 -32.92 30.09 25.75
C PRO A 286 -32.45 28.65 25.92
N ILE A 287 -31.53 28.47 26.87
CA ILE A 287 -31.19 27.12 27.30
C ILE A 287 -32.40 26.47 27.94
N ARG A 288 -32.70 25.24 27.54
CA ARG A 288 -33.67 24.40 28.23
C ARG A 288 -32.89 23.39 29.07
N ARG A 289 -33.31 23.20 30.33
CA ARG A 289 -32.66 22.26 31.23
C ARG A 289 -33.66 21.81 32.27
N ASN A 290 -33.74 20.51 32.53
CA ASN A 290 -34.70 19.95 33.48
C ASN A 290 -34.13 18.70 34.13
N PRO A 291 -33.15 18.86 35.01
CA PRO A 291 -32.42 17.69 35.52
C PRO A 291 -33.36 16.66 36.14
N ALA A 292 -33.13 15.39 35.80
CA ALA A 292 -33.98 14.27 36.18
C ALA A 292 -35.41 14.39 35.65
N GLY A 293 -35.67 15.29 34.71
CA GLY A 293 -37.04 15.56 34.31
C GLY A 293 -37.66 14.63 33.29
N ASN A 294 -36.94 13.60 32.82
CA ASN A 294 -37.45 12.74 31.73
C ASN A 294 -38.25 11.59 32.33
N VAL A 295 -39.50 11.90 32.70
CA VAL A 295 -40.35 10.88 33.33
C VAL A 295 -40.68 9.74 32.34
N ALA A 296 -40.67 10.05 31.04
CA ALA A 296 -40.92 9.05 30.01
C ALA A 296 -39.82 8.01 29.95
N ARG A 297 -38.73 8.20 30.67
CA ARG A 297 -37.54 7.37 30.50
C ARG A 297 -36.81 7.26 31.84
N PRO A 298 -37.30 6.39 32.73
CA PRO A 298 -36.75 6.37 34.09
C PRO A 298 -35.26 6.07 34.20
N MET A 299 -34.63 5.45 33.20
CA MET A 299 -33.22 5.14 33.37
C MET A 299 -32.32 6.36 33.17
N VAL A 300 -32.83 7.46 32.60
CA VAL A 300 -32.04 8.68 32.55
C VAL A 300 -32.50 9.69 33.61
N GLN A 301 -33.08 9.20 34.70
CA GLN A 301 -33.48 10.10 35.78
C GLN A 301 -32.55 10.01 36.99
N ARG A 302 -31.46 9.27 36.88
CA ARG A 302 -30.42 9.19 37.90
C ARG A 302 -29.03 9.13 37.26
N LEU A 303 -28.12 9.90 37.81
CA LEU A 303 -26.75 9.98 37.32
C LEU A 303 -26.00 8.67 37.60
N PRO A 304 -24.85 8.45 36.94
CA PRO A 304 -24.05 7.24 37.19
C PRO A 304 -23.62 7.10 38.65
N GLU A 305 -23.42 5.85 39.07
CA GLU A 305 -22.91 5.52 40.40
C GLU A 305 -21.38 5.59 40.43
N PRO A 306 -20.80 5.93 41.58
CA PRO A 306 -19.33 6.00 41.66
C PRO A 306 -18.62 4.71 41.23
N GLN A 307 -19.20 3.53 41.45
CA GLN A 307 -18.55 2.32 40.97
C GLN A 307 -18.66 2.13 39.46
N ASP A 308 -19.48 2.92 38.78
CA ASP A 308 -19.44 2.87 37.31
C ASP A 308 -18.12 3.40 36.78
N VAL A 309 -17.60 4.46 37.39
CA VAL A 309 -16.32 4.99 36.99
C VAL A 309 -15.20 4.01 37.33
N ALA A 310 -15.25 3.40 38.51
CA ALA A 310 -14.19 2.46 38.87
C ALA A 310 -14.23 1.23 37.97
N GLN A 311 -15.42 0.82 37.52
CA GLN A 311 -15.51 -0.37 36.68
C GLN A 311 -15.04 -0.09 35.26
N CYS A 312 -15.38 1.07 34.70
CA CYS A 312 -14.98 1.33 33.33
C CYS A 312 -13.47 1.48 33.22
N LEU A 313 -12.82 1.99 34.28
CA LEU A 313 -11.37 2.06 34.34
C LEU A 313 -10.69 0.68 34.50
N GLU A 314 -11.44 -0.42 34.59
CA GLU A 314 -10.78 -1.72 34.56
C GLU A 314 -10.70 -2.26 33.13
N VAL A 315 -11.43 -1.66 32.20
CA VAL A 315 -11.41 -2.07 30.81
C VAL A 315 -10.09 -1.58 30.20
N GLY A 316 -9.21 -2.51 29.87
CA GLY A 316 -7.83 -2.21 29.53
C GLY A 316 -7.54 -1.99 28.07
N LEU A 317 -8.45 -2.34 27.17
CA LEU A 317 -8.28 -2.04 25.75
C LEU A 317 -9.04 -0.76 25.40
N PHE A 318 -8.36 0.16 24.72
CA PHE A 318 -8.98 1.44 24.39
C PHE A 318 -10.26 1.25 23.56
N ASP A 319 -10.19 0.44 22.50
CA ASP A 319 -11.37 0.17 21.68
C ASP A 319 -11.29 -1.25 21.12
N THR A 320 -12.41 -1.71 20.56
CA THR A 320 -12.55 -3.04 19.99
C THR A 320 -13.41 -2.94 18.75
N PRO A 321 -13.18 -3.84 17.75
CA PRO A 321 -14.09 -3.91 16.59
C PRO A 321 -15.52 -4.15 17.02
N PRO A 322 -16.48 -3.57 16.31
CA PRO A 322 -16.27 -2.78 15.09
C PRO A 322 -16.00 -1.28 15.29
N PHE A 323 -15.45 -0.89 16.44
CA PHE A 323 -15.07 0.51 16.71
C PHE A 323 -16.26 1.47 16.56
N TYR A 324 -17.37 1.12 17.18
CA TYR A 324 -18.64 1.81 16.97
C TYR A 324 -19.41 1.78 18.29
N SER A 325 -20.67 2.22 18.26
CA SER A 325 -21.47 2.29 19.47
C SER A 325 -21.87 0.92 20.01
N ASN A 326 -21.64 -0.16 19.25
CA ASN A 326 -21.93 -1.51 19.72
C ASN A 326 -20.69 -2.34 20.04
N SER A 327 -19.54 -1.70 20.25
CA SER A 327 -18.35 -2.45 20.67
C SER A 327 -18.51 -2.98 22.10
N THR A 328 -17.95 -4.15 22.36
CA THR A 328 -17.94 -4.71 23.70
C THR A 328 -16.52 -4.70 24.26
N ASN A 329 -16.43 -4.53 25.57
CA ASN A 329 -15.15 -4.48 26.27
C ASN A 329 -14.24 -3.39 25.72
N SER A 330 -14.84 -2.29 25.27
CA SER A 330 -14.13 -1.14 24.76
C SER A 330 -14.15 -0.05 25.83
N PHE A 331 -12.98 0.38 26.30
CA PHE A 331 -12.95 1.48 27.25
C PHE A 331 -13.62 2.72 26.67
N ARG A 332 -13.35 3.03 25.40
CA ARG A 332 -13.97 4.19 24.77
C ARG A 332 -15.49 4.08 24.80
N ASN A 333 -16.02 2.92 24.40
CA ASN A 333 -17.47 2.76 24.34
C ASN A 333 -18.09 2.73 25.73
N THR A 334 -17.32 2.32 26.72
CA THR A 334 -17.83 2.23 28.09
C THR A 334 -17.95 3.61 28.71
N VAL A 335 -16.88 4.41 28.63
CA VAL A 335 -16.93 5.76 29.19
C VAL A 335 -17.81 6.67 28.33
N GLU A 336 -17.86 6.49 27.01
CA GLU A 336 -18.84 7.23 26.23
C GLU A 336 -20.27 6.89 26.68
N GLY A 337 -20.50 5.64 27.02
CA GLY A 337 -21.74 5.24 27.66
C GLY A 337 -22.70 4.37 26.86
N PHE A 338 -22.24 3.71 25.80
CA PHE A 338 -23.11 2.79 25.08
C PHE A 338 -23.06 1.37 25.65
N SER A 339 -22.01 1.05 26.42
CA SER A 339 -21.87 -0.19 27.18
C SER A 339 -22.19 0.07 28.64
N ASP A 340 -22.45 -1.02 29.36
CA ASP A 340 -22.52 -0.92 30.80
C ASP A 340 -21.10 -0.76 31.35
N PRO A 341 -20.96 -0.34 32.60
CA PRO A 341 -19.61 -0.01 33.10
C PRO A 341 -18.61 -1.16 33.06
N THR A 342 -19.06 -2.41 32.94
CA THR A 342 -18.19 -3.58 32.84
C THR A 342 -17.70 -3.86 31.43
N GLY A 343 -18.31 -3.24 30.41
CA GLY A 343 -17.93 -3.43 29.02
C GLY A 343 -18.94 -4.17 28.18
N LYS A 344 -20.06 -4.61 28.75
CA LYS A 344 -21.05 -5.36 27.98
C LYS A 344 -21.98 -4.38 27.25
N TYR A 345 -22.16 -4.61 25.97
CA TYR A 345 -23.03 -3.77 25.17
C TYR A 345 -24.48 -4.21 25.34
N ASP A 346 -25.37 -3.23 25.40
CA ASP A 346 -26.82 -3.38 25.50
C ASP A 346 -27.47 -2.15 24.89
N PRO A 347 -28.27 -2.33 23.82
CA PRO A 347 -28.86 -1.15 23.16
C PRO A 347 -29.77 -0.35 24.06
N ALA A 348 -30.23 -0.90 25.18
CA ALA A 348 -31.19 -0.20 26.02
C ALA A 348 -30.56 0.60 27.15
N VAL A 349 -29.25 0.45 27.38
CA VAL A 349 -28.62 1.06 28.54
C VAL A 349 -27.93 2.36 28.14
N SER A 350 -28.05 3.36 28.99
CA SER A 350 -27.28 4.59 28.92
C SER A 350 -26.45 4.65 30.18
N SER A 351 -25.15 4.87 30.06
CA SER A 351 -24.34 5.03 31.25
C SER A 351 -23.29 6.12 31.05
N LEU A 352 -22.57 6.41 32.13
CA LEU A 352 -21.51 7.41 32.22
C LEU A 352 -21.81 8.64 31.36
N HIS A 353 -20.99 8.92 30.34
CA HIS A 353 -21.09 10.19 29.63
C HIS A 353 -22.47 10.38 28.96
N ASN A 354 -22.96 9.34 28.28
CA ASN A 354 -24.26 9.50 27.62
C ASN A 354 -25.35 9.79 28.65
N LEU A 355 -25.30 9.08 29.79
CA LEU A 355 -26.29 9.23 30.84
C LEU A 355 -26.28 10.65 31.40
N ALA A 356 -25.08 11.21 31.64
CA ALA A 356 -25.00 12.56 32.17
C ALA A 356 -25.70 13.57 31.26
N HIS A 357 -25.54 13.42 29.93
CA HIS A 357 -26.21 14.32 28.99
C HIS A 357 -27.71 14.17 29.10
N LEU A 358 -28.20 12.93 29.04
CA LEU A 358 -29.63 12.67 29.01
C LEU A 358 -30.29 13.03 30.33
N PHE A 359 -29.53 12.96 31.43
CA PHE A 359 -30.03 13.38 32.73
C PHE A 359 -30.52 14.82 32.73
N LEU A 360 -29.91 15.67 31.90
CA LEU A 360 -30.26 17.08 31.86
C LEU A 360 -31.62 17.32 31.21
N ASN A 361 -32.10 16.36 30.42
CA ASN A 361 -33.43 16.43 29.80
C ASN A 361 -33.68 17.82 29.22
N GLY A 362 -32.86 18.19 28.26
CA GLY A 362 -32.96 19.51 27.65
C GLY A 362 -31.90 19.77 26.60
N THR A 363 -31.55 21.05 26.43
CA THR A 363 -30.51 21.42 25.48
C THR A 363 -29.25 20.59 25.67
N GLY A 364 -28.82 20.37 26.91
CA GLY A 364 -27.62 19.59 27.14
C GLY A 364 -27.72 18.14 26.71
N GLY A 365 -28.92 17.64 26.42
CA GLY A 365 -29.06 16.26 26.00
C GLY A 365 -29.49 16.06 24.56
N GLN A 366 -29.29 17.08 23.72
CA GLN A 366 -29.52 17.00 22.28
C GLN A 366 -28.18 17.20 21.60
N VAL A 367 -27.83 16.31 20.65
CA VAL A 367 -26.45 16.19 20.22
C VAL A 367 -26.03 17.42 19.38
N HIS A 368 -26.94 17.94 18.58
CA HIS A 368 -26.59 19.14 17.80
C HIS A 368 -26.55 20.41 18.65
N LEU A 369 -27.04 20.39 19.89
CA LEU A 369 -27.11 21.60 20.71
C LEU A 369 -26.33 21.55 22.01
N SER A 370 -25.89 20.37 22.46
CA SER A 370 -25.54 20.23 23.88
C SER A 370 -24.46 21.19 24.41
N PRO A 371 -23.42 21.59 23.66
CA PRO A 371 -22.47 22.57 24.24
C PRO A 371 -23.09 23.93 24.55
N ASN A 372 -24.27 24.24 24.00
CA ASN A 372 -24.97 25.48 24.39
C ASN A 372 -25.23 25.55 25.90
N ASP A 373 -25.41 24.40 26.56
CA ASP A 373 -25.55 24.41 28.00
C ASP A 373 -24.16 24.32 28.62
N PRO A 374 -23.69 25.33 29.34
CA PRO A 374 -22.29 25.33 29.81
C PRO A 374 -21.95 24.18 30.77
N ILE A 375 -22.94 23.47 31.31
CA ILE A 375 -22.63 22.23 32.03
C ILE A 375 -21.83 21.27 31.14
N PHE A 376 -22.01 21.39 29.81
CA PHE A 376 -21.24 20.58 28.87
C PHE A 376 -19.74 20.64 29.16
N VAL A 377 -19.20 21.84 29.36
CA VAL A 377 -17.78 22.00 29.69
C VAL A 377 -17.39 21.10 30.86
N LEU A 378 -18.15 21.18 31.95
CA LEU A 378 -17.78 20.47 33.18
C LEU A 378 -17.99 18.98 33.04
N LEU A 379 -19.06 18.60 32.35
CA LEU A 379 -19.30 17.19 32.04
C LEU A 379 -18.11 16.59 31.28
N HIS A 380 -17.58 17.32 30.30
CA HIS A 380 -16.54 16.76 29.47
C HIS A 380 -15.14 16.89 30.07
N THR A 381 -14.89 17.85 30.97
CA THR A 381 -13.62 17.78 31.67
C THR A 381 -13.57 16.58 32.61
N PHE A 382 -14.71 16.20 33.20
CA PHE A 382 -14.67 15.01 34.03
C PHE A 382 -14.45 13.77 33.17
N THR A 383 -15.16 13.68 32.05
CA THR A 383 -14.94 12.59 31.11
C THR A 383 -13.49 12.56 30.66
N ASP A 384 -12.89 13.72 30.44
CA ASP A 384 -11.49 13.78 30.06
C ASP A 384 -10.57 13.33 31.19
N ALA A 385 -10.96 13.55 32.45
CA ALA A 385 -10.14 13.10 33.56
C ALA A 385 -10.11 11.58 33.65
N VAL A 386 -11.26 10.94 33.43
CA VAL A 386 -11.32 9.49 33.33
C VAL A 386 -10.42 8.98 32.20
N PHE A 387 -10.52 9.62 31.04
CA PHE A 387 -9.64 9.25 29.94
C PHE A 387 -8.19 9.37 30.35
N ASP A 388 -7.83 10.50 30.99
CA ASP A 388 -6.44 10.69 31.34
C ASP A 388 -5.98 9.65 32.35
N GLU A 389 -6.85 9.29 33.30
CA GLU A 389 -6.48 8.27 34.28
C GLU A 389 -6.28 6.92 33.60
N TRP A 390 -7.13 6.60 32.62
CA TRP A 390 -6.91 5.42 31.80
C TRP A 390 -5.56 5.47 31.07
N LEU A 391 -5.22 6.64 30.52
CA LEU A 391 -3.95 6.78 29.80
C LEU A 391 -2.79 6.44 30.73
N ARG A 392 -2.87 6.90 31.98
CA ARG A 392 -1.78 6.64 32.90
C ARG A 392 -1.75 5.17 33.31
N ARG A 393 -2.92 4.55 33.47
CA ARG A 393 -2.95 3.20 34.02
C ARG A 393 -2.51 2.15 33.02
N TYR A 394 -2.74 2.38 31.73
CA TYR A 394 -2.42 1.40 30.70
C TYR A 394 -1.35 1.92 29.76
N ASN A 395 -0.51 2.83 30.26
CA ASN A 395 0.62 3.41 29.51
C ASN A 395 0.23 3.85 28.11
N ALA A 396 -0.89 4.56 28.04
CA ALA A 396 -1.34 5.25 26.84
C ALA A 396 -1.26 4.34 25.62
N ASP A 397 -1.75 3.11 25.77
CA ASP A 397 -1.57 2.12 24.72
C ASP A 397 -2.52 2.43 23.56
N ILE A 398 -1.96 2.97 22.48
CA ILE A 398 -2.75 3.37 21.32
C ILE A 398 -2.91 2.25 20.30
N SER A 399 -2.40 1.04 20.59
CA SER A 399 -2.39 -0.01 19.58
C SER A 399 -3.81 -0.40 19.14
N THR A 400 -4.80 -0.29 20.04
CA THR A 400 -6.17 -0.64 19.66
C THR A 400 -6.94 0.52 19.02
N PHE A 401 -6.39 1.72 19.00
CA PHE A 401 -7.04 2.80 18.25
C PHE A 401 -6.84 2.51 16.77
N PRO A 402 -7.88 2.12 16.04
CA PRO A 402 -7.65 1.57 14.69
C PRO A 402 -7.10 2.60 13.74
N LEU A 403 -6.28 2.11 12.81
CA LEU A 403 -5.78 2.93 11.71
C LEU A 403 -6.72 2.92 10.51
N GLU A 404 -7.50 1.85 10.35
CA GLU A 404 -8.40 1.67 9.22
C GLU A 404 -9.72 1.11 9.70
N ASN A 405 -10.73 1.28 8.85
CA ASN A 405 -12.06 0.69 8.99
C ASN A 405 -12.85 1.21 10.18
N ALA A 406 -12.37 2.25 10.85
CA ALA A 406 -13.21 2.94 11.82
C ALA A 406 -14.29 3.71 11.05
N PRO A 407 -15.38 4.09 11.71
CA PRO A 407 -16.35 4.98 11.06
C PRO A 407 -15.64 6.24 10.56
N ILE A 408 -16.20 6.85 9.51
CA ILE A 408 -15.46 7.94 8.88
C ILE A 408 -15.25 9.06 9.88
N GLY A 409 -14.02 9.58 9.91
CA GLY A 409 -13.59 10.57 10.86
C GLY A 409 -12.89 10.00 12.04
N HIS A 410 -12.93 8.69 12.22
CA HIS A 410 -12.41 8.06 13.42
C HIS A 410 -11.13 7.26 13.19
N ASN A 411 -10.60 7.20 11.97
CA ASN A 411 -9.30 6.59 11.81
C ASN A 411 -8.27 7.35 12.63
N ARG A 412 -7.25 6.63 13.10
CA ARG A 412 -6.33 7.21 14.07
C ARG A 412 -5.66 8.46 13.53
N GLN A 413 -5.29 8.45 12.25
CA GLN A 413 -4.57 9.57 11.67
C GLN A 413 -5.50 10.60 11.06
N TYR A 414 -6.80 10.46 11.26
CA TYR A 414 -7.72 11.50 10.82
C TYR A 414 -7.44 12.81 11.56
N ASN A 415 -7.42 13.91 10.82
CA ASN A 415 -7.42 15.22 11.45
C ASN A 415 -8.81 15.48 12.03
N MET A 416 -8.88 15.68 13.34
CA MET A 416 -10.18 15.80 14.02
C MET A 416 -10.97 17.00 13.47
N VAL A 417 -12.20 16.75 13.04
CA VAL A 417 -13.02 17.73 12.29
C VAL A 417 -13.88 18.58 13.19
N PRO A 418 -13.90 19.93 13.00
CA PRO A 418 -13.18 20.76 12.02
C PRO A 418 -12.06 21.59 12.64
N PHE A 419 -11.20 20.99 13.46
CA PHE A 419 -10.26 21.79 14.25
C PHE A 419 -9.13 22.33 13.39
N TRP A 420 -8.62 23.50 13.79
CA TRP A 420 -7.58 24.20 13.06
C TRP A 420 -6.50 24.69 14.03
N PRO A 421 -5.21 24.55 13.64
CA PRO A 421 -4.72 23.86 12.43
C PRO A 421 -4.99 22.36 12.53
N PRO A 422 -4.80 21.63 11.44
CA PRO A 422 -5.06 20.18 11.47
C PRO A 422 -4.31 19.49 12.60
N VAL A 423 -5.05 18.65 13.33
CA VAL A 423 -4.54 17.90 14.46
C VAL A 423 -5.19 16.51 14.49
N THR A 424 -4.36 15.48 14.63
CA THR A 424 -4.81 14.09 14.55
C THR A 424 -5.21 13.59 15.93
N ASN A 425 -5.98 12.49 15.96
CA ASN A 425 -6.27 11.83 17.22
C ASN A 425 -4.99 11.46 17.95
N THR A 426 -3.96 11.03 17.21
CA THR A 426 -2.70 10.60 17.82
C THR A 426 -2.10 11.68 18.71
N GLU A 427 -2.16 12.95 18.28
CA GLU A 427 -1.56 14.04 19.04
C GLU A 427 -2.24 14.26 20.39
N MET A 428 -3.49 13.79 20.56
CA MET A 428 -4.19 13.93 21.83
C MET A 428 -4.09 12.69 22.71
N PHE A 429 -3.61 11.58 22.16
CA PHE A 429 -3.55 10.30 22.87
C PHE A 429 -2.26 10.19 23.68
N VAL A 430 -2.10 11.08 24.65
CA VAL A 430 -0.91 11.19 25.49
C VAL A 430 -1.34 11.59 26.90
N THR A 431 -0.60 11.13 27.92
CA THR A 431 -0.94 11.56 29.27
C THR A 431 -0.80 13.06 29.36
N ALA A 432 -1.80 13.71 29.92
CA ALA A 432 -1.85 15.16 29.87
C ALA A 432 -0.76 15.84 30.69
N PRO A 433 -0.40 15.37 31.90
CA PRO A 433 0.55 16.18 32.70
C PRO A 433 1.90 16.40 32.04
N ASP A 434 2.50 15.41 31.37
CA ASP A 434 3.79 15.67 30.75
C ASP A 434 3.73 16.10 29.29
N ASN A 435 2.57 16.03 28.64
CA ASN A 435 2.52 16.28 27.21
C ASN A 435 1.59 17.40 26.80
N LEU A 436 0.63 17.78 27.65
CA LEU A 436 -0.33 18.78 27.25
C LEU A 436 -0.47 19.95 28.22
N GLY A 437 0.29 19.96 29.30
CA GLY A 437 0.34 21.11 30.18
C GLY A 437 -0.79 21.23 31.17
N TYR A 438 -1.49 20.13 31.47
CA TYR A 438 -2.55 20.17 32.48
C TYR A 438 -2.67 18.83 33.18
N THR A 439 -3.24 18.86 34.37
CA THR A 439 -3.51 17.65 35.14
C THR A 439 -4.78 17.85 35.95
N TYR A 440 -5.34 16.75 36.44
CA TYR A 440 -6.56 16.77 37.24
C TYR A 440 -6.24 16.54 38.71
N GLU A 441 -6.76 17.42 39.57
CA GLU A 441 -6.82 17.21 41.02
C GLU A 441 -8.10 16.43 41.31
N ILE A 442 -7.95 15.11 41.47
CA ILE A 442 -9.09 14.21 41.54
C ILE A 442 -8.62 12.94 42.23
N GLN A 443 -9.56 12.20 42.81
CA GLN A 443 -9.33 10.95 43.51
C GLN A 443 -10.23 9.89 42.90
N TRP A 444 -9.73 8.66 42.85
CA TRP A 444 -10.61 7.71 42.16
C TRP A 444 -11.22 6.68 43.12
N PRO A 445 -12.46 6.23 42.86
CA PRO A 445 -13.10 5.24 43.74
C PRO A 445 -12.38 3.92 43.68
N SER A 446 -12.26 3.29 44.85
CA SER A 446 -11.28 2.26 45.07
C SER A 446 -11.32 1.61 46.47
N GLN B 1 20.80 7.99 -4.78
CA GLN B 1 19.69 8.91 -4.66
C GLN B 1 19.09 8.74 -3.28
N PHE B 2 18.77 7.51 -2.90
CA PHE B 2 17.93 7.30 -1.71
C PHE B 2 18.69 6.59 -0.58
N PRO B 3 18.33 6.87 0.66
CA PRO B 3 18.88 6.09 1.78
C PRO B 3 18.63 4.59 1.64
N ARG B 4 19.65 3.79 1.97
CA ARG B 4 19.55 2.34 1.80
C ARG B 4 18.39 1.78 2.62
N GLN B 5 18.08 2.38 3.76
CA GLN B 5 16.98 1.83 4.52
C GLN B 5 15.61 2.17 3.94
N CYS B 6 15.53 3.05 2.93
CA CYS B 6 14.30 3.34 2.19
C CYS B 6 14.21 2.62 0.84
N ALA B 7 15.31 2.02 0.38
CA ALA B 7 15.31 1.31 -0.89
C ALA B 7 14.75 -0.10 -0.71
N THR B 8 13.51 -0.17 -0.22
CA THR B 8 12.84 -1.43 0.10
C THR B 8 11.45 -1.46 -0.52
N VAL B 9 10.93 -2.68 -0.67
CA VAL B 9 9.56 -2.88 -1.14
C VAL B 9 8.57 -2.12 -0.24
N GLU B 10 8.77 -2.22 1.07
CA GLU B 10 7.86 -1.62 2.02
C GLU B 10 7.86 -0.10 1.88
N ALA B 11 9.04 0.54 1.95
CA ALA B 11 9.08 1.99 1.89
C ALA B 11 8.60 2.51 0.54
N LEU B 12 8.96 1.84 -0.56
CA LEU B 12 8.46 2.30 -1.85
C LEU B 12 6.96 2.10 -1.98
N ARG B 13 6.41 1.06 -1.34
CA ARG B 13 4.96 0.87 -1.32
C ARG B 13 4.27 1.91 -0.42
N SER B 14 4.90 2.33 0.68
CA SER B 14 4.24 3.32 1.52
C SER B 14 4.44 4.74 1.02
N GLY B 15 5.37 4.96 0.08
CA GLY B 15 5.72 6.31 -0.34
C GLY B 15 6.44 7.12 0.70
N MET B 16 6.94 6.49 1.75
CA MET B 16 7.51 7.17 2.90
C MET B 16 8.99 6.85 3.01
N CYS B 17 9.84 7.87 3.03
CA CYS B 17 11.26 7.69 3.30
C CYS B 17 11.61 8.52 4.53
N CYS B 18 11.38 7.92 5.71
CA CYS B 18 11.51 8.59 7.01
C CYS B 18 12.23 7.64 7.95
N PRO B 19 13.52 7.40 7.72
CA PRO B 19 14.21 6.34 8.46
C PRO B 19 14.39 6.66 9.93
N ASP B 20 14.55 5.60 10.71
CA ASP B 20 14.80 5.72 12.14
C ASP B 20 16.15 6.39 12.41
N LEU B 21 16.23 7.13 13.53
CA LEU B 21 17.50 7.69 14.01
C LEU B 21 18.16 6.70 14.98
N SER B 22 17.51 6.46 16.11
CA SER B 22 17.93 5.49 17.12
C SER B 22 16.72 4.67 17.55
N PRO B 23 16.44 3.54 16.86
CA PRO B 23 15.18 2.81 17.04
C PRO B 23 15.17 1.68 18.08
N VAL B 24 15.61 2.00 19.32
CA VAL B 24 15.68 0.97 20.35
C VAL B 24 14.31 0.34 20.59
N SER B 25 13.28 1.16 20.66
CA SER B 25 11.92 0.68 20.89
C SER B 25 11.31 -0.13 19.68
N GLY B 26 12.09 -0.52 18.67
CA GLY B 26 11.58 -1.20 17.50
C GLY B 26 11.72 -0.39 16.20
N PRO B 27 11.43 -1.02 15.06
CA PRO B 27 11.39 -0.27 13.80
C PRO B 27 10.22 0.72 13.77
N GLY B 28 10.46 1.88 13.14
CA GLY B 28 9.40 2.87 13.05
C GLY B 28 9.06 3.63 14.31
N THR B 29 9.88 3.52 15.36
CA THR B 29 9.65 4.21 16.62
C THR B 29 10.36 5.55 16.71
N ASP B 30 11.31 5.81 15.83
CA ASP B 30 12.12 7.03 15.92
C ASP B 30 12.30 7.62 14.54
N ARG B 31 11.24 7.59 13.72
CA ARG B 31 11.32 8.18 12.40
C ARG B 31 11.72 9.63 12.54
N CYS B 32 12.80 10.01 11.86
CA CYS B 32 13.30 11.38 11.84
C CYS B 32 13.80 11.84 13.19
N GLY B 33 14.14 10.93 14.10
CA GLY B 33 14.54 11.31 15.44
C GLY B 33 13.44 11.95 16.26
N SER B 34 12.18 11.59 16.02
CA SER B 34 11.08 12.24 16.74
C SER B 34 11.10 11.94 18.24
N SER B 35 11.79 10.90 18.68
CA SER B 35 11.84 10.57 20.11
C SER B 35 12.66 11.60 20.89
N SER B 36 13.75 12.09 20.32
CA SER B 36 14.33 13.33 20.80
C SER B 36 13.62 14.47 20.05
N GLY B 37 14.15 15.67 20.11
CA GLY B 37 13.35 16.71 19.50
C GLY B 37 13.69 17.00 18.05
N ARG B 38 14.31 16.02 17.37
CA ARG B 38 15.15 16.37 16.22
C ARG B 38 14.36 16.53 14.93
N GLY B 39 13.25 15.81 14.76
CA GLY B 39 12.44 16.08 13.59
C GLY B 39 11.20 15.23 13.56
N ARG B 40 10.48 15.37 12.45
CA ARG B 40 9.20 14.70 12.28
C ARG B 40 8.99 14.38 10.82
N CYS B 41 8.29 13.26 10.57
CA CYS B 41 7.98 12.84 9.21
C CYS B 41 6.78 13.63 8.69
N GLU B 42 6.93 14.27 7.52
CA GLU B 42 5.80 14.97 6.92
C GLU B 42 5.88 15.00 5.39
N ALA B 43 4.82 15.55 4.79
CA ALA B 43 4.63 15.49 3.34
C ALA B 43 5.65 16.31 2.58
N VAL B 44 6.07 15.78 1.43
CA VAL B 44 6.99 16.47 0.54
C VAL B 44 6.20 17.47 -0.29
N THR B 45 6.78 18.65 -0.50
CA THR B 45 6.33 19.59 -1.50
C THR B 45 7.23 19.50 -2.72
N ALA B 46 6.62 19.40 -3.89
CA ALA B 46 7.35 19.53 -5.13
C ALA B 46 6.77 20.71 -5.89
N ASP B 47 7.57 21.24 -6.82
CA ASP B 47 7.13 22.39 -7.58
C ASP B 47 6.06 21.99 -8.58
N SER B 48 4.97 22.74 -8.62
CA SER B 48 3.87 22.44 -9.53
C SER B 48 3.69 23.46 -10.64
N ARG B 49 4.45 24.55 -10.64
CA ARG B 49 4.29 25.59 -11.64
C ARG B 49 4.73 25.10 -13.01
N PRO B 50 4.22 25.71 -14.08
CA PRO B 50 4.55 25.22 -15.43
C PRO B 50 6.02 25.44 -15.76
N HIS B 51 6.52 24.63 -16.69
CA HIS B 51 7.87 24.75 -17.22
C HIS B 51 7.78 25.10 -18.70
N SER B 52 8.93 25.33 -19.32
CA SER B 52 8.97 25.74 -20.72
C SER B 52 8.40 24.65 -21.63
N PRO B 53 7.94 25.03 -22.83
CA PRO B 53 7.40 24.04 -23.78
C PRO B 53 8.46 23.12 -24.35
N GLN B 54 9.74 23.34 -24.01
CA GLN B 54 10.81 22.54 -24.60
C GLN B 54 10.66 21.06 -24.29
N TYR B 55 10.12 20.72 -23.13
CA TYR B 55 9.92 19.34 -22.72
C TYR B 55 8.45 18.97 -22.88
N PRO B 56 8.11 18.13 -23.85
CA PRO B 56 6.69 17.80 -24.10
C PRO B 56 6.25 16.48 -23.50
N HIS B 57 7.06 15.84 -22.66
CA HIS B 57 6.82 14.46 -22.25
C HIS B 57 6.43 14.32 -20.78
N ASP B 58 5.61 15.24 -20.29
CA ASP B 58 5.03 15.06 -18.96
C ASP B 58 4.37 13.70 -18.81
N GLY B 59 4.65 13.03 -17.70
CA GLY B 59 4.13 11.73 -17.39
C GLY B 59 5.06 10.59 -17.69
N ARG B 60 6.18 10.85 -18.35
CA ARG B 60 7.03 9.79 -18.85
C ARG B 60 8.35 9.66 -18.12
N ASP B 61 8.73 10.62 -17.25
CA ASP B 61 10.08 10.64 -16.67
C ASP B 61 10.01 10.77 -15.16
N ASP B 62 10.72 9.89 -14.44
CA ASP B 62 10.71 9.89 -12.98
C ASP B 62 11.28 11.16 -12.36
N ARG B 63 11.98 11.99 -13.12
CA ARG B 63 12.56 13.19 -12.55
C ARG B 63 11.57 14.34 -12.44
N GLU B 64 10.43 14.24 -13.12
CA GLU B 64 9.36 15.22 -13.00
C GLU B 64 8.91 15.28 -11.54
N VAL B 65 8.52 16.47 -11.09
CA VAL B 65 8.05 16.75 -9.72
C VAL B 65 8.88 15.95 -8.72
N TRP B 66 10.20 16.00 -8.89
CA TRP B 66 11.10 15.28 -8.00
C TRP B 66 10.81 15.66 -6.53
N PRO B 67 10.70 14.68 -5.62
CA PRO B 67 10.86 13.22 -5.73
C PRO B 67 9.55 12.39 -5.75
N LEU B 68 8.43 13.01 -6.14
CA LEU B 68 7.09 12.45 -5.89
C LEU B 68 6.80 11.16 -6.65
N ARG B 69 7.57 10.81 -7.69
CA ARG B 69 7.41 9.50 -8.31
C ARG B 69 8.01 8.37 -7.48
N PHE B 70 8.73 8.69 -6.40
CA PHE B 70 9.29 7.67 -5.51
C PHE B 70 8.80 7.80 -4.08
N PHE B 71 8.80 9.01 -3.53
CA PHE B 71 8.39 9.20 -2.15
C PHE B 71 7.65 10.52 -2.07
N ASN B 72 6.64 10.56 -1.20
CA ASN B 72 5.93 11.81 -0.96
C ASN B 72 5.98 12.25 0.50
N ARG B 73 6.71 11.54 1.37
CA ARG B 73 6.90 11.96 2.75
C ARG B 73 8.38 11.88 3.11
N THR B 74 8.87 12.90 3.85
CA THR B 74 10.28 12.93 4.21
C THR B 74 10.44 13.51 5.61
N CYS B 75 11.67 13.47 6.10
CA CYS B 75 11.99 14.05 7.39
C CYS B 75 12.13 15.55 7.24
N HIS B 76 11.38 16.30 8.05
CA HIS B 76 11.57 17.73 8.24
C HIS B 76 12.14 17.93 9.64
N CYS B 77 13.33 18.52 9.72
CA CYS B 77 14.05 18.58 10.97
C CYS B 77 13.79 19.88 11.72
N ASN B 78 13.95 19.81 13.03
CA ASN B 78 13.82 20.94 13.93
C ASN B 78 15.14 21.67 14.08
N GLY B 79 15.06 22.93 14.49
CA GLY B 79 16.24 23.71 14.80
C GLY B 79 17.23 23.67 13.67
N ASN B 80 18.50 23.44 14.01
CA ASN B 80 19.54 23.39 13.00
C ASN B 80 20.05 21.95 12.84
N PHE B 81 19.19 20.98 13.11
CA PHE B 81 19.44 19.61 12.71
C PHE B 81 19.15 19.44 11.23
N SER B 82 19.72 18.39 10.64
CA SER B 82 19.62 18.14 9.21
C SER B 82 19.95 16.67 8.95
N GLY B 83 19.83 16.27 7.69
CA GLY B 83 20.11 14.92 7.28
C GLY B 83 18.85 14.12 7.02
N HIS B 84 19.04 13.00 6.31
CA HIS B 84 17.91 12.19 5.85
C HIS B 84 17.04 11.71 7.00
N ASN B 85 17.62 11.53 8.18
CA ASN B 85 16.86 11.18 9.37
C ASN B 85 17.08 12.16 10.52
N CYS B 86 17.57 13.37 10.21
CA CYS B 86 17.77 14.45 11.17
C CYS B 86 18.88 14.14 12.16
N GLY B 87 19.78 13.23 11.82
CA GLY B 87 20.87 12.83 12.68
C GLY B 87 22.13 13.67 12.59
N THR B 88 22.20 14.64 11.68
CA THR B 88 23.38 15.49 11.62
C THR B 88 22.94 16.96 11.73
N CYS B 89 23.76 17.90 11.23
CA CYS B 89 23.53 19.33 11.39
C CYS B 89 23.40 20.04 10.03
N ARG B 90 22.72 21.17 10.04
CA ARG B 90 22.66 22.02 8.87
C ARG B 90 24.06 22.55 8.58
N PRO B 91 24.35 22.86 7.33
CA PRO B 91 25.70 23.34 6.99
C PRO B 91 26.04 24.60 7.78
N GLY B 92 27.21 24.61 8.40
CA GLY B 92 27.61 25.70 9.25
C GLY B 92 27.50 25.44 10.74
N TRP B 93 27.06 24.24 11.16
CA TRP B 93 26.91 23.92 12.57
C TRP B 93 27.46 22.54 12.87
N ARG B 94 27.95 22.38 14.11
CA ARG B 94 28.43 21.10 14.64
C ARG B 94 27.90 20.88 16.04
N GLY B 95 28.13 19.69 16.55
CA GLY B 95 27.84 19.39 17.94
C GLY B 95 26.56 18.61 18.10
N ALA B 96 26.47 17.85 19.19
CA ALA B 96 25.28 17.05 19.46
C ALA B 96 24.01 17.88 19.41
N ALA B 97 24.09 19.15 19.83
CA ALA B 97 22.97 20.08 19.78
C ALA B 97 23.00 21.00 18.57
N CYS B 98 23.95 20.82 17.66
CA CYS B 98 24.06 21.65 16.45
C CYS B 98 24.01 23.14 16.80
N ASP B 99 24.80 23.50 17.82
CA ASP B 99 24.87 24.87 18.34
C ASP B 99 26.28 25.45 18.34
N GLN B 100 27.24 24.75 17.74
CA GLN B 100 28.59 25.28 17.54
C GLN B 100 28.77 25.69 16.08
N ARG B 101 29.19 26.93 15.88
CA ARG B 101 29.30 27.48 14.54
C ARG B 101 30.63 27.05 13.94
N VAL B 102 30.63 26.83 12.63
CA VAL B 102 31.83 26.36 11.96
C VAL B 102 31.88 27.01 10.58
N LEU B 103 33.08 27.42 10.18
CA LEU B 103 33.28 28.05 8.89
C LEU B 103 34.54 27.42 8.32
N ILE B 104 34.40 26.65 7.27
CA ILE B 104 35.55 26.03 6.64
C ILE B 104 35.91 26.83 5.40
N VAL B 105 37.19 26.79 5.00
CA VAL B 105 37.69 27.65 3.94
C VAL B 105 38.11 26.79 2.76
N ARG B 106 37.59 27.12 1.59
CA ARG B 106 38.00 26.51 0.34
C ARG B 106 39.14 27.34 -0.26
N ARG B 107 40.26 26.67 -0.51
CA ARG B 107 41.52 27.32 -0.89
C ARG B 107 41.97 26.90 -2.28
N ASN B 108 42.77 27.77 -2.91
CA ASN B 108 43.41 27.42 -4.18
C ASN B 108 44.27 26.18 -3.99
N LEU B 109 44.04 25.17 -4.83
CA LEU B 109 44.78 23.92 -4.67
C LEU B 109 46.28 24.12 -4.79
N LEU B 110 46.73 25.12 -5.54
CA LEU B 110 48.16 25.32 -5.69
C LEU B 110 48.79 26.00 -4.46
N ASP B 111 47.98 26.61 -3.60
CA ASP B 111 48.47 27.25 -2.39
C ASP B 111 48.58 26.30 -1.21
N LEU B 112 48.14 25.05 -1.36
CA LEU B 112 48.26 24.10 -0.27
C LEU B 112 49.71 23.69 -0.10
N SER B 113 50.07 23.36 1.14
CA SER B 113 51.38 22.83 1.45
C SER B 113 51.55 21.44 0.84
N LYS B 114 52.74 20.88 0.99
CA LYS B 114 53.01 19.57 0.40
C LYS B 114 52.15 18.49 1.04
N GLU B 115 52.05 18.47 2.36
CA GLU B 115 51.22 17.43 2.98
C GLU B 115 49.73 17.68 2.71
N GLU B 116 49.31 18.94 2.61
CA GLU B 116 47.88 19.21 2.38
C GLU B 116 47.45 18.79 0.98
N LYS B 117 48.24 19.10 -0.05
CA LYS B 117 47.98 18.61 -1.41
C LYS B 117 47.84 17.11 -1.38
N ASN B 118 48.69 16.51 -0.61
CA ASN B 118 48.79 15.08 -0.59
C ASN B 118 47.66 14.43 0.21
N HIS B 119 47.19 15.09 1.27
CA HIS B 119 46.04 14.60 1.99
C HIS B 119 44.80 14.66 1.09
N PHE B 120 44.64 15.76 0.35
CA PHE B 120 43.51 15.90 -0.56
C PHE B 120 43.50 14.78 -1.62
N VAL B 121 44.64 14.56 -2.28
CA VAL B 121 44.71 13.53 -3.31
C VAL B 121 44.33 12.17 -2.76
N ARG B 122 44.78 11.87 -1.54
CA ARG B 122 44.45 10.58 -0.96
C ARG B 122 43.01 10.51 -0.48
N ALA B 123 42.47 11.61 0.03
CA ALA B 123 41.06 11.63 0.38
C ALA B 123 40.19 11.37 -0.85
N LEU B 124 40.49 12.02 -1.97
CA LEU B 124 39.73 11.75 -3.19
C LEU B 124 39.78 10.28 -3.55
N ASP B 125 40.98 9.71 -3.54
CA ASP B 125 41.11 8.30 -3.92
C ASP B 125 40.33 7.42 -2.95
N MET B 126 40.38 7.72 -1.66
CA MET B 126 39.59 6.99 -0.68
C MET B 126 38.09 7.10 -0.95
N ALA B 127 37.61 8.30 -1.29
CA ALA B 127 36.19 8.45 -1.63
C ALA B 127 35.82 7.64 -2.86
N LYS B 128 36.78 7.43 -3.76
CA LYS B 128 36.54 6.64 -4.96
C LYS B 128 36.38 5.16 -4.65
N ARG B 129 36.98 4.67 -3.57
CA ARG B 129 36.98 3.26 -3.16
C ARG B 129 36.06 2.94 -1.98
N THR B 130 35.58 3.93 -1.24
CA THR B 130 34.77 3.69 -0.05
C THR B 130 33.29 3.70 -0.38
N THR B 131 32.57 2.65 0.03
CA THR B 131 31.12 2.59 -0.17
C THR B 131 30.43 3.73 0.57
N HIS B 132 29.53 4.42 -0.13
CA HIS B 132 28.75 5.46 0.51
C HIS B 132 27.90 4.84 1.62
N PRO B 133 28.09 5.27 2.88
CA PRO B 133 27.35 4.62 3.97
C PRO B 133 25.83 4.82 3.85
N LEU B 134 25.40 5.88 3.19
CA LEU B 134 24.00 6.30 3.20
C LEU B 134 23.21 5.93 1.94
N PHE B 135 23.71 6.28 0.77
CA PHE B 135 22.90 6.24 -0.44
C PHE B 135 23.17 4.99 -1.27
N VAL B 136 22.11 4.47 -1.89
CA VAL B 136 22.19 3.49 -2.96
C VAL B 136 21.54 4.10 -4.21
N ILE B 137 21.87 3.55 -5.38
CA ILE B 137 21.42 4.09 -6.67
C ILE B 137 20.54 3.09 -7.39
N ALA B 138 19.50 3.58 -8.04
CA ALA B 138 18.66 2.73 -8.88
C ALA B 138 19.34 2.38 -10.20
N THR B 139 19.20 1.14 -10.60
CA THR B 139 19.71 0.69 -11.90
C THR B 139 18.59 0.52 -12.91
N ARG B 140 17.35 0.77 -12.50
CA ARG B 140 16.19 0.64 -13.36
C ARG B 140 15.27 1.84 -13.10
N ARG B 141 14.46 2.18 -14.10
CA ARG B 141 13.46 3.23 -13.90
C ARG B 141 12.32 2.72 -13.01
N SER B 142 11.40 3.62 -12.63
CA SER B 142 10.49 3.27 -11.52
C SER B 142 9.57 2.09 -11.84
N GLU B 143 9.13 1.91 -13.09
CA GLU B 143 8.25 0.77 -13.34
C GLU B 143 8.97 -0.59 -13.20
N GLU B 144 10.29 -0.63 -13.35
CA GLU B 144 11.01 -1.88 -13.16
C GLU B 144 11.80 -1.90 -11.85
N ILE B 145 11.49 -0.97 -10.94
CA ILE B 145 12.32 -0.77 -9.75
C ILE B 145 12.25 -1.95 -8.80
N LEU B 146 11.18 -2.75 -8.84
CA LEU B 146 11.04 -3.89 -7.95
C LEU B 146 11.48 -5.20 -8.60
N GLY B 147 12.12 -5.13 -9.76
CA GLY B 147 12.77 -6.31 -10.29
C GLY B 147 11.82 -7.24 -11.00
N PRO B 148 12.38 -8.29 -11.62
CA PRO B 148 11.55 -9.22 -12.41
C PRO B 148 10.39 -9.81 -11.60
N ASP B 149 10.66 -10.22 -10.37
CA ASP B 149 9.66 -10.85 -9.53
C ASP B 149 8.78 -9.87 -8.77
N GLY B 150 8.95 -8.56 -8.97
CA GLY B 150 8.19 -7.61 -8.20
C GLY B 150 8.61 -7.48 -6.76
N ASN B 151 9.67 -8.16 -6.33
CA ASN B 151 10.02 -8.08 -4.92
C ASN B 151 11.52 -7.94 -4.69
N THR B 152 12.25 -7.37 -5.64
CA THR B 152 13.70 -7.23 -5.53
C THR B 152 14.09 -5.80 -5.91
N PRO B 153 14.26 -4.90 -4.93
CA PRO B 153 14.63 -3.51 -5.26
C PRO B 153 15.90 -3.46 -6.08
N GLN B 154 15.83 -2.75 -7.19
CA GLN B 154 16.95 -2.69 -8.13
C GLN B 154 17.90 -1.54 -7.76
N PHE B 155 18.46 -1.65 -6.56
CA PHE B 155 19.41 -0.65 -6.07
C PHE B 155 20.74 -1.31 -5.82
N GLU B 156 21.81 -0.59 -6.10
CA GLU B 156 23.17 -1.06 -5.87
C GLU B 156 23.89 -0.10 -4.96
N ASN B 157 24.83 -0.65 -4.20
CA ASN B 157 25.81 0.17 -3.51
C ASN B 157 26.68 0.90 -4.52
N ILE B 158 27.32 1.97 -4.05
CA ILE B 158 28.15 2.79 -4.89
C ILE B 158 29.08 3.55 -3.98
N SER B 159 30.28 3.86 -4.48
CA SER B 159 31.25 4.56 -3.66
C SER B 159 30.86 6.04 -3.52
N ILE B 160 31.47 6.69 -2.53
CA ILE B 160 31.17 8.11 -2.27
C ILE B 160 31.40 8.94 -3.53
N TYR B 161 32.56 8.77 -4.17
CA TYR B 161 32.84 9.57 -5.36
C TYR B 161 32.00 9.11 -6.56
N ASN B 162 31.73 7.81 -6.69
CA ASN B 162 30.89 7.42 -7.83
C ASN B 162 29.44 7.87 -7.64
N TYR B 163 28.97 7.99 -6.41
CA TYR B 163 27.66 8.62 -6.21
C TYR B 163 27.67 10.07 -6.71
N PHE B 164 28.74 10.80 -6.43
CA PHE B 164 28.91 12.14 -6.97
C PHE B 164 28.82 12.13 -8.50
N VAL B 165 29.40 11.11 -9.15
CA VAL B 165 29.30 11.00 -10.61
C VAL B 165 27.89 10.64 -11.03
N TRP B 166 27.28 9.68 -10.33
CA TRP B 166 25.97 9.17 -10.73
C TRP B 166 24.89 10.26 -10.67
N THR B 167 24.88 11.11 -9.64
CA THR B 167 23.83 12.12 -9.55
C THR B 167 23.92 13.11 -10.71
N HIS B 168 25.14 13.50 -11.10
CA HIS B 168 25.29 14.40 -12.25
C HIS B 168 24.77 13.74 -13.52
N TYR B 169 25.15 12.48 -13.73
CA TYR B 169 24.62 11.70 -14.85
C TYR B 169 23.08 11.65 -14.81
N TYR B 170 22.51 11.37 -13.64
CA TYR B 170 21.06 11.22 -13.52
C TYR B 170 20.34 12.51 -13.88
N SER B 171 20.94 13.66 -13.55
CA SER B 171 20.31 14.94 -13.87
C SER B 171 20.38 15.26 -15.37
N VAL B 172 21.28 14.64 -16.12
CA VAL B 172 21.46 14.95 -17.53
C VAL B 172 21.00 13.82 -18.46
N LYS B 173 20.68 12.65 -17.93
CA LYS B 173 20.31 11.52 -18.79
C LYS B 173 19.11 11.89 -19.67
N LYS B 174 19.00 11.23 -20.82
CA LYS B 174 17.85 11.45 -21.69
C LYS B 174 16.60 10.78 -21.14
N THR B 175 15.44 11.35 -21.48
CA THR B 175 14.19 10.69 -21.15
C THR B 175 14.00 9.48 -22.04
N PHE B 176 13.86 8.31 -21.45
CA PHE B 176 13.57 7.09 -22.17
C PHE B 176 12.08 7.04 -22.50
N LEU B 177 11.73 6.88 -23.77
CA LEU B 177 10.34 6.87 -24.20
C LEU B 177 9.83 5.46 -24.53
N GLY B 178 10.72 4.49 -24.63
CA GLY B 178 10.35 3.09 -24.83
C GLY B 178 11.32 2.40 -25.76
N VAL B 179 11.46 1.08 -25.59
CA VAL B 179 12.24 0.29 -26.53
C VAL B 179 11.64 0.49 -27.90
N GLY B 180 12.50 0.72 -28.90
CA GLY B 180 12.01 1.02 -30.23
C GLY B 180 11.74 2.48 -30.53
N GLN B 181 11.71 3.35 -29.51
CA GLN B 181 11.61 4.80 -29.69
C GLN B 181 12.96 5.46 -29.42
N GLU B 182 13.22 6.60 -30.08
CA GLU B 182 14.45 7.32 -29.82
C GLU B 182 14.30 8.19 -28.56
N SER B 183 15.26 8.07 -27.64
CA SER B 183 15.17 8.78 -26.37
C SER B 183 15.29 10.30 -26.58
N PHE B 184 14.64 11.04 -25.70
CA PHE B 184 14.50 12.48 -25.83
C PHE B 184 15.60 13.22 -25.05
N GLY B 185 16.28 14.15 -25.72
CA GLY B 185 17.51 14.72 -25.16
C GLY B 185 17.53 16.23 -24.92
N GLU B 186 16.43 16.93 -25.17
CA GLU B 186 16.39 18.36 -24.84
C GLU B 186 15.74 18.59 -23.47
N VAL B 187 16.40 18.00 -22.50
CA VAL B 187 16.04 18.12 -21.11
C VAL B 187 17.35 18.00 -20.35
N ASP B 188 17.45 18.73 -19.24
CA ASP B 188 18.68 18.73 -18.46
C ASP B 188 18.39 19.42 -17.16
N PHE B 189 18.39 18.67 -16.07
CA PHE B 189 17.93 19.17 -14.79
C PHE B 189 19.00 19.96 -14.03
N SER B 190 20.21 20.11 -14.58
CA SER B 190 21.31 20.76 -13.90
C SER B 190 22.14 21.67 -14.79
N HIS B 191 21.79 21.81 -16.07
CA HIS B 191 22.52 22.66 -16.99
C HIS B 191 21.56 23.40 -17.90
N GLU B 192 22.08 24.44 -18.55
CA GLU B 192 21.34 25.19 -19.55
C GLU B 192 20.06 25.80 -18.95
N GLY B 193 20.22 26.44 -17.82
CA GLY B 193 19.10 27.06 -17.17
C GLY B 193 19.51 27.59 -15.82
N PRO B 194 18.60 28.32 -15.17
CA PRO B 194 18.95 28.99 -13.89
C PRO B 194 19.49 28.06 -12.84
N ALA B 195 19.10 26.78 -12.82
CA ALA B 195 19.52 25.89 -11.74
C ALA B 195 20.96 25.44 -11.86
N PHE B 196 21.67 25.83 -12.92
CA PHE B 196 23.04 25.37 -13.11
C PHE B 196 23.93 25.66 -11.89
N LEU B 197 23.84 26.87 -11.34
CA LEU B 197 24.76 27.22 -10.24
C LEU B 197 24.32 26.66 -8.91
N THR B 198 23.02 26.60 -8.65
CA THR B 198 22.56 26.07 -7.37
C THR B 198 22.68 24.56 -7.31
N TRP B 199 22.42 23.89 -8.43
CA TRP B 199 22.60 22.45 -8.49
C TRP B 199 24.06 22.08 -8.17
N HIS B 200 25.00 22.67 -8.91
CA HIS B 200 26.39 22.27 -8.73
C HIS B 200 26.93 22.70 -7.37
N ARG B 201 26.36 23.75 -6.78
CA ARG B 201 26.72 24.13 -5.42
C ARG B 201 26.35 23.03 -4.44
N TYR B 202 25.12 22.54 -4.52
CA TYR B 202 24.74 21.51 -3.56
C TYR B 202 25.51 20.22 -3.83
N HIS B 203 25.70 19.90 -5.10
CA HIS B 203 26.55 18.79 -5.51
C HIS B 203 27.87 18.77 -4.75
N LEU B 204 28.56 19.91 -4.73
CA LEU B 204 29.83 20.05 -4.01
C LEU B 204 29.62 19.94 -2.51
N LEU B 205 28.61 20.63 -2.00
CA LEU B 205 28.34 20.59 -0.56
C LEU B 205 28.14 19.16 -0.10
N ARG B 206 27.49 18.35 -0.92
CA ARG B 206 27.20 16.96 -0.57
C ARG B 206 28.46 16.10 -0.59
N LEU B 207 29.33 16.30 -1.59
CA LEU B 207 30.58 15.57 -1.64
C LEU B 207 31.49 15.96 -0.48
N GLU B 208 31.56 17.27 -0.19
CA GLU B 208 32.40 17.77 0.90
C GLU B 208 31.97 17.20 2.24
N LYS B 209 30.65 17.18 2.47
CA LYS B 209 30.09 16.58 3.67
C LYS B 209 30.40 15.10 3.77
N ASP B 210 30.27 14.37 2.66
CA ASP B 210 30.54 12.92 2.69
C ASP B 210 32.01 12.64 2.98
N MET B 211 32.93 13.45 2.45
CA MET B 211 34.35 13.18 2.67
C MET B 211 34.77 13.53 4.09
N GLN B 212 34.21 14.62 4.64
CA GLN B 212 34.44 14.99 6.04
C GLN B 212 34.10 13.85 6.97
N GLU B 213 32.95 13.22 6.74
CA GLU B 213 32.52 12.11 7.58
C GLU B 213 33.31 10.84 7.29
N MET B 214 33.70 10.62 6.02
CA MET B 214 34.55 9.50 5.68
C MET B 214 35.92 9.61 6.36
N LEU B 215 36.50 10.82 6.40
CA LEU B 215 37.80 11.03 7.01
C LEU B 215 37.73 11.26 8.51
N GLN B 216 36.50 11.40 9.05
CA GLN B 216 36.26 11.95 10.37
C GLN B 216 37.10 13.21 10.58
N GLU B 217 37.00 14.13 9.64
CA GLU B 217 37.62 15.44 9.73
C GLU B 217 36.55 16.47 9.44
N PRO B 218 35.89 16.99 10.47
CA PRO B 218 34.80 17.94 10.23
C PRO B 218 35.24 19.18 9.47
N SER B 219 36.52 19.53 9.52
CA SER B 219 37.02 20.75 8.88
C SER B 219 37.58 20.52 7.48
N PHE B 220 37.57 19.29 6.98
CA PHE B 220 38.02 19.07 5.60
C PHE B 220 37.18 19.90 4.64
N SER B 221 37.86 20.54 3.68
CA SER B 221 37.18 21.37 2.69
C SER B 221 37.71 21.02 1.31
N LEU B 222 36.92 21.37 0.28
CA LEU B 222 37.33 21.10 -1.09
C LEU B 222 38.10 22.28 -1.64
N PRO B 223 39.27 22.04 -2.25
CA PRO B 223 40.04 23.12 -2.89
C PRO B 223 39.42 23.53 -4.21
N TYR B 224 40.00 24.54 -4.83
CA TYR B 224 39.58 24.97 -6.15
C TYR B 224 40.77 25.14 -7.09
N TRP B 225 40.45 25.19 -8.38
CA TRP B 225 41.40 25.39 -9.46
C TRP B 225 41.07 26.69 -10.14
N ASN B 226 41.91 27.69 -9.96
CA ASN B 226 41.69 28.91 -10.72
C ASN B 226 42.05 28.64 -12.17
N PHE B 227 41.06 28.25 -12.98
CA PHE B 227 41.28 27.97 -14.40
C PHE B 227 41.23 29.21 -15.27
N ALA B 228 41.00 30.38 -14.67
CA ALA B 228 40.90 31.64 -15.41
C ALA B 228 42.25 32.36 -15.47
N THR B 229 43.21 31.67 -16.09
CA THR B 229 44.60 32.13 -16.16
C THR B 229 45.07 32.41 -17.57
N GLY B 230 44.27 32.09 -18.59
CA GLY B 230 44.70 32.26 -19.97
C GLY B 230 45.76 31.29 -20.42
N LYS B 231 46.02 30.25 -19.63
CA LYS B 231 47.12 29.36 -19.91
C LYS B 231 46.74 28.34 -20.98
N ASN B 232 47.80 27.84 -21.61
CA ASN B 232 47.85 26.80 -22.63
C ASN B 232 47.87 25.40 -22.05
N VAL B 233 48.15 25.27 -20.76
CA VAL B 233 48.34 23.99 -20.11
C VAL B 233 47.47 23.97 -18.86
N CYS B 234 47.31 22.79 -18.31
CA CYS B 234 46.58 22.59 -17.06
C CYS B 234 47.61 22.59 -15.93
N ASP B 235 47.69 23.69 -15.18
CA ASP B 235 48.75 23.80 -14.17
C ASP B 235 48.51 22.94 -12.93
N ILE B 236 47.36 22.26 -12.84
CA ILE B 236 47.14 21.28 -11.78
C ILE B 236 47.32 19.86 -12.30
N CYS B 237 47.78 19.69 -13.53
CA CYS B 237 47.99 18.35 -14.06
C CYS B 237 49.44 17.91 -13.84
N THR B 238 49.80 17.76 -12.58
CA THR B 238 51.12 17.26 -12.19
C THR B 238 50.90 16.05 -11.29
N ASP B 239 51.95 15.22 -11.15
CA ASP B 239 51.74 13.94 -10.50
C ASP B 239 51.53 14.04 -8.99
N ASP B 240 51.83 15.18 -8.35
CA ASP B 240 51.50 15.34 -6.95
C ASP B 240 50.08 15.86 -6.74
N LEU B 241 49.34 16.11 -7.82
CA LEU B 241 47.94 16.49 -7.71
C LEU B 241 47.22 16.44 -9.05
N MET B 242 46.34 15.48 -9.24
CA MET B 242 45.40 15.39 -10.37
C MET B 242 45.99 14.66 -11.55
N GLY B 243 47.33 14.61 -11.67
CA GLY B 243 48.01 13.73 -12.61
C GLY B 243 48.53 14.37 -13.89
N SER B 244 49.75 14.07 -14.29
CA SER B 244 50.22 14.63 -15.56
C SER B 244 49.94 13.65 -16.69
N ARG B 245 50.30 14.06 -17.90
CA ARG B 245 50.04 13.23 -19.08
C ARG B 245 50.91 11.97 -19.08
N SER B 246 50.30 10.84 -19.47
CA SER B 246 51.04 9.58 -19.59
C SER B 246 52.02 9.67 -20.75
N ASN B 247 53.29 9.32 -20.49
CA ASN B 247 54.30 9.31 -21.55
C ASN B 247 54.12 8.14 -22.52
N PHE B 248 53.23 7.21 -22.23
CA PHE B 248 52.96 6.09 -23.09
C PHE B 248 51.67 6.21 -23.90
N ASP B 249 50.80 7.16 -23.54
CA ASP B 249 49.56 7.42 -24.29
C ASP B 249 49.14 8.84 -23.93
N SER B 250 49.16 9.75 -24.91
CA SER B 250 48.91 11.17 -24.66
C SER B 250 47.55 11.46 -24.05
N THR B 251 46.59 10.53 -24.11
CA THR B 251 45.25 10.78 -23.64
C THR B 251 44.97 10.10 -22.31
N LEU B 252 45.94 9.43 -21.72
CA LEU B 252 45.78 8.81 -20.40
C LEU B 252 46.50 9.64 -19.34
N ILE B 253 46.22 9.34 -18.10
CA ILE B 253 46.89 10.02 -16.99
C ILE B 253 48.15 9.23 -16.65
N SER B 254 49.17 9.97 -16.22
CA SER B 254 50.46 9.37 -15.86
C SER B 254 50.27 8.18 -14.91
N PRO B 255 50.90 7.04 -15.18
CA PRO B 255 50.80 5.90 -14.27
C PRO B 255 51.38 6.14 -12.89
N ASN B 256 52.13 7.23 -12.69
CA ASN B 256 52.61 7.63 -11.37
C ASN B 256 51.60 8.46 -10.60
N SER B 257 50.39 8.59 -11.11
CA SER B 257 49.27 9.23 -10.42
C SER B 257 48.23 8.19 -10.04
N VAL B 258 47.65 8.34 -8.84
CA VAL B 258 46.62 7.40 -8.42
C VAL B 258 45.41 7.48 -9.34
N PHE B 259 45.19 8.63 -9.98
CA PHE B 259 44.01 8.78 -10.83
C PHE B 259 44.10 7.97 -12.12
N SER B 260 45.28 7.44 -12.46
CA SER B 260 45.42 6.55 -13.61
C SER B 260 44.81 5.18 -13.35
N GLN B 261 44.52 4.86 -12.09
CA GLN B 261 43.88 3.64 -11.64
C GLN B 261 42.35 3.71 -11.63
N TRP B 262 41.77 4.91 -11.69
CA TRP B 262 40.32 5.03 -11.64
C TRP B 262 39.68 4.43 -12.88
N ARG B 263 38.54 3.78 -12.69
CA ARG B 263 37.72 3.35 -13.82
C ARG B 263 36.35 4.04 -13.71
N VAL B 264 35.80 4.47 -14.86
CA VAL B 264 34.68 5.41 -14.87
C VAL B 264 33.35 4.66 -14.76
N VAL B 265 32.33 5.36 -14.24
CA VAL B 265 30.96 4.86 -14.27
C VAL B 265 30.16 5.69 -15.25
N CYS B 266 29.07 5.09 -15.75
CA CYS B 266 28.06 5.73 -16.58
C CYS B 266 28.48 5.92 -18.03
N ASP B 267 29.45 5.16 -18.53
CA ASP B 267 29.89 5.31 -19.92
C ASP B 267 29.21 4.31 -20.87
N SER B 268 27.97 3.90 -20.59
CA SER B 268 27.27 3.02 -21.53
C SER B 268 25.99 3.65 -22.04
N LEU B 269 26.05 4.84 -22.65
CA LEU B 269 24.84 5.52 -23.05
C LEU B 269 24.03 4.69 -24.04
N GLU B 270 24.71 3.96 -24.93
CA GLU B 270 24.03 3.11 -25.89
C GLU B 270 23.12 2.10 -25.19
N ASP B 271 23.55 1.55 -24.04
CA ASP B 271 22.67 0.64 -23.31
C ASP B 271 21.53 1.37 -22.62
N TYR B 272 21.82 2.45 -21.87
CA TYR B 272 20.76 3.12 -21.10
C TYR B 272 19.68 3.66 -22.03
N ASP B 273 20.08 4.22 -23.14
CA ASP B 273 19.18 4.93 -24.03
C ASP B 273 18.49 4.04 -25.06
N THR B 274 18.84 2.75 -25.15
CA THR B 274 18.06 1.83 -25.97
C THR B 274 17.32 0.78 -25.16
N LEU B 275 17.87 0.36 -24.01
CA LEU B 275 17.25 -0.63 -23.15
C LEU B 275 16.44 -0.03 -22.02
N GLY B 276 16.57 1.28 -21.77
CA GLY B 276 15.87 1.92 -20.66
C GLY B 276 16.42 1.65 -19.29
N THR B 277 17.66 1.17 -19.18
CA THR B 277 18.33 0.99 -17.89
C THR B 277 18.95 2.31 -17.41
N LEU B 278 19.57 2.28 -16.25
CA LEU B 278 20.29 3.44 -15.71
C LEU B 278 21.74 3.06 -15.42
N CYS B 279 22.61 4.06 -15.46
CA CYS B 279 23.99 3.87 -15.01
C CYS B 279 24.00 3.11 -13.69
N ASN B 280 24.81 2.05 -13.63
CA ASN B 280 24.98 1.28 -12.41
C ASN B 280 26.42 1.43 -11.93
N SER B 281 26.79 0.69 -10.88
CA SER B 281 28.04 0.90 -10.16
C SER B 281 29.23 0.17 -10.77
N THR B 282 29.05 -0.57 -11.84
CA THR B 282 30.15 -1.29 -12.48
C THR B 282 31.01 -0.35 -13.32
N GLU B 283 32.30 -0.34 -13.03
CA GLU B 283 33.22 0.56 -13.70
C GLU B 283 33.75 -0.07 -15.00
N ASP B 284 34.20 0.78 -15.93
CA ASP B 284 34.68 0.29 -17.21
C ASP B 284 36.06 0.87 -17.56
N GLY B 285 36.09 1.84 -18.48
CA GLY B 285 37.36 2.27 -19.01
C GLY B 285 38.04 3.29 -18.12
N PRO B 286 39.23 3.72 -18.54
CA PRO B 286 39.98 4.68 -17.74
C PRO B 286 39.57 6.12 -18.05
N ILE B 287 40.01 7.02 -17.17
CA ILE B 287 39.88 8.45 -17.47
C ILE B 287 40.71 8.78 -18.69
N ARG B 288 40.10 9.45 -19.65
CA ARG B 288 40.80 10.09 -20.77
C ARG B 288 40.91 11.58 -20.52
N ARG B 289 42.10 12.12 -20.77
CA ARG B 289 42.33 13.54 -20.57
C ARG B 289 43.49 13.94 -21.48
N ASN B 290 43.30 15.03 -22.22
CA ASN B 290 44.27 15.48 -23.20
C ASN B 290 44.23 16.99 -23.23
N PRO B 291 44.69 17.65 -22.17
CA PRO B 291 44.50 19.10 -22.05
C PRO B 291 45.12 19.87 -23.22
N ALA B 292 44.40 20.87 -23.69
CA ALA B 292 44.72 21.64 -24.89
C ALA B 292 44.79 20.80 -26.15
N GLY B 293 44.38 19.52 -26.07
CA GLY B 293 44.53 18.58 -27.16
C GLY B 293 43.48 18.62 -28.28
N ASN B 294 42.50 19.53 -28.23
CA ASN B 294 41.42 19.50 -29.22
C ASN B 294 41.85 20.29 -30.46
N VAL B 295 42.72 19.67 -31.26
CA VAL B 295 43.32 20.36 -32.39
C VAL B 295 42.27 20.74 -33.45
N ALA B 296 41.16 19.97 -33.53
CA ALA B 296 40.08 20.28 -34.47
C ALA B 296 39.29 21.53 -34.12
N ARG B 297 39.48 22.10 -32.92
CA ARG B 297 38.65 23.19 -32.44
C ARG B 297 39.52 24.14 -31.63
N PRO B 298 40.28 25.00 -32.31
CA PRO B 298 41.33 25.78 -31.63
C PRO B 298 40.83 26.68 -30.53
N MET B 299 39.54 27.04 -30.53
CA MET B 299 39.09 27.97 -29.50
C MET B 299 38.96 27.31 -28.14
N VAL B 300 38.99 25.97 -28.05
CA VAL B 300 38.96 25.31 -26.74
C VAL B 300 40.34 24.80 -26.38
N GLN B 301 41.39 25.42 -26.92
CA GLN B 301 42.76 25.03 -26.63
C GLN B 301 43.47 26.01 -25.71
N ARG B 302 42.76 27.00 -25.19
CA ARG B 302 43.32 27.91 -24.21
C ARG B 302 42.25 28.19 -23.16
N LEU B 303 42.66 28.15 -21.90
CA LEU B 303 41.74 28.36 -20.80
C LEU B 303 41.28 29.81 -20.78
N PRO B 304 40.21 30.13 -20.04
CA PRO B 304 39.75 31.52 -19.94
C PRO B 304 40.83 32.45 -19.41
N GLU B 305 40.76 33.72 -19.84
CA GLU B 305 41.61 34.81 -19.39
C GLU B 305 41.12 35.38 -18.06
N PRO B 306 42.03 35.94 -17.24
CA PRO B 306 41.60 36.55 -15.98
C PRO B 306 40.53 37.61 -16.15
N GLN B 307 40.62 38.39 -17.25
CA GLN B 307 39.62 39.41 -17.56
C GLN B 307 38.23 38.82 -17.68
N ASP B 308 38.11 37.55 -18.05
CA ASP B 308 36.81 36.97 -18.32
C ASP B 308 35.98 36.89 -17.05
N VAL B 309 36.63 36.56 -15.93
CA VAL B 309 35.95 36.53 -14.65
C VAL B 309 35.55 37.93 -14.23
N ALA B 310 36.43 38.92 -14.41
CA ALA B 310 36.08 40.27 -14.01
C ALA B 310 34.92 40.79 -14.84
N GLN B 311 34.85 40.41 -16.12
CA GLN B 311 33.78 40.90 -16.97
C GLN B 311 32.47 40.24 -16.62
N CYS B 312 32.47 38.93 -16.36
CA CYS B 312 31.19 38.28 -16.09
C CYS B 312 30.58 38.75 -14.79
N LEU B 313 31.41 39.15 -13.82
CA LEU B 313 30.92 39.65 -12.55
C LEU B 313 30.28 41.04 -12.66
N GLU B 314 30.34 41.67 -13.84
CA GLU B 314 29.64 42.94 -14.07
C GLU B 314 28.24 42.74 -14.64
N VAL B 315 27.91 41.54 -15.08
CA VAL B 315 26.56 41.24 -15.57
C VAL B 315 25.67 41.13 -14.34
N GLY B 316 24.74 42.08 -14.18
CA GLY B 316 24.05 42.29 -12.92
C GLY B 316 22.74 41.56 -12.74
N LEU B 317 22.19 41.01 -13.82
CA LEU B 317 20.99 40.19 -13.74
C LEU B 317 21.41 38.73 -13.65
N PHE B 318 20.87 38.00 -12.67
CA PHE B 318 21.25 36.60 -12.51
C PHE B 318 20.91 35.80 -13.76
N ASP B 319 19.67 35.91 -14.24
CA ASP B 319 19.28 35.21 -15.46
C ASP B 319 18.24 36.04 -16.18
N THR B 320 17.95 35.65 -17.42
CA THR B 320 17.00 36.35 -18.27
C THR B 320 16.21 35.34 -19.09
N PRO B 321 14.96 35.68 -19.48
CA PRO B 321 14.19 34.84 -20.39
C PRO B 321 15.00 34.58 -21.67
N PRO B 322 14.90 33.37 -22.23
CA PRO B 322 14.05 32.25 -21.82
C PRO B 322 14.72 31.31 -20.82
N PHE B 323 15.69 31.82 -20.06
CA PHE B 323 16.35 31.06 -19.00
C PHE B 323 16.96 29.77 -19.54
N TYR B 324 17.76 29.90 -20.58
CA TYR B 324 18.23 28.75 -21.33
C TYR B 324 19.67 29.02 -21.77
N SER B 325 20.22 28.10 -22.59
CA SER B 325 21.60 28.26 -23.01
C SER B 325 21.78 29.37 -24.03
N ASN B 326 20.70 30.00 -24.53
CA ASN B 326 20.86 31.15 -25.41
C ASN B 326 20.42 32.47 -24.78
N SER B 327 20.35 32.57 -23.45
CA SER B 327 20.04 33.85 -22.82
C SER B 327 21.19 34.84 -22.99
N THR B 328 20.85 36.12 -23.15
CA THR B 328 21.83 37.20 -23.18
C THR B 328 21.71 38.05 -21.92
N ASN B 329 22.83 38.67 -21.52
CA ASN B 329 22.90 39.53 -20.32
C ASN B 329 22.47 38.77 -19.08
N SER B 330 22.74 37.47 -19.07
CA SER B 330 22.45 36.60 -17.95
C SER B 330 23.76 36.24 -17.25
N PHE B 331 23.91 36.58 -15.97
CA PHE B 331 25.13 36.14 -15.29
C PHE B 331 25.25 34.63 -15.33
N ARG B 332 24.15 33.93 -15.06
CA ARG B 332 24.17 32.48 -15.03
C ARG B 332 24.67 31.93 -16.36
N ASN B 333 24.12 32.40 -17.49
CA ASN B 333 24.55 31.87 -18.79
C ASN B 333 25.96 32.31 -19.14
N THR B 334 26.41 33.43 -18.58
CA THR B 334 27.76 33.88 -18.88
C THR B 334 28.79 32.98 -18.18
N VAL B 335 28.61 32.77 -16.88
CA VAL B 335 29.54 31.96 -16.13
C VAL B 335 29.44 30.50 -16.54
N GLU B 336 28.23 30.04 -16.90
CA GLU B 336 28.12 28.67 -17.41
C GLU B 336 28.93 28.52 -18.68
N GLY B 337 28.96 29.57 -19.51
CA GLY B 337 29.85 29.67 -20.64
C GLY B 337 29.21 29.63 -22.01
N PHE B 338 27.90 29.87 -22.12
CA PHE B 338 27.26 29.93 -23.43
C PHE B 338 27.27 31.33 -24.02
N SER B 339 27.45 32.36 -23.20
CA SER B 339 27.68 33.73 -23.64
C SER B 339 29.16 34.08 -23.47
N ASP B 340 29.58 35.13 -24.17
CA ASP B 340 30.93 35.61 -23.96
C ASP B 340 30.96 36.36 -22.63
N PRO B 341 32.15 36.62 -22.07
CA PRO B 341 32.23 37.17 -20.71
C PRO B 341 31.53 38.50 -20.51
N THR B 342 31.24 39.25 -21.59
CA THR B 342 30.53 40.49 -21.37
C THR B 342 29.04 40.27 -21.21
N GLY B 343 28.55 39.06 -21.48
CA GLY B 343 27.15 38.72 -21.35
C GLY B 343 26.41 38.54 -22.66
N LYS B 344 27.09 38.73 -23.79
CA LYS B 344 26.47 38.61 -25.10
C LYS B 344 26.48 37.15 -25.55
N TYR B 345 25.33 36.65 -25.99
CA TYR B 345 25.27 35.27 -26.45
C TYR B 345 25.77 35.17 -27.87
N ASP B 346 26.46 34.07 -28.15
CA ASP B 346 26.91 33.82 -29.51
C ASP B 346 27.04 32.31 -29.63
N PRO B 347 26.34 31.65 -30.56
CA PRO B 347 26.37 30.18 -30.61
C PRO B 347 27.75 29.59 -30.85
N ALA B 348 28.73 30.37 -31.29
CA ALA B 348 30.05 29.84 -31.58
C ALA B 348 30.99 29.90 -30.39
N VAL B 349 30.60 30.54 -29.29
CA VAL B 349 31.54 30.83 -28.20
C VAL B 349 31.42 29.77 -27.11
N SER B 350 32.57 29.38 -26.58
CA SER B 350 32.68 28.67 -25.31
C SER B 350 33.59 29.48 -24.42
N SER B 351 33.11 29.80 -23.23
CA SER B 351 33.92 30.56 -22.29
C SER B 351 33.73 29.98 -20.90
N LEU B 352 34.49 30.54 -19.95
CA LEU B 352 34.48 30.21 -18.53
C LEU B 352 34.23 28.72 -18.30
N HIS B 353 33.11 28.35 -17.65
CA HIS B 353 32.95 26.98 -17.17
C HIS B 353 32.96 25.97 -18.32
N ASN B 354 32.21 26.22 -19.40
CA ASN B 354 32.20 25.29 -20.52
C ASN B 354 33.58 25.15 -21.14
N LEU B 355 34.28 26.28 -21.31
CA LEU B 355 35.61 26.25 -21.90
C LEU B 355 36.57 25.42 -21.04
N ALA B 356 36.50 25.60 -19.72
CA ALA B 356 37.33 24.81 -18.85
C ALA B 356 37.09 23.32 -19.05
N HIS B 357 35.83 22.93 -19.28
CA HIS B 357 35.51 21.52 -19.54
C HIS B 357 36.09 21.05 -20.86
N LEU B 358 35.83 21.79 -21.94
CA LEU B 358 36.23 21.37 -23.27
C LEU B 358 37.73 21.38 -23.43
N PHE B 359 38.41 22.28 -22.70
CA PHE B 359 39.86 22.33 -22.69
C PHE B 359 40.45 20.98 -22.34
N LEU B 360 39.77 20.21 -21.48
CA LEU B 360 40.32 18.92 -21.05
C LEU B 360 40.33 17.88 -22.16
N ASN B 361 39.54 18.08 -23.21
CA ASN B 361 39.49 17.21 -24.39
C ASN B 361 39.50 15.73 -23.98
N GLY B 362 38.48 15.35 -23.21
CA GLY B 362 38.42 13.99 -22.71
C GLY B 362 37.20 13.71 -21.86
N THR B 363 37.35 12.80 -20.90
CA THR B 363 36.28 12.47 -19.98
C THR B 363 35.62 13.71 -19.37
N GLY B 364 36.45 14.66 -18.91
CA GLY B 364 35.98 15.87 -18.29
C GLY B 364 35.23 16.79 -19.21
N GLY B 365 35.24 16.53 -20.52
CA GLY B 365 34.52 17.40 -21.42
C GLY B 365 33.32 16.74 -22.09
N GLN B 366 32.80 15.67 -21.49
CA GLN B 366 31.59 14.97 -21.92
C GLN B 366 30.56 15.03 -20.80
N VAL B 367 29.32 15.43 -21.14
CA VAL B 367 28.41 15.87 -20.08
C VAL B 367 27.96 14.70 -19.21
N HIS B 368 27.76 13.53 -19.80
CA HIS B 368 27.33 12.38 -19.00
C HIS B 368 28.45 11.79 -18.18
N LEU B 369 29.70 12.17 -18.44
CA LEU B 369 30.84 11.54 -17.78
C LEU B 369 31.72 12.48 -16.97
N SER B 370 31.57 13.80 -17.12
CA SER B 370 32.67 14.69 -16.72
C SER B 370 33.10 14.58 -15.26
N PRO B 371 32.23 14.36 -14.26
CA PRO B 371 32.75 14.19 -12.89
C PRO B 371 33.66 12.98 -12.70
N ASN B 372 33.69 12.01 -13.62
CA ASN B 372 34.64 10.90 -13.49
C ASN B 372 36.08 11.40 -13.39
N ASP B 373 36.37 12.55 -14.01
CA ASP B 373 37.68 13.19 -13.92
C ASP B 373 37.68 14.07 -12.69
N PRO B 374 38.49 13.79 -11.67
CA PRO B 374 38.39 14.56 -10.42
C PRO B 374 38.71 16.04 -10.59
N ILE B 375 39.32 16.46 -11.69
CA ILE B 375 39.42 17.90 -11.95
C ILE B 375 38.07 18.60 -11.88
N PHE B 376 36.98 17.86 -12.16
CA PHE B 376 35.62 18.38 -12.08
C PHE B 376 35.36 19.08 -10.75
N VAL B 377 35.69 18.40 -9.64
CA VAL B 377 35.56 18.97 -8.31
C VAL B 377 36.16 20.37 -8.27
N LEU B 378 37.42 20.49 -8.72
CA LEU B 378 38.17 21.73 -8.60
C LEU B 378 37.67 22.79 -9.57
N LEU B 379 37.27 22.37 -10.75
CA LEU B 379 36.59 23.26 -11.68
C LEU B 379 35.31 23.84 -11.09
N HIS B 380 34.55 23.02 -10.36
CA HIS B 380 33.27 23.54 -9.93
C HIS B 380 33.33 24.31 -8.63
N THR B 381 34.31 24.03 -7.76
CA THR B 381 34.46 24.88 -6.60
C THR B 381 34.90 26.28 -7.02
N PHE B 382 35.72 26.37 -8.07
CA PHE B 382 36.06 27.69 -8.57
C PHE B 382 34.84 28.35 -9.20
N THR B 383 34.05 27.60 -10.00
CA THR B 383 32.80 28.14 -10.55
C THR B 383 31.88 28.62 -9.43
N ASP B 384 31.78 27.83 -8.35
CA ASP B 384 30.96 28.19 -7.20
C ASP B 384 31.50 29.43 -6.48
N ALA B 385 32.83 29.64 -6.51
CA ALA B 385 33.39 30.84 -5.89
C ALA B 385 32.98 32.10 -6.65
N VAL B 386 33.02 32.05 -7.99
CA VAL B 386 32.48 33.15 -8.78
C VAL B 386 31.02 33.36 -8.43
N PHE B 387 30.25 32.27 -8.34
CA PHE B 387 28.84 32.38 -7.97
C PHE B 387 28.71 33.13 -6.65
N ASP B 388 29.48 32.73 -5.63
CA ASP B 388 29.37 33.37 -4.32
C ASP B 388 29.77 34.84 -4.36
N GLU B 389 30.80 35.17 -5.16
CA GLU B 389 31.17 36.58 -5.27
C GLU B 389 30.06 37.38 -5.95
N TRP B 390 29.40 36.80 -6.96
CA TRP B 390 28.23 37.47 -7.53
C TRP B 390 27.16 37.70 -6.47
N LEU B 391 26.88 36.68 -5.65
CA LEU B 391 25.86 36.80 -4.61
C LEU B 391 26.20 37.93 -3.63
N ARG B 392 27.48 38.08 -3.28
CA ARG B 392 27.86 39.11 -2.32
C ARG B 392 27.69 40.49 -2.92
N ARG B 393 28.04 40.63 -4.19
CA ARG B 393 28.09 41.91 -4.88
C ARG B 393 26.71 42.45 -5.25
N TYR B 394 25.75 41.57 -5.49
CA TYR B 394 24.40 41.95 -5.87
C TYR B 394 23.39 41.55 -4.81
N ASN B 395 23.86 41.34 -3.58
CA ASN B 395 23.01 41.16 -2.40
C ASN B 395 22.04 40.01 -2.57
N ALA B 396 22.51 38.95 -3.23
CA ALA B 396 21.76 37.73 -3.37
C ALA B 396 20.39 38.00 -3.99
N ASP B 397 20.39 38.80 -5.05
CA ASP B 397 19.15 39.25 -5.68
C ASP B 397 18.55 38.10 -6.47
N ILE B 398 17.53 37.46 -5.89
CA ILE B 398 16.93 36.29 -6.51
C ILE B 398 15.77 36.62 -7.43
N SER B 399 15.45 37.90 -7.63
CA SER B 399 14.22 38.22 -8.34
C SER B 399 14.22 37.71 -9.79
N THR B 400 15.37 37.65 -10.45
CA THR B 400 15.37 37.14 -11.84
C THR B 400 15.46 35.61 -11.93
N PHE B 401 15.60 34.89 -10.82
CA PHE B 401 15.50 33.45 -10.85
C PHE B 401 14.02 33.09 -11.03
N PRO B 402 13.60 32.59 -12.19
CA PRO B 402 12.15 32.49 -12.46
C PRO B 402 11.45 31.50 -11.56
N LEU B 403 10.20 31.83 -11.23
CA LEU B 403 9.37 30.88 -10.51
C LEU B 403 8.67 29.93 -11.47
N GLU B 404 8.44 30.36 -12.70
CA GLU B 404 7.68 29.59 -13.69
C GLU B 404 8.34 29.72 -15.05
N ASN B 405 8.00 28.79 -15.94
CA ASN B 405 8.35 28.84 -17.37
C ASN B 405 9.84 28.64 -17.64
N ALA B 406 10.63 28.27 -16.65
CA ALA B 406 11.99 27.82 -16.86
C ALA B 406 11.96 26.43 -17.45
N PRO B 407 13.03 25.99 -18.12
CA PRO B 407 13.10 24.59 -18.55
C PRO B 407 12.85 23.67 -17.37
N ILE B 408 12.33 22.47 -17.65
CA ILE B 408 11.93 21.60 -16.56
C ILE B 408 13.14 21.32 -15.70
N GLY B 409 12.94 21.38 -14.39
CA GLY B 409 13.97 21.21 -13.39
C GLY B 409 14.54 22.52 -12.88
N HIS B 410 14.28 23.64 -13.56
CA HIS B 410 14.95 24.90 -13.26
C HIS B 410 14.06 25.97 -12.65
N ASN B 411 12.78 25.70 -12.43
CA ASN B 411 11.96 26.64 -11.68
C ASN B 411 12.55 26.83 -10.31
N ARG B 412 12.34 28.01 -9.72
CA ARG B 412 13.04 28.34 -8.49
C ARG B 412 12.75 27.31 -7.40
N GLN B 413 11.50 26.85 -7.28
CA GLN B 413 11.12 25.93 -6.20
C GLN B 413 11.20 24.46 -6.60
N TYR B 414 11.72 24.14 -7.77
CA TYR B 414 11.99 22.76 -8.09
C TYR B 414 13.00 22.18 -7.10
N ASN B 415 12.71 20.97 -6.63
CA ASN B 415 13.67 20.21 -5.85
C ASN B 415 14.75 19.68 -6.77
N MET B 416 16.00 20.05 -6.50
CA MET B 416 17.09 19.73 -7.43
C MET B 416 17.29 18.23 -7.56
N VAL B 417 17.29 17.75 -8.81
CA VAL B 417 17.29 16.32 -9.09
C VAL B 417 18.68 15.70 -9.21
N PRO B 418 18.95 14.57 -8.52
CA PRO B 418 18.09 13.76 -7.66
C PRO B 418 18.47 13.84 -6.21
N PHE B 419 18.66 15.06 -5.69
CA PHE B 419 19.21 15.16 -4.35
C PHE B 419 18.18 14.78 -3.30
N TRP B 420 18.67 14.16 -2.23
CA TRP B 420 17.84 13.70 -1.12
C TRP B 420 18.53 14.05 0.20
N PRO B 421 17.78 14.56 1.20
CA PRO B 421 16.36 14.97 1.11
C PRO B 421 16.11 16.12 0.12
N PRO B 422 14.84 16.34 -0.25
CA PRO B 422 14.52 17.40 -1.20
C PRO B 422 15.10 18.73 -0.77
N VAL B 423 15.73 19.41 -1.71
CA VAL B 423 16.32 20.72 -1.47
C VAL B 423 16.09 21.55 -2.71
N THR B 424 15.62 22.77 -2.53
CA THR B 424 15.22 23.63 -3.63
C THR B 424 16.38 24.48 -4.10
N ASN B 425 16.26 25.01 -5.32
CA ASN B 425 17.25 25.97 -5.79
C ASN B 425 17.36 27.14 -4.83
N THR B 426 16.22 27.59 -4.29
CA THR B 426 16.19 28.74 -3.38
C THR B 426 17.14 28.58 -2.20
N GLU B 427 17.21 27.39 -1.61
CA GLU B 427 18.00 27.21 -0.39
C GLU B 427 19.48 27.40 -0.61
N MET B 428 19.95 27.24 -1.85
CA MET B 428 21.34 27.42 -2.18
C MET B 428 21.64 28.83 -2.66
N PHE B 429 20.61 29.62 -2.95
CA PHE B 429 20.79 30.98 -3.46
C PHE B 429 20.99 31.94 -2.27
N VAL B 430 22.06 31.67 -1.52
CA VAL B 430 22.40 32.40 -0.31
C VAL B 430 23.92 32.52 -0.28
N THR B 431 24.41 33.63 0.26
CA THR B 431 25.85 33.81 0.42
C THR B 431 26.39 32.71 1.33
N ALA B 432 27.46 32.05 0.89
CA ALA B 432 27.89 30.86 1.63
C ALA B 432 28.47 31.14 3.02
N PRO B 433 29.29 32.19 3.22
CA PRO B 433 29.94 32.33 4.56
C PRO B 433 28.96 32.38 5.73
N ASP B 434 27.84 33.06 5.57
CA ASP B 434 26.86 33.21 6.64
C ASP B 434 25.75 32.17 6.61
N ASN B 435 25.62 31.39 5.54
CA ASN B 435 24.49 30.51 5.44
C ASN B 435 24.84 29.06 5.19
N LEU B 436 26.05 28.74 4.70
CA LEU B 436 26.40 27.36 4.36
C LEU B 436 27.67 26.87 5.03
N GLY B 437 28.32 27.70 5.85
CA GLY B 437 29.44 27.21 6.61
C GLY B 437 30.72 27.13 5.82
N TYR B 438 30.83 27.86 4.72
CA TYR B 438 32.09 27.82 4.00
C TYR B 438 32.33 29.13 3.27
N THR B 439 33.61 29.39 2.99
CA THR B 439 33.99 30.59 2.26
C THR B 439 35.22 30.27 1.44
N TYR B 440 35.53 31.15 0.50
CA TYR B 440 36.68 31.02 -0.38
C TYR B 440 37.77 31.99 0.04
N GLU B 441 38.99 31.48 0.20
CA GLU B 441 40.15 32.36 0.27
C GLU B 441 40.54 32.74 -1.14
N ILE B 442 40.18 33.96 -1.56
CA ILE B 442 40.38 34.34 -2.94
C ILE B 442 40.31 35.86 -3.06
N GLN B 443 40.99 36.38 -4.07
CA GLN B 443 40.96 37.79 -4.44
C GLN B 443 40.61 37.87 -5.91
N TRP B 444 39.84 38.91 -6.28
CA TRP B 444 39.27 38.97 -7.63
C TRP B 444 39.97 40.06 -8.45
N PRO B 445 40.20 39.84 -9.75
CA PRO B 445 40.98 40.82 -10.53
C PRO B 445 40.30 42.19 -10.59
N SER B 446 41.10 43.24 -10.42
CA SER B 446 40.51 44.58 -10.37
C SER B 446 41.62 45.50 -10.85
N GLN C 1 -4.46 -26.47 26.70
CA GLN C 1 -5.33 -27.11 27.72
C GLN C 1 -5.37 -26.24 28.94
N PHE C 2 -5.41 -26.76 30.18
CA PHE C 2 -5.80 -25.79 31.19
C PHE C 2 -4.76 -25.64 32.30
N PRO C 3 -4.63 -24.44 32.87
CA PRO C 3 -3.69 -24.26 33.98
C PRO C 3 -4.13 -25.08 35.18
N ARG C 4 -3.13 -25.59 35.91
CA ARG C 4 -3.40 -26.48 37.02
C ARG C 4 -4.34 -25.86 38.04
N GLN C 5 -4.24 -24.55 38.28
CA GLN C 5 -5.09 -23.91 39.28
C GLN C 5 -6.53 -23.74 38.80
N CYS C 6 -6.80 -23.89 37.49
CA CYS C 6 -8.17 -23.86 36.97
C CYS C 6 -8.75 -25.25 36.76
N ALA C 7 -7.96 -26.31 36.91
CA ALA C 7 -8.44 -27.68 36.76
C ALA C 7 -8.92 -28.21 38.11
N THR C 8 -9.85 -27.48 38.70
CA THR C 8 -10.37 -27.77 40.03
C THR C 8 -11.89 -27.78 39.96
N VAL C 9 -12.51 -28.41 40.97
CA VAL C 9 -13.96 -28.48 41.05
C VAL C 9 -14.57 -27.07 41.10
N GLU C 10 -14.04 -26.21 41.99
CA GLU C 10 -14.50 -24.83 42.10
C GLU C 10 -14.44 -24.08 40.78
N ALA C 11 -13.31 -24.20 40.05
CA ALA C 11 -13.13 -23.42 38.82
C ALA C 11 -14.02 -23.93 37.69
N LEU C 12 -14.05 -25.25 37.48
CA LEU C 12 -14.92 -25.79 36.46
C LEU C 12 -16.38 -25.43 36.72
N ARG C 13 -16.78 -25.40 38.00
CA ARG C 13 -18.15 -25.07 38.36
C ARG C 13 -18.49 -23.62 38.02
N SER C 14 -17.61 -22.68 38.37
CA SER C 14 -17.85 -21.27 38.11
C SER C 14 -17.70 -20.89 36.65
N GLY C 15 -17.18 -21.78 35.80
CA GLY C 15 -16.93 -21.43 34.41
C GLY C 15 -15.90 -20.34 34.21
N MET C 16 -15.06 -20.05 35.21
CA MET C 16 -14.12 -18.94 35.18
C MET C 16 -12.68 -19.46 35.34
N CYS C 17 -11.83 -19.18 34.35
CA CYS C 17 -10.41 -19.52 34.48
C CYS C 17 -9.61 -18.22 34.49
N CYS C 18 -9.47 -17.64 35.68
CA CYS C 18 -8.91 -16.29 35.83
C CYS C 18 -7.95 -16.26 37.00
N PRO C 19 -6.85 -17.01 36.92
CA PRO C 19 -5.99 -17.17 38.09
C PRO C 19 -5.30 -15.86 38.46
N ASP C 20 -4.93 -15.81 39.74
CA ASP C 20 -4.22 -14.66 40.26
C ASP C 20 -2.79 -14.62 39.76
N LEU C 21 -2.17 -13.46 39.91
CA LEU C 21 -0.80 -13.26 39.50
C LEU C 21 0.10 -13.15 40.74
N SER C 22 0.13 -11.98 41.37
CA SER C 22 0.82 -11.78 42.63
C SER C 22 -0.23 -11.37 43.66
N PRO C 23 -0.88 -12.33 44.31
CA PRO C 23 -1.93 -11.99 45.29
C PRO C 23 -1.38 -11.72 46.68
N VAL C 24 -1.87 -10.65 47.30
CA VAL C 24 -1.34 -10.14 48.56
C VAL C 24 -2.47 -9.64 49.44
N SER C 25 -3.71 -9.92 49.07
CA SER C 25 -4.84 -9.71 49.97
C SER C 25 -5.58 -11.01 50.17
N GLY C 26 -5.00 -12.12 49.71
CA GLY C 26 -5.70 -13.37 49.57
C GLY C 26 -5.78 -13.72 48.10
N PRO C 27 -6.49 -14.80 47.77
CA PRO C 27 -6.82 -15.11 46.38
C PRO C 27 -7.98 -14.29 45.83
N GLY C 28 -8.05 -14.24 44.51
CA GLY C 28 -8.98 -13.32 43.85
C GLY C 28 -8.58 -11.86 43.94
N THR C 29 -7.45 -11.56 44.58
CA THR C 29 -6.98 -10.19 44.80
C THR C 29 -6.29 -9.59 43.58
N ASP C 30 -5.57 -10.42 42.81
CA ASP C 30 -4.83 -9.97 41.62
C ASP C 30 -5.17 -10.85 40.43
N ARG C 31 -6.47 -11.08 40.19
CA ARG C 31 -6.88 -11.89 39.04
C ARG C 31 -6.33 -11.27 37.76
N CYS C 32 -5.64 -12.09 36.97
CA CYS C 32 -5.13 -11.65 35.68
C CYS C 32 -4.14 -10.50 35.84
N GLY C 33 -3.52 -10.40 37.01
CA GLY C 33 -2.61 -9.28 37.26
C GLY C 33 -3.28 -7.93 37.18
N SER C 34 -4.58 -7.87 37.46
CA SER C 34 -5.34 -6.63 37.36
C SER C 34 -4.88 -5.56 38.33
N SER C 35 -4.29 -5.92 39.47
CA SER C 35 -3.88 -4.87 40.39
C SER C 35 -2.67 -4.10 39.87
N SER C 36 -1.80 -4.74 39.08
CA SER C 36 -0.90 -3.98 38.23
C SER C 36 -1.66 -3.67 36.94
N GLY C 37 -1.02 -3.08 35.95
CA GLY C 37 -1.87 -2.77 34.81
C GLY C 37 -2.13 -3.89 33.82
N ARG C 38 -1.94 -5.16 34.22
CA ARG C 38 -1.54 -6.17 33.22
C ARG C 38 -2.70 -6.86 32.51
N GLY C 39 -3.85 -7.03 33.16
CA GLY C 39 -4.96 -7.73 32.53
C GLY C 39 -6.22 -7.70 33.37
N ARG C 40 -7.29 -8.25 32.82
CA ARG C 40 -8.55 -8.34 33.54
C ARG C 40 -9.25 -9.66 33.19
N CYS C 41 -10.07 -10.13 34.11
CA CYS C 41 -10.96 -11.24 33.84
C CYS C 41 -12.15 -10.72 33.05
N GLU C 42 -12.40 -11.29 31.88
CA GLU C 42 -13.54 -10.84 31.10
C GLU C 42 -14.15 -12.02 30.36
N ALA C 43 -15.34 -11.77 29.80
CA ALA C 43 -16.05 -12.79 29.06
C ALA C 43 -15.19 -13.28 27.90
N VAL C 44 -15.27 -14.59 27.62
CA VAL C 44 -14.57 -15.19 26.49
C VAL C 44 -15.29 -14.79 25.20
N THR C 45 -14.52 -14.40 24.20
CA THR C 45 -15.05 -14.19 22.86
C THR C 45 -14.86 -15.46 22.04
N ALA C 46 -15.97 -16.01 21.52
CA ALA C 46 -15.97 -17.25 20.76
C ALA C 46 -16.66 -17.07 19.41
N ASP C 47 -16.14 -17.75 18.40
CA ASP C 47 -16.69 -17.70 17.04
C ASP C 47 -18.07 -18.35 17.00
N SER C 48 -19.11 -17.54 16.80
CA SER C 48 -20.45 -18.09 16.67
C SER C 48 -20.82 -18.48 15.25
N ARG C 49 -20.07 -18.02 14.26
CA ARG C 49 -20.51 -18.10 12.88
C ARG C 49 -20.47 -19.54 12.39
N PRO C 50 -21.29 -19.86 11.38
CA PRO C 50 -21.41 -21.26 10.94
C PRO C 50 -20.14 -21.85 10.33
N HIS C 51 -20.05 -23.16 10.42
CA HIS C 51 -19.02 -23.96 9.75
C HIS C 51 -19.67 -24.74 8.63
N SER C 52 -18.84 -25.40 7.83
CA SER C 52 -19.29 -26.25 6.74
C SER C 52 -20.13 -27.41 7.29
N PRO C 53 -21.08 -27.92 6.51
CA PRO C 53 -21.96 -29.01 6.98
C PRO C 53 -21.25 -30.35 7.17
N GLN C 54 -19.97 -30.47 6.80
CA GLN C 54 -19.29 -31.76 6.89
C GLN C 54 -19.29 -32.32 8.32
N TYR C 55 -19.24 -31.45 9.33
CA TYR C 55 -19.43 -31.87 10.72
C TYR C 55 -20.90 -31.71 11.09
N PRO C 56 -21.65 -32.80 11.28
CA PRO C 56 -23.08 -32.69 11.58
C PRO C 56 -23.44 -32.74 13.05
N HIS C 57 -22.48 -32.96 13.96
CA HIS C 57 -22.78 -33.33 15.34
C HIS C 57 -22.71 -32.15 16.30
N ASP C 58 -23.09 -30.95 15.88
CA ASP C 58 -23.08 -29.81 16.78
C ASP C 58 -23.80 -30.11 18.09
N GLY C 59 -23.09 -29.94 19.21
CA GLY C 59 -23.60 -30.23 20.53
C GLY C 59 -23.02 -31.47 21.20
N ARG C 60 -22.32 -32.32 20.46
CA ARG C 60 -21.81 -33.58 20.99
C ARG C 60 -20.34 -33.52 21.43
N ASP C 61 -19.60 -32.46 21.08
CA ASP C 61 -18.14 -32.47 21.22
C ASP C 61 -17.67 -31.27 22.05
N ASP C 62 -16.72 -31.52 22.97
CA ASP C 62 -16.23 -30.43 23.80
C ASP C 62 -15.42 -29.39 23.03
N ARG C 63 -14.98 -29.68 21.79
CA ARG C 63 -14.14 -28.75 21.06
C ARG C 63 -14.93 -27.66 20.33
N GLU C 64 -16.25 -27.82 20.19
CA GLU C 64 -17.07 -26.79 19.56
C GLU C 64 -17.04 -25.50 20.37
N VAL C 65 -17.14 -24.37 19.66
CA VAL C 65 -17.00 -23.02 20.22
C VAL C 65 -15.98 -22.99 21.35
N TRP C 66 -14.82 -23.60 21.11
CA TRP C 66 -13.68 -23.56 22.04
C TRP C 66 -13.43 -22.16 22.54
N PRO C 67 -13.33 -21.99 23.87
CA PRO C 67 -13.35 -23.00 24.94
C PRO C 67 -14.63 -23.01 25.77
N LEU C 68 -15.78 -22.74 25.15
CA LEU C 68 -16.98 -22.39 25.91
C LEU C 68 -17.59 -23.57 26.64
N ARG C 69 -17.30 -24.80 26.21
CA ARG C 69 -17.78 -25.96 26.96
C ARG C 69 -17.22 -25.99 28.38
N PHE C 70 -16.03 -25.43 28.60
CA PHE C 70 -15.36 -25.46 29.89
C PHE C 70 -15.29 -24.11 30.59
N PHE C 71 -15.11 -23.01 29.86
CA PHE C 71 -15.02 -21.70 30.51
C PHE C 71 -15.56 -20.59 29.61
N ASN C 72 -16.28 -19.64 30.23
CA ASN C 72 -16.74 -18.44 29.53
C ASN C 72 -16.10 -17.17 30.06
N ARG C 73 -15.23 -17.25 31.05
CA ARG C 73 -14.47 -16.10 31.53
C ARG C 73 -12.98 -16.44 31.56
N THR C 74 -12.17 -15.53 31.05
CA THR C 74 -10.75 -15.79 30.82
C THR C 74 -9.97 -14.54 31.13
N CYS C 75 -8.69 -14.71 31.42
CA CYS C 75 -7.82 -13.55 31.51
C CYS C 75 -7.61 -12.99 30.11
N HIS C 76 -7.92 -11.70 29.94
CA HIS C 76 -7.53 -10.98 28.74
C HIS C 76 -6.49 -9.96 29.12
N CYS C 77 -5.38 -9.95 28.41
CA CYS C 77 -4.21 -9.21 28.80
C CYS C 77 -4.10 -7.91 28.02
N ASN C 78 -3.50 -6.92 28.67
CA ASN C 78 -3.31 -5.60 28.08
C ASN C 78 -1.95 -5.49 27.41
N GLY C 79 -1.86 -4.58 26.45
CA GLY C 79 -0.57 -4.21 25.91
C GLY C 79 0.18 -5.41 25.38
N ASN C 80 1.45 -5.52 25.75
CA ASN C 80 2.28 -6.65 25.36
C ASN C 80 2.50 -7.64 26.49
N PHE C 81 1.66 -7.59 27.52
CA PHE C 81 1.57 -8.66 28.49
C PHE C 81 0.85 -9.85 27.85
N SER C 82 1.09 -11.04 28.39
CA SER C 82 0.49 -12.26 27.85
C SER C 82 0.48 -13.30 28.96
N GLY C 83 -0.10 -14.45 28.65
CA GLY C 83 -0.08 -15.59 29.56
C GLY C 83 -1.42 -15.79 30.25
N HIS C 84 -1.52 -16.98 30.86
CA HIS C 84 -2.78 -17.46 31.42
C HIS C 84 -3.26 -16.56 32.55
N ASN C 85 -2.35 -15.92 33.27
CA ASN C 85 -2.70 -14.90 34.26
C ASN C 85 -2.05 -13.55 33.94
N CYS C 86 -1.65 -13.35 32.68
CA CYS C 86 -1.06 -12.10 32.20
C CYS C 86 0.29 -11.80 32.85
N GLY C 87 0.92 -12.82 33.44
CA GLY C 87 2.18 -12.62 34.10
C GLY C 87 3.39 -12.76 33.21
N THR C 88 3.21 -13.00 31.91
CA THR C 88 4.39 -13.00 31.06
C THR C 88 4.19 -12.01 29.90
N CYS C 89 5.01 -12.08 28.86
CA CYS C 89 4.98 -11.14 27.74
C CYS C 89 4.58 -11.85 26.45
N ARG C 90 4.02 -11.07 25.51
CA ARG C 90 3.81 -11.55 24.14
C ARG C 90 5.15 -11.94 23.49
N PRO C 91 5.13 -12.75 22.44
CA PRO C 91 6.39 -13.19 21.82
C PRO C 91 7.19 -12.00 21.30
N GLY C 92 8.49 -12.06 21.53
CA GLY C 92 9.38 -11.00 21.12
C GLY C 92 9.50 -9.86 22.12
N TRP C 93 8.90 -9.98 23.31
CA TRP C 93 9.06 -8.97 24.33
C TRP C 93 9.49 -9.63 25.62
N ARG C 94 10.36 -8.94 26.35
CA ARG C 94 10.71 -9.33 27.70
C ARG C 94 10.70 -8.10 28.58
N GLY C 95 10.98 -8.31 29.86
CA GLY C 95 11.00 -7.26 30.85
C GLY C 95 9.78 -7.30 31.75
N ALA C 96 9.94 -6.69 32.94
CA ALA C 96 8.82 -6.53 33.87
C ALA C 96 7.65 -5.84 33.20
N ALA C 97 7.91 -4.76 32.45
CA ALA C 97 6.92 -4.01 31.69
C ALA C 97 6.78 -4.48 30.24
N CYS C 98 7.40 -5.60 29.87
CA CYS C 98 7.30 -6.18 28.53
C CYS C 98 7.64 -5.15 27.45
N ASP C 99 8.70 -4.39 27.67
CA ASP C 99 9.09 -3.33 26.76
C ASP C 99 10.52 -3.47 26.28
N GLN C 100 11.14 -4.64 26.47
CA GLN C 100 12.47 -4.92 25.94
C GLN C 100 12.34 -6.01 24.87
N ARG C 101 12.56 -5.63 23.61
CA ARG C 101 12.41 -6.55 22.48
C ARG C 101 13.56 -7.54 22.42
N VAL C 102 13.25 -8.78 22.07
CA VAL C 102 14.26 -9.76 21.70
C VAL C 102 13.83 -10.36 20.36
N LEU C 103 14.80 -10.69 19.52
CA LEU C 103 14.52 -11.25 18.20
C LEU C 103 15.20 -12.61 18.14
N ILE C 104 14.42 -13.64 18.09
CA ILE C 104 14.85 -15.01 18.04
C ILE C 104 15.12 -15.37 16.58
N VAL C 105 16.14 -16.18 16.31
CA VAL C 105 16.47 -16.58 14.94
C VAL C 105 16.42 -18.10 14.83
N ARG C 106 15.56 -18.60 13.93
CA ARG C 106 15.48 -20.03 13.67
C ARG C 106 16.36 -20.40 12.49
N ARG C 107 17.30 -21.30 12.72
CA ARG C 107 18.32 -21.62 11.72
C ARG C 107 18.21 -23.05 11.25
N ASN C 108 18.87 -23.34 10.11
CA ASN C 108 18.96 -24.71 9.60
C ASN C 108 19.68 -25.56 10.62
N LEU C 109 19.03 -26.65 11.06
CA LEU C 109 19.65 -27.52 12.05
C LEU C 109 21.02 -28.00 11.60
N LEU C 110 21.24 -28.15 10.30
CA LEU C 110 22.54 -28.62 9.80
C LEU C 110 23.61 -27.54 9.82
N ASP C 111 23.25 -26.26 9.96
CA ASP C 111 24.22 -25.18 10.14
C ASP C 111 24.63 -24.96 11.60
N LEU C 112 24.08 -25.71 12.55
CA LEU C 112 24.40 -25.46 13.94
C LEU C 112 25.79 -26.03 14.26
N SER C 113 26.52 -25.34 15.12
CA SER C 113 27.80 -25.86 15.56
C SER C 113 27.59 -27.20 16.26
N LYS C 114 28.69 -27.89 16.52
CA LYS C 114 28.59 -29.17 17.21
C LYS C 114 28.01 -29.01 18.63
N GLU C 115 28.35 -27.93 19.32
CA GLU C 115 27.82 -27.69 20.67
C GLU C 115 26.34 -27.37 20.61
N GLU C 116 25.94 -26.51 19.66
CA GLU C 116 24.54 -26.15 19.51
C GLU C 116 23.67 -27.35 19.16
N LYS C 117 24.14 -28.23 18.27
CA LYS C 117 23.38 -29.43 17.97
C LYS C 117 23.15 -30.26 19.23
N ASN C 118 24.20 -30.43 20.02
CA ASN C 118 24.10 -31.22 21.24
C ASN C 118 23.18 -30.55 22.25
N HIS C 119 23.28 -29.21 22.35
CA HIS C 119 22.37 -28.45 23.20
C HIS C 119 20.92 -28.63 22.78
N PHE C 120 20.64 -28.54 21.47
CA PHE C 120 19.28 -28.75 20.99
C PHE C 120 18.76 -30.15 21.35
N VAL C 121 19.58 -31.18 21.13
CA VAL C 121 19.16 -32.55 21.41
C VAL C 121 18.94 -32.72 22.90
N ARG C 122 19.88 -32.23 23.72
CA ARG C 122 19.69 -32.25 25.17
C ARG C 122 18.47 -31.46 25.59
N ALA C 123 18.19 -30.31 24.95
CA ALA C 123 17.02 -29.53 25.31
C ALA C 123 15.73 -30.30 25.02
N LEU C 124 15.64 -30.93 23.84
CA LEU C 124 14.44 -31.71 23.52
C LEU C 124 14.25 -32.83 24.53
N ASP C 125 15.32 -33.55 24.84
CA ASP C 125 15.21 -34.69 25.74
C ASP C 125 14.81 -34.25 27.14
N MET C 126 15.27 -33.09 27.58
CA MET C 126 14.87 -32.57 28.89
C MET C 126 13.39 -32.17 28.90
N ALA C 127 12.90 -31.60 27.79
CA ALA C 127 11.48 -31.30 27.65
C ALA C 127 10.62 -32.56 27.69
N LYS C 128 11.14 -33.68 27.18
CA LYS C 128 10.39 -34.93 27.20
C LYS C 128 10.22 -35.46 28.62
N ARG C 129 11.13 -35.12 29.53
CA ARG C 129 11.09 -35.62 30.90
C ARG C 129 10.53 -34.62 31.92
N THR C 130 10.49 -33.31 31.62
CA THR C 130 10.19 -32.31 32.63
C THR C 130 8.70 -32.02 32.66
N THR C 131 8.14 -32.02 33.86
CA THR C 131 6.71 -31.77 34.02
C THR C 131 6.38 -30.37 33.52
N HIS C 132 5.38 -30.28 32.65
CA HIS C 132 4.93 -28.94 32.25
C HIS C 132 4.52 -28.17 33.50
N PRO C 133 5.11 -27.01 33.76
CA PRO C 133 4.83 -26.31 35.03
C PRO C 133 3.44 -25.74 35.11
N LEU C 134 2.81 -25.48 33.97
CA LEU C 134 1.54 -24.76 33.92
C LEU C 134 0.36 -25.65 33.59
N PHE C 135 0.41 -26.37 32.47
CA PHE C 135 -0.76 -27.07 31.97
C PHE C 135 -0.86 -28.49 32.52
N VAL C 136 -2.10 -28.92 32.67
CA VAL C 136 -2.44 -30.32 32.87
C VAL C 136 -3.41 -30.69 31.77
N ILE C 137 -3.66 -31.97 31.58
CA ILE C 137 -4.49 -32.45 30.49
C ILE C 137 -5.63 -33.29 31.02
N ALA C 138 -6.76 -33.22 30.34
CA ALA C 138 -7.93 -34.00 30.70
C ALA C 138 -7.76 -35.42 30.20
N THR C 139 -8.14 -36.39 31.04
CA THR C 139 -8.21 -37.78 30.60
C THR C 139 -9.62 -38.21 30.26
N ARG C 140 -10.61 -37.36 30.52
CA ARG C 140 -12.02 -37.64 30.27
C ARG C 140 -12.64 -36.45 29.56
N ARG C 141 -13.80 -36.70 28.93
CA ARG C 141 -14.63 -35.66 28.34
C ARG C 141 -15.41 -34.92 29.42
N SER C 142 -16.10 -33.85 29.02
CA SER C 142 -16.62 -32.88 30.00
C SER C 142 -17.68 -33.47 30.93
N GLU C 143 -18.48 -34.43 30.46
CA GLU C 143 -19.49 -35.01 31.34
C GLU C 143 -18.87 -35.80 32.49
N GLU C 144 -17.72 -36.45 32.28
CA GLU C 144 -17.04 -37.23 33.31
C GLU C 144 -15.86 -36.48 33.94
N ILE C 145 -15.66 -35.21 33.60
CA ILE C 145 -14.42 -34.51 33.94
C ILE C 145 -14.23 -34.40 35.45
N LEU C 146 -15.31 -34.40 36.23
CA LEU C 146 -15.18 -34.36 37.70
C LEU C 146 -15.15 -35.76 38.31
N GLY C 147 -14.95 -36.79 37.49
CA GLY C 147 -14.66 -38.12 37.99
C GLY C 147 -15.87 -38.92 38.46
N PRO C 148 -15.63 -40.14 38.92
CA PRO C 148 -16.75 -40.96 39.45
C PRO C 148 -17.58 -40.26 40.52
N ASP C 149 -16.95 -39.77 41.59
CA ASP C 149 -17.69 -39.18 42.69
C ASP C 149 -18.06 -37.71 42.48
N GLY C 150 -17.78 -37.15 41.30
CA GLY C 150 -18.05 -35.74 41.06
C GLY C 150 -17.20 -34.77 41.83
N ASN C 151 -16.18 -35.24 42.56
CA ASN C 151 -15.29 -34.35 43.29
C ASN C 151 -13.82 -34.65 42.99
N THR C 152 -13.53 -35.15 41.80
CA THR C 152 -12.19 -35.60 41.44
C THR C 152 -11.88 -35.22 39.99
N PRO C 153 -11.34 -34.03 39.76
CA PRO C 153 -11.09 -33.60 38.37
C PRO C 153 -10.17 -34.58 37.67
N GLN C 154 -10.52 -34.91 36.42
CA GLN C 154 -9.82 -35.96 35.67
C GLN C 154 -8.72 -35.34 34.80
N PHE C 155 -7.72 -34.83 35.50
CA PHE C 155 -6.59 -34.15 34.88
C PHE C 155 -5.29 -34.76 35.36
N GLU C 156 -4.29 -34.73 34.49
CA GLU C 156 -2.98 -35.29 34.79
C GLU C 156 -1.90 -34.29 34.43
N ASN C 157 -0.84 -34.31 35.23
CA ASN C 157 0.40 -33.67 34.79
C ASN C 157 0.94 -34.37 33.55
N ILE C 158 1.86 -33.69 32.87
CA ILE C 158 2.37 -34.18 31.61
C ILE C 158 3.62 -33.36 31.30
N SER C 159 4.55 -33.93 30.54
CA SER C 159 5.79 -33.22 30.27
C SER C 159 5.59 -32.10 29.27
N ILE C 160 6.54 -31.16 29.27
CA ILE C 160 6.54 -30.09 28.29
C ILE C 160 6.42 -30.64 26.87
N TYR C 161 7.13 -31.73 26.58
CA TYR C 161 7.04 -32.25 25.22
C TYR C 161 5.79 -33.10 25.01
N ASN C 162 5.34 -33.85 26.03
CA ASN C 162 4.13 -34.64 25.81
C ASN C 162 2.90 -33.73 25.67
N TYR C 163 2.91 -32.55 26.31
CA TYR C 163 1.84 -31.58 26.10
C TYR C 163 1.79 -31.18 24.63
N PHE C 164 2.95 -30.87 24.04
CA PHE C 164 3.07 -30.63 22.60
C PHE C 164 2.47 -31.77 21.79
N VAL C 165 2.61 -33.01 22.25
CA VAL C 165 2.02 -34.12 21.51
C VAL C 165 0.51 -34.15 21.71
N TRP C 166 0.07 -33.79 22.93
CA TRP C 166 -1.30 -34.04 23.36
C TRP C 166 -2.25 -33.04 22.74
N THR C 167 -1.81 -31.79 22.57
CA THR C 167 -2.66 -30.81 21.94
C THR C 167 -2.92 -31.18 20.49
N HIS C 168 -1.89 -31.64 19.79
CA HIS C 168 -2.06 -32.08 18.41
C HIS C 168 -3.05 -33.24 18.32
N TYR C 169 -2.94 -34.23 19.23
CA TYR C 169 -3.86 -35.37 19.24
C TYR C 169 -5.29 -34.91 19.48
N TYR C 170 -5.48 -34.03 20.46
CA TYR C 170 -6.80 -33.56 20.83
C TYR C 170 -7.43 -32.75 19.70
N SER C 171 -6.61 -32.11 18.88
CA SER C 171 -7.18 -31.34 17.79
C SER C 171 -7.62 -32.22 16.63
N VAL C 172 -7.17 -33.47 16.56
CA VAL C 172 -7.50 -34.37 15.46
C VAL C 172 -8.25 -35.62 15.91
N LYS C 173 -8.52 -35.78 17.20
CA LYS C 173 -9.24 -36.96 17.66
C LYS C 173 -10.66 -36.96 17.09
N LYS C 174 -11.22 -38.15 16.99
CA LYS C 174 -12.58 -38.33 16.51
C LYS C 174 -13.58 -37.91 17.58
N THR C 175 -14.73 -37.44 17.12
CA THR C 175 -15.84 -37.17 18.03
C THR C 175 -16.41 -38.49 18.52
N PHE C 176 -16.44 -38.66 19.84
CA PHE C 176 -17.08 -39.80 20.45
C PHE C 176 -18.59 -39.61 20.45
N LEU C 177 -19.31 -40.55 19.84
CA LEU C 177 -20.77 -40.43 19.79
C LEU C 177 -21.44 -41.14 20.96
N GLY C 178 -20.84 -42.21 21.47
CA GLY C 178 -21.38 -42.95 22.59
C GLY C 178 -20.94 -44.39 22.51
N VAL C 179 -21.09 -45.10 23.63
CA VAL C 179 -20.60 -46.47 23.70
C VAL C 179 -21.45 -47.34 22.79
N GLY C 180 -20.80 -48.17 21.98
CA GLY C 180 -21.48 -48.96 20.98
C GLY C 180 -21.66 -48.29 19.64
N GLN C 181 -21.41 -46.97 19.56
CA GLN C 181 -21.50 -46.23 18.31
C GLN C 181 -20.10 -45.98 17.74
N GLU C 182 -20.02 -45.95 16.41
CA GLU C 182 -18.79 -45.68 15.71
C GLU C 182 -18.49 -44.19 15.75
N SER C 183 -17.28 -43.82 16.20
CA SER C 183 -16.93 -42.41 16.36
C SER C 183 -16.78 -41.71 15.01
N PHE C 184 -16.99 -40.40 15.02
CA PHE C 184 -17.10 -39.61 13.80
C PHE C 184 -15.75 -39.00 13.48
N GLY C 185 -15.19 -39.35 12.31
CA GLY C 185 -13.85 -38.95 11.93
C GLY C 185 -13.73 -37.81 10.93
N GLU C 186 -14.85 -37.28 10.43
CA GLU C 186 -14.78 -36.23 9.40
C GLU C 186 -14.63 -34.84 10.04
N VAL C 187 -13.64 -34.69 10.90
CA VAL C 187 -13.43 -33.48 11.67
C VAL C 187 -11.95 -33.41 11.99
N ASP C 188 -11.38 -32.20 11.92
CA ASP C 188 -9.95 -32.02 12.18
C ASP C 188 -9.73 -30.53 12.40
N PHE C 189 -9.51 -30.14 13.66
CA PHE C 189 -9.41 -28.74 14.06
C PHE C 189 -8.07 -28.10 13.70
N SER C 190 -7.16 -28.84 13.09
CA SER C 190 -5.82 -28.32 12.85
C SER C 190 -5.27 -28.76 11.49
N HIS C 191 -6.03 -29.52 10.71
CA HIS C 191 -5.61 -29.97 9.40
C HIS C 191 -6.78 -29.90 8.43
N GLU C 192 -6.45 -30.02 7.14
CA GLU C 192 -7.45 -30.11 6.07
C GLU C 192 -8.40 -28.92 6.12
N GLY C 193 -7.81 -27.72 6.15
CA GLY C 193 -8.53 -26.49 6.29
C GLY C 193 -7.58 -25.32 6.52
N PRO C 194 -8.11 -24.10 6.43
CA PRO C 194 -7.25 -22.90 6.45
C PRO C 194 -6.41 -22.75 7.71
N ALA C 195 -6.90 -23.23 8.86
CA ALA C 195 -6.18 -23.02 10.11
C ALA C 195 -4.92 -23.90 10.23
N PHE C 196 -4.67 -24.77 9.24
CA PHE C 196 -3.51 -25.66 9.30
C PHE C 196 -2.24 -24.92 9.66
N LEU C 197 -1.96 -23.81 8.97
CA LEU C 197 -0.69 -23.12 9.15
C LEU C 197 -0.66 -22.30 10.44
N THR C 198 -1.73 -21.54 10.72
CA THR C 198 -1.80 -20.77 11.95
C THR C 198 -1.79 -21.67 13.20
N TRP C 199 -2.54 -22.77 13.17
CA TRP C 199 -2.51 -23.71 14.29
C TRP C 199 -1.11 -24.20 14.57
N HIS C 200 -0.43 -24.72 13.55
CA HIS C 200 0.92 -25.27 13.75
C HIS C 200 1.95 -24.18 14.06
N ARG C 201 1.71 -22.95 13.64
CA ARG C 201 2.60 -21.88 14.03
C ARG C 201 2.52 -21.61 15.53
N TYR C 202 1.29 -21.49 16.07
CA TYR C 202 1.14 -21.29 17.51
C TYR C 202 1.74 -22.46 18.30
N HIS C 203 1.40 -23.70 17.89
CA HIS C 203 1.97 -24.93 18.43
C HIS C 203 3.48 -24.82 18.65
N LEU C 204 4.20 -24.31 17.65
CA LEU C 204 5.66 -24.23 17.75
C LEU C 204 6.08 -23.12 18.70
N LEU C 205 5.43 -21.95 18.59
CA LEU C 205 5.68 -20.84 19.49
C LEU C 205 5.48 -21.25 20.94
N ARG C 206 4.45 -22.06 21.19
CA ARG C 206 4.17 -22.53 22.54
C ARG C 206 5.29 -23.44 23.05
N LEU C 207 5.79 -24.35 22.20
CA LEU C 207 6.89 -25.22 22.62
C LEU C 207 8.18 -24.42 22.81
N GLU C 208 8.48 -23.53 21.87
CA GLU C 208 9.68 -22.70 21.95
C GLU C 208 9.72 -21.90 23.25
N LYS C 209 8.59 -21.25 23.60
CA LYS C 209 8.51 -20.50 24.83
C LYS C 209 8.62 -21.39 26.06
N ASP C 210 7.97 -22.56 26.03
CA ASP C 210 8.11 -23.51 27.13
C ASP C 210 9.56 -23.94 27.30
N MET C 211 10.27 -24.18 26.19
CA MET C 211 11.65 -24.60 26.32
C MET C 211 12.54 -23.46 26.74
N GLN C 212 12.20 -22.22 26.34
CA GLN C 212 12.92 -21.05 26.81
C GLN C 212 12.85 -20.97 28.33
N GLU C 213 11.63 -21.09 28.89
CA GLU C 213 11.49 -21.06 30.34
C GLU C 213 12.20 -22.24 31.00
N MET C 214 12.06 -23.44 30.43
CA MET C 214 12.67 -24.64 30.99
C MET C 214 14.19 -24.49 31.08
N LEU C 215 14.82 -24.01 30.01
CA LEU C 215 16.27 -23.84 29.95
C LEU C 215 16.72 -22.53 30.56
N GLN C 216 15.77 -21.66 30.92
CA GLN C 216 16.08 -20.29 31.33
C GLN C 216 17.01 -19.60 30.35
N GLU C 217 16.79 -19.82 29.07
CA GLU C 217 17.51 -19.17 27.98
C GLU C 217 16.50 -18.40 27.16
N PRO C 218 16.31 -17.10 27.40
CA PRO C 218 15.27 -16.35 26.69
C PRO C 218 15.45 -16.38 25.17
N SER C 219 16.65 -16.64 24.68
CA SER C 219 16.99 -16.56 23.28
C SER C 219 16.94 -17.91 22.58
N PHE C 220 16.65 -18.99 23.29
CA PHE C 220 16.62 -20.30 22.67
C PHE C 220 15.58 -20.33 21.54
N SER C 221 15.92 -21.00 20.46
CA SER C 221 15.07 -21.00 19.28
C SER C 221 15.03 -22.39 18.69
N LEU C 222 13.93 -22.71 18.00
CA LEU C 222 13.83 -24.03 17.37
C LEU C 222 14.52 -24.00 16.01
N PRO C 223 15.43 -24.92 15.73
CA PRO C 223 15.96 -25.08 14.37
C PRO C 223 14.90 -25.63 13.41
N TYR C 224 15.25 -25.67 12.12
CA TYR C 224 14.37 -26.27 11.12
C TYR C 224 15.14 -27.31 10.31
N TRP C 225 14.36 -28.17 9.68
CA TRP C 225 14.87 -29.20 8.77
C TRP C 225 14.38 -28.87 7.37
N ASN C 226 15.30 -28.56 6.47
CA ASN C 226 14.92 -28.36 5.07
C ASN C 226 14.70 -29.74 4.44
N PHE C 227 13.43 -30.17 4.40
CA PHE C 227 13.08 -31.48 3.83
C PHE C 227 12.84 -31.42 2.33
N ALA C 228 13.03 -30.27 1.71
CA ALA C 228 12.80 -30.11 0.27
C ALA C 228 14.11 -30.20 -0.50
N THR C 229 14.79 -31.33 -0.33
CA THR C 229 16.05 -31.62 -0.99
C THR C 229 15.93 -32.67 -2.09
N GLY C 230 14.78 -33.33 -2.23
CA GLY C 230 14.64 -34.40 -3.19
C GLY C 230 15.39 -35.67 -2.86
N LYS C 231 15.80 -35.84 -1.61
CA LYS C 231 16.71 -36.90 -1.22
C LYS C 231 15.97 -38.20 -0.92
N ASN C 232 16.74 -39.29 -1.04
CA ASN C 232 16.33 -40.68 -0.80
C ASN C 232 16.43 -41.03 0.68
N VAL C 233 17.22 -40.27 1.44
CA VAL C 233 17.50 -40.53 2.85
C VAL C 233 17.12 -39.30 3.67
N CYS C 234 17.05 -39.50 4.99
CA CYS C 234 16.86 -38.42 5.95
C CYS C 234 18.24 -37.93 6.41
N ASP C 235 18.61 -36.69 6.04
CA ASP C 235 19.95 -36.17 6.35
C ASP C 235 20.09 -35.63 7.77
N ILE C 236 19.03 -35.64 8.55
CA ILE C 236 19.12 -35.31 9.96
C ILE C 236 19.01 -36.53 10.83
N CYS C 237 19.03 -37.74 10.25
CA CYS C 237 18.92 -38.98 11.01
C CYS C 237 20.31 -39.55 11.29
N THR C 238 21.06 -38.82 12.11
CA THR C 238 22.37 -39.22 12.58
C THR C 238 22.41 -39.11 14.10
N ASP C 239 23.37 -39.81 14.71
CA ASP C 239 23.27 -39.99 16.17
C ASP C 239 23.64 -38.75 16.96
N ASP C 240 24.22 -37.74 16.34
CA ASP C 240 24.39 -36.45 16.99
C ASP C 240 23.17 -35.53 16.83
N LEU C 241 22.11 -36.00 16.17
CA LEU C 241 20.86 -35.24 16.12
C LEU C 241 19.73 -36.03 15.51
N MET C 242 18.72 -36.37 16.29
CA MET C 242 17.46 -36.97 15.78
C MET C 242 17.60 -38.47 15.57
N GLY C 243 18.82 -38.97 15.44
CA GLY C 243 19.05 -40.41 15.56
C GLY C 243 19.00 -41.17 14.25
N SER C 244 19.98 -42.06 14.03
CA SER C 244 20.01 -42.91 12.85
C SER C 244 19.20 -44.18 13.07
N ARG C 245 19.24 -45.07 12.07
CA ARG C 245 18.46 -46.30 12.10
C ARG C 245 19.10 -47.31 13.03
N SER C 246 18.27 -48.05 13.76
CA SER C 246 18.80 -49.13 14.59
C SER C 246 19.34 -50.25 13.71
N ASN C 247 20.52 -50.77 14.08
CA ASN C 247 21.08 -51.92 13.38
C ASN C 247 20.44 -53.23 13.80
N PHE C 248 19.56 -53.22 14.80
CA PHE C 248 18.89 -54.42 15.28
C PHE C 248 17.44 -54.54 14.84
N ASP C 249 16.83 -53.44 14.39
CA ASP C 249 15.43 -53.40 13.94
C ASP C 249 15.32 -52.15 13.10
N SER C 250 15.22 -52.30 11.78
CA SER C 250 15.33 -51.14 10.91
C SER C 250 14.15 -50.15 11.03
N THR C 251 13.13 -50.45 11.84
CA THR C 251 12.06 -49.49 12.12
C THR C 251 12.21 -48.81 13.48
N LEU C 252 13.32 -49.05 14.17
CA LEU C 252 13.61 -48.39 15.44
C LEU C 252 14.72 -47.38 15.24
N ILE C 253 14.95 -46.58 16.25
CA ILE C 253 16.00 -45.58 16.29
C ILE C 253 17.25 -46.19 16.93
N SER C 254 18.42 -45.79 16.43
CA SER C 254 19.68 -46.25 16.98
C SER C 254 19.72 -46.15 18.51
N PRO C 255 20.01 -47.26 19.21
CA PRO C 255 20.15 -47.19 20.68
C PRO C 255 21.22 -46.21 21.16
N ASN C 256 22.10 -45.73 20.29
CA ASN C 256 23.07 -44.71 20.70
C ASN C 256 22.50 -43.29 20.65
N SER C 257 21.21 -43.13 20.37
CA SER C 257 20.53 -41.83 20.41
C SER C 257 19.53 -41.82 21.55
N VAL C 258 19.50 -40.71 22.31
CA VAL C 258 18.51 -40.60 23.39
C VAL C 258 17.10 -40.83 22.89
N PHE C 259 16.83 -40.50 21.62
CA PHE C 259 15.48 -40.62 21.08
C PHE C 259 15.02 -42.07 20.98
N SER C 260 15.96 -43.03 21.05
CA SER C 260 15.55 -44.43 21.19
C SER C 260 14.97 -44.72 22.56
N GLN C 261 15.22 -43.85 23.53
CA GLN C 261 14.69 -44.07 24.88
C GLN C 261 13.28 -43.52 25.05
N TRP C 262 12.78 -42.69 24.11
CA TRP C 262 11.46 -42.07 24.24
C TRP C 262 10.33 -43.10 24.14
N ARG C 263 9.25 -42.84 24.85
CA ARG C 263 8.07 -43.69 24.77
C ARG C 263 6.85 -42.82 24.47
N VAL C 264 6.02 -43.27 23.58
CA VAL C 264 5.04 -42.38 22.99
C VAL C 264 3.78 -42.34 23.84
N VAL C 265 3.08 -41.20 23.76
CA VAL C 265 1.75 -41.03 24.30
C VAL C 265 0.76 -41.02 23.15
N CYS C 266 -0.48 -41.38 23.49
CA CYS C 266 -1.68 -41.33 22.67
C CYS C 266 -1.79 -42.43 21.65
N ASP C 267 -1.11 -43.57 21.82
CA ASP C 267 -1.27 -44.68 20.88
C ASP C 267 -2.27 -45.71 21.39
N SER C 268 -3.46 -45.29 21.81
CA SER C 268 -4.51 -46.21 22.22
C SER C 268 -5.85 -45.71 21.68
N LEU C 269 -5.92 -45.53 20.36
CA LEU C 269 -7.15 -45.05 19.73
C LEU C 269 -8.33 -45.96 20.04
N GLU C 270 -8.08 -47.26 20.10
CA GLU C 270 -9.16 -48.22 20.34
C GLU C 270 -9.76 -48.05 21.72
N ASP C 271 -8.99 -47.65 22.72
CA ASP C 271 -9.60 -47.31 24.00
C ASP C 271 -10.37 -46.01 23.91
N TYR C 272 -9.72 -44.93 23.43
CA TYR C 272 -10.35 -43.62 23.44
C TYR C 272 -11.64 -43.62 22.62
N ASP C 273 -11.61 -44.27 21.46
CA ASP C 273 -12.69 -44.20 20.48
C ASP C 273 -13.76 -45.25 20.71
N THR C 274 -13.64 -46.06 21.76
CA THR C 274 -14.74 -46.91 22.17
C THR C 274 -15.18 -46.69 23.62
N LEU C 275 -14.27 -46.35 24.53
CA LEU C 275 -14.69 -46.03 25.89
C LEU C 275 -15.01 -44.54 26.09
N GLY C 276 -14.69 -43.71 25.10
CA GLY C 276 -14.89 -42.28 25.24
C GLY C 276 -13.92 -41.58 26.14
N THR C 277 -12.73 -42.16 26.37
CA THR C 277 -11.70 -41.50 27.15
C THR C 277 -10.78 -40.70 26.24
N LEU C 278 -9.96 -39.85 26.86
CA LEU C 278 -8.95 -39.08 26.16
C LEU C 278 -7.56 -39.66 26.43
N CYS C 279 -6.63 -39.38 25.51
CA CYS C 279 -5.22 -39.67 25.73
C CYS C 279 -4.77 -39.19 27.11
N ASN C 280 -4.01 -40.01 27.81
CA ASN C 280 -3.47 -39.57 29.08
C ASN C 280 -1.94 -39.57 28.99
N SER C 281 -1.29 -39.34 30.14
CA SER C 281 0.15 -39.13 30.18
C SER C 281 0.95 -40.43 30.30
N THR C 282 0.30 -41.57 30.25
CA THR C 282 1.00 -42.84 30.36
C THR C 282 1.66 -43.18 29.02
N GLU C 283 2.98 -43.29 29.02
CA GLU C 283 3.69 -43.62 27.79
C GLU C 283 3.66 -45.14 27.56
N ASP C 284 3.89 -45.53 26.30
CA ASP C 284 3.79 -46.95 25.97
C ASP C 284 5.00 -47.40 25.18
N GLY C 285 4.87 -47.55 23.86
CA GLY C 285 5.93 -48.09 23.05
C GLY C 285 6.89 -47.03 22.50
N PRO C 286 7.92 -47.46 21.80
CA PRO C 286 8.94 -46.54 21.30
C PRO C 286 8.55 -45.92 19.96
N ILE C 287 9.28 -44.86 19.60
CA ILE C 287 9.14 -44.25 18.28
C ILE C 287 9.48 -45.28 17.22
N ARG C 288 8.60 -45.42 16.23
CA ARG C 288 8.86 -46.20 15.01
C ARG C 288 9.20 -45.23 13.89
N ARG C 289 10.33 -45.47 13.22
CA ARG C 289 10.76 -44.61 12.13
C ARG C 289 11.55 -45.42 11.11
N ASN C 290 11.11 -45.34 9.86
CA ASN C 290 11.69 -46.12 8.76
C ASN C 290 11.73 -45.24 7.51
N PRO C 291 12.63 -44.26 7.47
CA PRO C 291 12.68 -43.34 6.34
C PRO C 291 12.76 -44.07 5.00
N ALA C 292 11.90 -43.64 4.06
CA ALA C 292 11.87 -44.17 2.69
C ALA C 292 11.45 -45.63 2.64
N GLY C 293 10.82 -46.10 3.71
CA GLY C 293 10.58 -47.51 3.93
C GLY C 293 9.24 -48.03 3.50
N ASN C 294 8.35 -47.16 3.03
CA ASN C 294 7.05 -47.60 2.55
C ASN C 294 7.21 -48.12 1.11
N VAL C 295 7.73 -49.34 1.00
CA VAL C 295 7.92 -49.97 -0.31
C VAL C 295 6.59 -50.08 -1.05
N ALA C 296 5.50 -50.26 -0.30
CA ALA C 296 4.16 -50.46 -0.85
C ALA C 296 3.58 -49.21 -1.48
N ARG C 297 4.38 -48.15 -1.59
CA ARG C 297 3.83 -46.85 -1.97
C ARG C 297 4.96 -45.91 -2.37
N PRO C 298 5.60 -46.13 -3.53
CA PRO C 298 6.87 -45.45 -3.84
C PRO C 298 6.79 -43.93 -3.89
N MET C 299 5.58 -43.37 -3.93
CA MET C 299 5.45 -41.91 -4.01
C MET C 299 5.86 -41.24 -2.70
N VAL C 300 5.73 -41.93 -1.57
CA VAL C 300 6.21 -41.42 -0.29
C VAL C 300 7.61 -41.94 0.05
N GLN C 301 8.36 -42.43 -0.94
CA GLN C 301 9.70 -42.93 -0.65
C GLN C 301 10.78 -41.92 -1.01
N ARG C 302 10.39 -40.72 -1.43
CA ARG C 302 11.34 -39.67 -1.74
C ARG C 302 10.77 -38.34 -1.27
N LEU C 303 11.66 -37.47 -0.77
CA LEU C 303 11.29 -36.18 -0.20
C LEU C 303 10.96 -35.19 -1.30
N PRO C 304 10.31 -34.07 -0.95
CA PRO C 304 9.98 -33.06 -1.97
C PRO C 304 11.23 -32.49 -2.61
N GLU C 305 11.09 -32.11 -3.89
CA GLU C 305 12.21 -31.49 -4.61
C GLU C 305 12.32 -30.01 -4.25
N PRO C 306 13.53 -29.42 -4.36
CA PRO C 306 13.68 -27.99 -4.10
C PRO C 306 12.75 -27.10 -4.93
N GLN C 307 12.47 -27.46 -6.20
CA GLN C 307 11.54 -26.63 -6.97
C GLN C 307 10.11 -26.75 -6.48
N ASP C 308 9.78 -27.76 -5.66
CA ASP C 308 8.42 -27.86 -5.16
C ASP C 308 8.11 -26.71 -4.21
N VAL C 309 9.11 -26.23 -3.48
CA VAL C 309 8.90 -25.08 -2.61
C VAL C 309 8.74 -23.82 -3.45
N ALA C 310 9.60 -23.63 -4.45
CA ALA C 310 9.54 -22.41 -5.25
C ALA C 310 8.20 -22.30 -5.98
N GLN C 311 7.64 -23.42 -6.43
CA GLN C 311 6.35 -23.33 -7.13
C GLN C 311 5.20 -23.01 -6.18
N CYS C 312 5.21 -23.62 -4.99
CA CYS C 312 4.09 -23.40 -4.10
C CYS C 312 4.06 -21.96 -3.62
N LEU C 313 5.22 -21.33 -3.57
CA LEU C 313 5.25 -19.93 -3.23
C LEU C 313 4.74 -19.03 -4.38
N GLU C 314 4.22 -19.57 -5.48
CA GLU C 314 3.60 -18.76 -6.53
C GLU C 314 2.08 -18.94 -6.57
N VAL C 315 1.53 -19.75 -5.65
CA VAL C 315 0.09 -19.87 -5.50
C VAL C 315 -0.38 -18.69 -4.65
N GLY C 316 -1.01 -17.70 -5.31
CA GLY C 316 -1.23 -16.40 -4.71
C GLY C 316 -2.45 -16.30 -3.82
N LEU C 317 -3.42 -17.21 -3.94
CA LEU C 317 -4.58 -17.22 -3.06
C LEU C 317 -4.26 -18.10 -1.86
N PHE C 318 -4.34 -17.52 -0.65
CA PHE C 318 -4.03 -18.30 0.53
C PHE C 318 -4.87 -19.56 0.62
N ASP C 319 -6.18 -19.43 0.45
CA ASP C 319 -7.07 -20.58 0.43
C ASP C 319 -8.24 -20.24 -0.46
N THR C 320 -9.04 -21.26 -0.78
CA THR C 320 -10.12 -21.17 -1.75
C THR C 320 -11.23 -22.11 -1.29
N PRO C 321 -12.49 -21.84 -1.64
CA PRO C 321 -13.55 -22.82 -1.40
C PRO C 321 -13.26 -24.16 -2.07
N PRO C 322 -13.64 -25.27 -1.42
CA PRO C 322 -14.37 -25.27 -0.15
C PRO C 322 -13.51 -25.24 1.15
N PHE C 323 -12.29 -24.71 1.10
CA PHE C 323 -11.40 -24.61 2.27
C PHE C 323 -11.23 -25.97 2.96
N TYR C 324 -10.83 -26.96 2.17
CA TYR C 324 -10.74 -28.31 2.68
C TYR C 324 -9.55 -28.97 2.01
N SER C 325 -9.42 -30.28 2.21
CA SER C 325 -8.28 -30.98 1.62
C SER C 325 -8.38 -31.13 0.11
N ASN C 326 -9.49 -30.74 -0.53
CA ASN C 326 -9.58 -30.80 -1.99
C ASN C 326 -9.75 -29.41 -2.61
N SER C 327 -9.27 -28.36 -1.94
CA SER C 327 -9.20 -27.05 -2.58
C SER C 327 -8.15 -27.07 -3.67
N THR C 328 -8.41 -26.34 -4.75
CA THR C 328 -7.45 -26.20 -5.82
C THR C 328 -7.05 -24.72 -5.93
N ASN C 329 -5.82 -24.48 -6.39
CA ASN C 329 -5.20 -23.15 -6.47
C ASN C 329 -5.16 -22.46 -5.12
N SER C 330 -5.09 -23.26 -4.06
CA SER C 330 -4.98 -22.79 -2.68
C SER C 330 -3.54 -22.97 -2.21
N PHE C 331 -2.91 -21.87 -1.77
CA PHE C 331 -1.58 -21.99 -1.18
C PHE C 331 -1.60 -22.91 0.04
N ARG C 332 -2.63 -22.78 0.88
CA ARG C 332 -2.65 -23.59 2.11
C ARG C 332 -2.73 -25.08 1.80
N ASN C 333 -3.67 -25.48 0.94
CA ASN C 333 -3.76 -26.88 0.57
C ASN C 333 -2.51 -27.36 -0.19
N THR C 334 -1.76 -26.45 -0.83
CA THR C 334 -0.56 -26.85 -1.54
C THR C 334 0.58 -27.17 -0.57
N VAL C 335 0.89 -26.25 0.34
CA VAL C 335 2.00 -26.53 1.24
C VAL C 335 1.61 -27.60 2.25
N GLU C 336 0.33 -27.70 2.63
CA GLU C 336 -0.07 -28.79 3.52
C GLU C 336 0.20 -30.14 2.85
N GLY C 337 -0.04 -30.23 1.53
CA GLY C 337 0.39 -31.33 0.69
C GLY C 337 -0.67 -32.14 -0.02
N PHE C 338 -1.93 -31.71 0.02
CA PHE C 338 -2.97 -32.42 -0.71
C PHE C 338 -3.02 -32.03 -2.19
N SER C 339 -2.36 -30.94 -2.57
CA SER C 339 -2.26 -30.50 -3.96
C SER C 339 -0.81 -30.59 -4.42
N ASP C 340 -0.61 -30.75 -5.74
CA ASP C 340 0.74 -30.72 -6.29
C ASP C 340 1.32 -29.31 -6.17
N PRO C 341 2.63 -29.15 -6.30
CA PRO C 341 3.25 -27.84 -6.02
C PRO C 341 2.77 -26.68 -6.89
N THR C 342 2.21 -26.94 -8.08
CA THR C 342 1.65 -25.86 -8.86
C THR C 342 0.33 -25.34 -8.27
N GLY C 343 -0.31 -26.11 -7.39
CA GLY C 343 -1.56 -25.73 -6.78
C GLY C 343 -2.76 -26.51 -7.24
N LYS C 344 -2.58 -27.47 -8.15
CA LYS C 344 -3.68 -28.23 -8.73
C LYS C 344 -4.01 -29.42 -7.84
N TYR C 345 -5.27 -29.53 -7.42
CA TYR C 345 -5.65 -30.63 -6.57
C TYR C 345 -5.71 -31.92 -7.36
N ASP C 346 -5.31 -33.02 -6.71
CA ASP C 346 -5.33 -34.37 -7.25
C ASP C 346 -5.41 -35.36 -6.09
N PRO C 347 -6.46 -36.21 -6.02
CA PRO C 347 -6.62 -37.06 -4.82
C PRO C 347 -5.53 -38.10 -4.66
N ALA C 348 -4.63 -38.25 -5.64
CA ALA C 348 -3.55 -39.22 -5.55
C ALA C 348 -2.22 -38.62 -5.10
N VAL C 349 -2.07 -37.31 -5.11
CA VAL C 349 -0.79 -36.71 -4.78
C VAL C 349 -0.61 -36.61 -3.26
N SER C 350 0.62 -36.82 -2.81
CA SER C 350 1.09 -36.35 -1.52
C SER C 350 2.35 -35.54 -1.77
N SER C 351 2.35 -34.28 -1.35
CA SER C 351 3.48 -33.39 -1.59
C SER C 351 3.86 -32.66 -0.31
N LEU C 352 5.00 -31.98 -0.37
CA LEU C 352 5.51 -31.10 0.67
C LEU C 352 5.26 -31.63 2.08
N HIS C 353 4.55 -30.85 2.92
CA HIS C 353 4.41 -31.19 4.33
C HIS C 353 3.88 -32.62 4.52
N ASN C 354 2.77 -32.97 3.85
CA ASN C 354 2.22 -34.32 3.96
C ASN C 354 3.22 -35.36 3.52
N LEU C 355 4.00 -35.06 2.48
CA LEU C 355 4.99 -36.01 1.99
C LEU C 355 6.13 -36.19 3.00
N ALA C 356 6.63 -35.09 3.57
CA ALA C 356 7.68 -35.20 4.59
C ALA C 356 7.23 -36.11 5.72
N HIS C 357 5.95 -36.02 6.13
CA HIS C 357 5.44 -36.89 7.18
C HIS C 357 5.49 -38.36 6.75
N LEU C 358 5.00 -38.65 5.54
CA LEU C 358 4.80 -40.02 5.10
C LEU C 358 6.11 -40.69 4.77
N PHE C 359 7.08 -39.90 4.30
CA PHE C 359 8.44 -40.38 4.08
C PHE C 359 9.02 -41.07 5.31
N LEU C 360 8.63 -40.65 6.52
CA LEU C 360 9.19 -41.27 7.71
C LEU C 360 8.65 -42.67 7.93
N ASN C 361 7.50 -43.01 7.33
CA ASN C 361 6.92 -44.34 7.38
C ASN C 361 6.97 -44.89 8.80
N GLY C 362 6.22 -44.25 9.69
CA GLY C 362 6.33 -44.59 11.10
C GLY C 362 5.51 -43.63 11.93
N THR C 363 5.92 -43.48 13.19
CA THR C 363 5.18 -42.67 14.15
C THR C 363 4.93 -41.24 13.62
N GLY C 364 5.94 -40.65 12.98
CA GLY C 364 5.81 -39.32 12.41
C GLY C 364 4.88 -39.23 11.21
N GLY C 365 4.44 -40.38 10.68
CA GLY C 365 3.50 -40.37 9.58
C GLY C 365 2.13 -40.89 10.00
N GLN C 366 1.75 -40.63 11.24
CA GLN C 366 0.45 -41.06 11.79
C GLN C 366 -0.16 -39.89 12.54
N VAL C 367 -1.28 -39.38 12.04
CA VAL C 367 -1.67 -38.02 12.40
C VAL C 367 -1.96 -37.88 13.89
N HIS C 368 -2.48 -38.93 14.53
CA HIS C 368 -2.69 -38.84 15.97
C HIS C 368 -1.39 -38.97 16.78
N LEU C 369 -0.28 -39.34 16.14
CA LEU C 369 0.94 -39.70 16.85
C LEU C 369 2.15 -38.86 16.50
N SER C 370 2.12 -38.13 15.38
CA SER C 370 3.35 -37.73 14.73
C SER C 370 4.24 -36.78 15.54
N PRO C 371 3.74 -35.85 16.37
CA PRO C 371 4.69 -35.09 17.21
C PRO C 371 5.51 -35.98 18.13
N ASN C 372 5.14 -37.25 18.32
CA ASN C 372 5.93 -38.15 19.16
C ASN C 372 7.33 -38.32 18.63
N ASP C 373 7.49 -38.26 17.32
CA ASP C 373 8.80 -38.25 16.71
C ASP C 373 9.30 -36.82 16.62
N PRO C 374 10.38 -36.46 17.31
CA PRO C 374 10.75 -35.03 17.40
C PRO C 374 11.15 -34.39 16.07
N ILE C 375 11.38 -35.18 15.01
CA ILE C 375 11.51 -34.61 13.66
C ILE C 375 10.32 -33.72 13.32
N PHE C 376 9.15 -34.01 13.90
CA PHE C 376 7.96 -33.19 13.72
C PHE C 376 8.28 -31.72 13.94
N VAL C 377 9.07 -31.42 14.98
CA VAL C 377 9.40 -30.04 15.31
C VAL C 377 10.11 -29.38 14.14
N LEU C 378 11.12 -30.04 13.61
CA LEU C 378 11.96 -29.46 12.59
C LEU C 378 11.26 -29.44 11.24
N LEU C 379 10.41 -30.43 10.98
CA LEU C 379 9.57 -30.41 9.81
C LEU C 379 8.61 -29.22 9.85
N HIS C 380 8.11 -28.86 11.02
CA HIS C 380 7.09 -27.84 11.03
C HIS C 380 7.64 -26.42 11.13
N THR C 381 8.81 -26.22 11.76
CA THR C 381 9.46 -24.93 11.65
C THR C 381 9.83 -24.62 10.20
N PHE C 382 10.18 -25.64 9.42
CA PHE C 382 10.40 -25.41 7.99
C PHE C 382 9.09 -25.07 7.27
N THR C 383 8.02 -25.82 7.54
CA THR C 383 6.71 -25.47 7.00
C THR C 383 6.28 -24.06 7.40
N ASP C 384 6.57 -23.67 8.65
CA ASP C 384 6.25 -22.32 9.07
C ASP C 384 7.10 -21.29 8.36
N ALA C 385 8.35 -21.64 7.99
CA ALA C 385 9.16 -20.70 7.22
C ALA C 385 8.57 -20.47 5.83
N VAL C 386 7.98 -21.50 5.22
CA VAL C 386 7.37 -21.29 3.92
C VAL C 386 6.17 -20.37 4.06
N PHE C 387 5.34 -20.63 5.07
CA PHE C 387 4.23 -19.76 5.42
C PHE C 387 4.69 -18.32 5.63
N ASP C 388 5.75 -18.11 6.44
CA ASP C 388 6.21 -16.75 6.68
C ASP C 388 6.66 -16.08 5.39
N GLU C 389 7.30 -16.82 4.50
CA GLU C 389 7.74 -16.22 3.24
C GLU C 389 6.56 -15.94 2.31
N TRP C 390 5.51 -16.76 2.34
CA TRP C 390 4.27 -16.41 1.67
C TRP C 390 3.70 -15.09 2.19
N LEU C 391 3.66 -14.92 3.51
CA LEU C 391 3.09 -13.70 4.10
C LEU C 391 3.91 -12.48 3.70
N ARG C 392 5.23 -12.61 3.64
CA ARG C 392 6.06 -11.53 3.16
C ARG C 392 5.70 -11.16 1.72
N ARG C 393 5.59 -12.16 0.84
CA ARG C 393 5.44 -11.92 -0.60
C ARG C 393 4.06 -11.41 -0.99
N TYR C 394 3.02 -11.84 -0.32
CA TYR C 394 1.69 -11.35 -0.63
C TYR C 394 1.18 -10.38 0.42
N ASN C 395 2.11 -9.73 1.12
CA ASN C 395 1.83 -8.67 2.09
C ASN C 395 0.73 -9.10 3.08
N ALA C 396 0.79 -10.37 3.49
CA ALA C 396 -0.03 -10.88 4.57
C ALA C 396 -1.53 -10.71 4.26
N ASP C 397 -1.89 -10.99 3.02
CA ASP C 397 -3.28 -10.92 2.53
C ASP C 397 -4.14 -11.98 3.21
N ILE C 398 -5.00 -11.57 4.15
CA ILE C 398 -5.88 -12.49 4.86
C ILE C 398 -7.26 -12.57 4.21
N SER C 399 -7.42 -11.97 3.03
CA SER C 399 -8.78 -11.77 2.50
C SER C 399 -9.46 -13.08 2.17
N THR C 400 -8.70 -14.08 1.69
CA THR C 400 -9.34 -15.36 1.37
C THR C 400 -9.50 -16.27 2.59
N PHE C 401 -9.02 -15.87 3.76
CA PHE C 401 -9.21 -16.70 4.94
C PHE C 401 -10.63 -16.48 5.43
N PRO C 402 -11.50 -17.47 5.33
CA PRO C 402 -12.95 -17.23 5.48
C PRO C 402 -13.38 -16.98 6.92
N LEU C 403 -14.40 -16.13 7.09
CA LEU C 403 -15.01 -15.93 8.40
C LEU C 403 -16.09 -16.95 8.74
N GLU C 404 -16.72 -17.54 7.74
CA GLU C 404 -17.82 -18.48 7.90
C GLU C 404 -17.61 -19.61 6.92
N ASN C 405 -18.21 -20.76 7.25
CA ASN C 405 -18.40 -21.92 6.38
C ASN C 405 -17.11 -22.69 6.09
N ALA C 406 -16.02 -22.38 6.78
CA ALA C 406 -14.88 -23.27 6.84
C ALA C 406 -15.27 -24.55 7.58
N PRO C 407 -14.48 -25.61 7.48
CA PRO C 407 -14.67 -26.77 8.36
C PRO C 407 -14.60 -26.31 9.82
N ILE C 408 -15.25 -27.07 10.70
CA ILE C 408 -15.35 -26.62 12.08
C ILE C 408 -13.94 -26.51 12.67
N GLY C 409 -13.68 -25.39 13.34
CA GLY C 409 -12.36 -25.09 13.84
C GLY C 409 -11.54 -24.20 12.93
N HIS C 410 -11.96 -23.99 11.70
CA HIS C 410 -11.15 -23.24 10.76
C HIS C 410 -11.71 -21.89 10.34
N ASN C 411 -12.82 -21.44 10.91
CA ASN C 411 -13.21 -20.05 10.67
C ASN C 411 -12.14 -19.13 11.25
N ARG C 412 -11.93 -18.01 10.58
CA ARG C 412 -10.84 -17.11 10.91
C ARG C 412 -10.85 -16.69 12.38
N GLN C 413 -12.02 -16.52 12.99
CA GLN C 413 -12.08 -16.08 14.39
C GLN C 413 -12.22 -17.23 15.38
N TYR C 414 -12.16 -18.48 14.90
CA TYR C 414 -12.16 -19.65 15.78
C TYR C 414 -10.93 -19.64 16.71
N ASN C 415 -11.17 -19.75 18.02
CA ASN C 415 -10.07 -20.00 18.95
C ASN C 415 -9.44 -21.36 18.67
N MET C 416 -8.15 -21.36 18.30
CA MET C 416 -7.50 -22.62 17.88
C MET C 416 -7.46 -23.64 19.01
N VAL C 417 -7.91 -24.86 18.68
CA VAL C 417 -8.13 -25.94 19.65
C VAL C 417 -6.88 -26.84 19.82
N PRO C 418 -6.46 -27.09 21.07
CA PRO C 418 -7.07 -26.64 22.32
C PRO C 418 -6.24 -25.62 23.08
N PHE C 419 -5.77 -24.56 22.43
CA PHE C 419 -4.78 -23.69 23.05
C PHE C 419 -5.39 -22.79 24.13
N TRP C 420 -4.59 -22.47 25.15
CA TRP C 420 -5.03 -21.61 26.24
C TRP C 420 -3.97 -20.59 26.63
N PRO C 421 -4.39 -19.35 26.89
CA PRO C 421 -5.76 -18.82 26.78
C PRO C 421 -6.19 -18.68 25.31
N PRO C 422 -7.48 -18.49 25.04
CA PRO C 422 -7.97 -18.55 23.66
C PRO C 422 -7.19 -17.64 22.74
N VAL C 423 -6.86 -18.17 21.56
CA VAL C 423 -6.09 -17.44 20.57
C VAL C 423 -6.68 -17.77 19.20
N THR C 424 -6.95 -16.74 18.40
CA THR C 424 -7.62 -16.95 17.12
C THR C 424 -6.60 -17.22 16.02
N ASN C 425 -7.11 -17.64 14.84
CA ASN C 425 -6.23 -17.77 13.71
C ASN C 425 -5.67 -16.41 13.28
N THR C 426 -6.51 -15.37 13.33
CA THR C 426 -6.07 -14.03 12.93
C THR C 426 -4.77 -13.61 13.61
N GLU C 427 -4.62 -13.92 14.90
CA GLU C 427 -3.44 -13.49 15.66
C GLU C 427 -2.15 -14.16 15.19
N MET C 428 -2.23 -15.30 14.52
CA MET C 428 -1.04 -15.90 13.94
C MET C 428 -0.79 -15.49 12.50
N PHE C 429 -1.74 -14.78 11.87
CA PHE C 429 -1.64 -14.45 10.45
C PHE C 429 -0.92 -13.12 10.26
N VAL C 430 0.35 -13.13 10.64
CA VAL C 430 1.19 -11.94 10.67
C VAL C 430 2.59 -12.38 10.30
N THR C 431 3.35 -11.46 9.68
CA THR C 431 4.75 -11.75 9.40
C THR C 431 5.52 -11.89 10.71
N ALA C 432 6.21 -13.02 10.88
CA ALA C 432 6.87 -13.33 12.16
C ALA C 432 7.88 -12.28 12.62
N PRO C 433 8.79 -11.78 11.77
CA PRO C 433 9.82 -10.84 12.25
C PRO C 433 9.31 -9.65 13.06
N ASP C 434 8.17 -9.06 12.69
CA ASP C 434 7.69 -7.85 13.33
C ASP C 434 6.60 -8.08 14.36
N ASN C 435 5.92 -9.21 14.33
CA ASN C 435 4.79 -9.43 15.20
C ASN C 435 4.99 -10.52 16.23
N LEU C 436 5.88 -11.48 15.98
CA LEU C 436 6.04 -12.64 16.85
C LEU C 436 7.45 -12.81 17.38
N GLY C 437 8.36 -11.89 17.05
CA GLY C 437 9.68 -11.90 17.67
C GLY C 437 10.61 -12.98 17.19
N TYR C 438 10.38 -13.56 16.01
CA TYR C 438 11.31 -14.53 15.47
C TYR C 438 11.45 -14.34 13.97
N THR C 439 12.56 -14.83 13.43
CA THR C 439 12.81 -14.82 12.00
C THR C 439 13.52 -16.11 11.60
N TYR C 440 13.53 -16.38 10.30
CA TYR C 440 14.24 -17.53 9.74
C TYR C 440 15.52 -17.11 9.04
N GLU C 441 16.62 -17.78 9.36
CA GLU C 441 17.83 -17.68 8.58
C GLU C 441 17.71 -18.72 7.47
N ILE C 442 17.25 -18.30 6.29
CA ILE C 442 16.93 -19.25 5.24
C ILE C 442 17.02 -18.54 3.90
N GLN C 443 17.40 -19.29 2.86
CA GLN C 443 17.43 -18.79 1.49
C GLN C 443 16.47 -19.61 0.65
N TRP C 444 15.75 -18.93 -0.21
CA TRP C 444 14.74 -19.60 -1.01
C TRP C 444 15.22 -19.77 -2.44
N PRO C 445 14.88 -20.89 -3.08
CA PRO C 445 15.38 -21.12 -4.45
C PRO C 445 14.61 -20.31 -5.48
N SER C 446 15.38 -19.76 -6.43
CA SER C 446 15.05 -19.50 -7.85
C SER C 446 15.96 -18.38 -8.31
N GLN D 1 -14.62 -6.71 -20.35
CA GLN D 1 -15.16 -7.13 -19.00
C GLN D 1 -14.82 -6.08 -17.97
N PHE D 2 -14.84 -6.34 -16.62
CA PHE D 2 -14.98 -5.04 -15.94
C PHE D 2 -13.73 -4.60 -15.20
N PRO D 3 -13.53 -3.29 -15.07
CA PRO D 3 -12.44 -2.79 -14.23
C PRO D 3 -12.50 -3.38 -12.83
N ARG D 4 -11.32 -3.72 -12.28
CA ARG D 4 -11.28 -4.40 -10.98
C ARG D 4 -11.92 -3.56 -9.89
N GLN D 5 -11.81 -2.24 -9.97
CA GLN D 5 -12.36 -1.39 -8.92
C GLN D 5 -13.87 -1.23 -9.04
N CYS D 6 -14.45 -1.71 -10.13
CA CYS D 6 -15.89 -1.76 -10.32
C CYS D 6 -16.49 -3.14 -10.01
N ALA D 7 -15.66 -4.18 -9.89
CA ALA D 7 -16.19 -5.52 -9.65
C ALA D 7 -16.46 -5.77 -8.18
N THR D 8 -17.21 -4.88 -7.55
CA THR D 8 -17.42 -4.93 -6.11
C THR D 8 -18.90 -4.88 -5.81
N VAL D 9 -19.25 -5.28 -4.59
CA VAL D 9 -20.65 -5.24 -4.16
C VAL D 9 -21.21 -3.83 -4.28
N GLU D 10 -20.45 -2.82 -3.82
CA GLU D 10 -20.92 -1.43 -3.88
C GLU D 10 -21.19 -0.99 -5.31
N ALA D 11 -20.21 -1.19 -6.19
CA ALA D 11 -20.37 -0.70 -7.56
C ALA D 11 -21.48 -1.44 -8.27
N LEU D 12 -21.59 -2.76 -8.05
CA LEU D 12 -22.69 -3.50 -8.67
C LEU D 12 -24.01 -3.06 -8.06
N ARG D 13 -24.04 -2.75 -6.76
CA ARG D 13 -25.28 -2.26 -6.18
C ARG D 13 -25.64 -0.89 -6.75
N SER D 14 -24.66 0.01 -6.92
CA SER D 14 -25.00 1.34 -7.42
C SER D 14 -25.32 1.33 -8.91
N GLY D 15 -24.97 0.26 -9.61
CA GLY D 15 -25.11 0.26 -11.05
C GLY D 15 -24.18 1.20 -11.77
N MET D 16 -23.14 1.70 -11.09
CA MET D 16 -22.23 2.71 -11.64
C MET D 16 -20.82 2.15 -11.75
N CYS D 17 -20.21 2.27 -12.93
CA CYS D 17 -18.79 1.93 -13.11
C CYS D 17 -18.08 3.18 -13.59
N CYS D 18 -17.71 4.05 -12.64
CA CYS D 18 -17.14 5.36 -12.92
C CYS D 18 -15.93 5.60 -12.01
N PRO D 19 -14.84 4.86 -12.22
CA PRO D 19 -13.74 4.89 -11.25
C PRO D 19 -13.01 6.22 -11.27
N ASP D 20 -12.39 6.54 -10.12
CA ASP D 20 -11.58 7.74 -9.99
C ASP D 20 -10.35 7.64 -10.88
N LEU D 21 -9.91 8.80 -11.38
CA LEU D 21 -8.64 8.93 -12.11
C LEU D 21 -7.51 9.29 -11.17
N SER D 22 -7.51 10.53 -10.65
CA SER D 22 -6.52 10.99 -9.70
C SER D 22 -7.24 11.69 -8.57
N PRO D 23 -7.65 10.97 -7.58
CA PRO D 23 -8.45 11.58 -6.52
C PRO D 23 -7.54 12.18 -5.46
N VAL D 24 -7.33 13.49 -5.49
CA VAL D 24 -6.52 14.13 -4.45
C VAL D 24 -7.35 14.62 -3.28
N SER D 25 -8.67 14.78 -3.45
CA SER D 25 -9.57 15.19 -2.35
C SER D 25 -10.22 14.00 -1.66
N GLY D 26 -9.73 12.78 -1.89
CA GLY D 26 -10.33 11.60 -1.31
C GLY D 26 -11.04 10.81 -2.39
N PRO D 27 -11.52 9.63 -2.04
CA PRO D 27 -12.32 8.83 -2.99
C PRO D 27 -13.59 9.54 -3.40
N GLY D 28 -13.97 9.31 -4.65
CA GLY D 28 -15.16 9.88 -5.28
C GLY D 28 -15.02 11.31 -5.74
N THR D 29 -13.84 11.89 -5.64
CA THR D 29 -13.65 13.26 -6.08
C THR D 29 -13.14 13.41 -7.51
N ASP D 30 -12.72 12.32 -8.17
CA ASP D 30 -12.19 12.48 -9.53
C ASP D 30 -12.74 11.41 -10.46
N ARG D 31 -14.03 11.07 -10.33
CA ARG D 31 -14.65 10.11 -11.21
C ARG D 31 -14.49 10.53 -12.66
N CYS D 32 -13.97 9.63 -13.48
CA CYS D 32 -13.82 9.85 -14.91
C CYS D 32 -12.86 11.00 -15.22
N GLY D 33 -12.01 11.37 -14.26
CA GLY D 33 -11.15 12.52 -14.46
C GLY D 33 -11.90 13.83 -14.55
N SER D 34 -13.03 13.96 -13.84
CA SER D 34 -13.83 15.17 -13.89
C SER D 34 -13.12 16.37 -13.26
N SER D 35 -12.08 16.14 -12.45
CA SER D 35 -11.33 17.25 -11.85
C SER D 35 -10.48 17.99 -12.88
N SER D 36 -9.87 17.27 -13.81
CA SER D 36 -9.36 17.88 -15.02
C SER D 36 -10.48 17.87 -16.05
N GLY D 37 -10.18 18.12 -17.31
CA GLY D 37 -11.29 18.20 -18.25
C GLY D 37 -11.61 16.88 -18.92
N ARG D 38 -11.20 15.75 -18.32
CA ARG D 38 -10.99 14.54 -19.11
C ARG D 38 -12.28 13.75 -19.34
N GLY D 39 -13.23 13.76 -18.42
CA GLY D 39 -14.49 13.09 -18.70
C GLY D 39 -15.46 13.21 -17.56
N ARG D 40 -16.62 12.59 -17.76
CA ARG D 40 -17.74 12.70 -16.82
C ARG D 40 -18.40 11.35 -16.65
N CYS D 41 -18.97 11.15 -15.47
CA CYS D 41 -19.83 10.01 -15.24
C CYS D 41 -21.23 10.35 -15.76
N GLU D 42 -21.77 9.50 -16.63
CA GLU D 42 -23.12 9.75 -17.12
C GLU D 42 -23.79 8.43 -17.50
N ALA D 43 -25.06 8.51 -17.82
CA ALA D 43 -25.85 7.35 -18.16
C ALA D 43 -25.35 6.73 -19.45
N VAL D 44 -25.37 5.40 -19.51
CA VAL D 44 -24.86 4.67 -20.66
C VAL D 44 -25.83 4.79 -21.82
N THR D 45 -25.28 4.93 -23.02
CA THR D 45 -26.06 4.83 -24.24
C THR D 45 -25.94 3.38 -24.71
N ALA D 46 -27.09 2.71 -24.82
CA ALA D 46 -27.17 1.36 -25.36
C ALA D 46 -28.20 1.32 -26.47
N ASP D 47 -28.03 0.37 -27.40
CA ASP D 47 -29.00 0.25 -28.47
C ASP D 47 -30.24 -0.53 -28.07
N SER D 48 -31.38 0.05 -28.44
CA SER D 48 -32.71 -0.42 -28.10
C SER D 48 -33.46 -0.97 -29.30
N ARG D 49 -32.88 -0.92 -30.50
CA ARG D 49 -33.60 -1.34 -31.69
C ARG D 49 -33.77 -2.86 -31.72
N PRO D 50 -34.78 -3.36 -32.43
CA PRO D 50 -35.08 -4.80 -32.41
C PRO D 50 -34.04 -5.65 -33.13
N HIS D 51 -34.01 -6.93 -32.73
CA HIS D 51 -33.16 -7.92 -33.38
C HIS D 51 -34.03 -8.97 -34.07
N SER D 52 -33.37 -9.85 -34.83
CA SER D 52 -34.06 -10.89 -35.60
C SER D 52 -34.77 -11.86 -34.68
N PRO D 53 -35.80 -12.56 -35.17
CA PRO D 53 -36.51 -13.54 -34.33
C PRO D 53 -35.68 -14.74 -33.96
N GLN D 54 -34.45 -14.85 -34.45
CA GLN D 54 -33.64 -16.04 -34.17
C GLN D 54 -33.44 -16.28 -32.69
N TYR D 55 -33.35 -15.21 -31.90
CA TYR D 55 -33.16 -15.29 -30.46
C TYR D 55 -34.49 -14.98 -29.76
N PRO D 56 -35.13 -15.95 -29.11
CA PRO D 56 -36.43 -15.70 -28.48
C PRO D 56 -36.40 -15.42 -26.98
N HIS D 57 -35.22 -15.29 -26.35
CA HIS D 57 -35.12 -15.32 -24.89
C HIS D 57 -34.74 -13.97 -24.29
N ASP D 58 -35.30 -12.88 -24.80
CA ASP D 58 -35.08 -11.58 -24.17
C ASP D 58 -35.41 -11.62 -22.68
N GLY D 59 -34.52 -11.05 -21.87
CA GLY D 59 -34.69 -11.07 -20.43
C GLY D 59 -33.92 -12.18 -19.72
N ARG D 60 -33.26 -13.08 -20.45
CA ARG D 60 -32.62 -14.24 -19.83
C ARG D 60 -31.11 -14.18 -19.85
N ASP D 61 -30.52 -13.26 -20.61
CA ASP D 61 -29.09 -13.28 -20.86
C ASP D 61 -28.44 -11.93 -20.61
N ASP D 62 -27.36 -11.94 -19.82
CA ASP D 62 -26.63 -10.74 -19.47
C ASP D 62 -26.04 -10.01 -20.67
N ARG D 63 -25.93 -10.64 -21.82
CA ARG D 63 -25.33 -9.94 -22.94
C ARG D 63 -26.31 -9.04 -23.68
N GLU D 64 -27.61 -9.22 -23.47
CA GLU D 64 -28.60 -8.33 -24.06
C GLU D 64 -28.36 -6.89 -23.62
N VAL D 65 -28.59 -5.96 -24.55
CA VAL D 65 -28.45 -4.52 -24.35
C VAL D 65 -27.22 -4.19 -23.50
N TRP D 66 -26.08 -4.77 -23.85
CA TRP D 66 -24.82 -4.57 -23.14
C TRP D 66 -24.46 -3.09 -23.04
N PRO D 67 -24.03 -2.66 -21.84
CA PRO D 67 -23.83 -3.45 -20.62
C PRO D 67 -24.93 -3.26 -19.57
N LEU D 68 -26.17 -2.97 -19.99
CA LEU D 68 -27.19 -2.48 -19.08
C LEU D 68 -27.58 -3.46 -17.99
N ARG D 69 -27.26 -4.74 -18.13
CA ARG D 69 -27.52 -5.69 -17.04
C ARG D 69 -26.50 -5.62 -15.92
N PHE D 70 -25.43 -4.87 -16.09
CA PHE D 70 -24.47 -4.70 -15.01
C PHE D 70 -24.33 -3.26 -14.59
N PHE D 71 -24.26 -2.32 -15.53
CA PHE D 71 -24.05 -0.93 -15.19
C PHE D 71 -24.88 -0.04 -16.10
N ASN D 72 -25.40 1.05 -15.53
CA ASN D 72 -26.13 2.02 -16.33
C ASN D 72 -25.50 3.40 -16.31
N ARG D 73 -24.36 3.58 -15.63
CA ARG D 73 -23.61 4.83 -15.69
C ARG D 73 -22.15 4.47 -15.89
N THR D 74 -21.50 5.18 -16.80
CA THR D 74 -20.09 4.95 -17.11
C THR D 74 -19.42 6.27 -17.45
N CYS D 75 -18.10 6.21 -17.58
CA CYS D 75 -17.31 7.38 -17.92
C CYS D 75 -17.46 7.67 -19.40
N HIS D 76 -17.86 8.90 -19.73
CA HIS D 76 -17.81 9.39 -21.10
C HIS D 76 -16.71 10.42 -21.15
N CYS D 77 -15.73 10.20 -22.02
CA CYS D 77 -14.52 11.02 -22.03
C CYS D 77 -14.62 12.17 -23.02
N ASN D 78 -13.90 13.25 -22.71
CA ASN D 78 -13.84 14.45 -23.54
C ASN D 78 -12.65 14.39 -24.51
N GLY D 79 -12.79 15.14 -25.60
CA GLY D 79 -11.69 15.25 -26.56
C GLY D 79 -11.22 13.88 -26.97
N ASN D 80 -9.90 13.70 -26.95
CA ASN D 80 -9.30 12.42 -27.32
C ASN D 80 -8.71 11.69 -26.13
N PHE D 81 -9.31 11.90 -24.97
CA PHE D 81 -9.12 11.02 -23.85
C PHE D 81 -9.97 9.78 -24.01
N SER D 82 -9.55 8.72 -23.33
CA SER D 82 -10.25 7.44 -23.45
C SER D 82 -9.91 6.57 -22.26
N GLY D 83 -10.58 5.43 -22.20
CA GLY D 83 -10.34 4.47 -21.14
C GLY D 83 -11.44 4.49 -20.11
N HIS D 84 -11.41 3.44 -19.29
CA HIS D 84 -12.48 3.20 -18.34
C HIS D 84 -12.63 4.33 -17.33
N ASN D 85 -11.53 5.05 -17.02
CA ASN D 85 -11.60 6.24 -16.17
C ASN D 85 -11.02 7.45 -16.91
N CYS D 86 -10.99 7.40 -18.24
CA CYS D 86 -10.58 8.51 -19.10
C CYS D 86 -9.12 8.86 -18.91
N GLY D 87 -8.33 7.95 -18.38
CA GLY D 87 -6.92 8.20 -18.10
C GLY D 87 -5.96 7.94 -19.23
N THR D 88 -6.41 7.38 -20.34
CA THR D 88 -5.52 7.14 -21.46
C THR D 88 -6.05 7.88 -22.69
N CYS D 89 -5.62 7.48 -23.90
CA CYS D 89 -5.93 8.19 -25.14
C CYS D 89 -6.65 7.28 -26.11
N ARG D 90 -7.48 7.90 -26.96
CA ARG D 90 -8.11 7.18 -28.04
C ARG D 90 -7.07 6.64 -29.03
N PRO D 91 -7.45 5.65 -29.85
CA PRO D 91 -6.47 5.05 -30.77
C PRO D 91 -5.89 6.06 -31.75
N GLY D 92 -4.55 6.08 -31.81
CA GLY D 92 -3.82 7.02 -32.65
C GLY D 92 -3.22 8.21 -31.92
N TRP D 93 -3.40 8.32 -30.59
CA TRP D 93 -2.98 9.44 -29.76
C TRP D 93 -2.16 8.98 -28.56
N ARG D 94 -1.20 9.79 -28.16
CA ARG D 94 -0.52 9.57 -26.90
C ARG D 94 -0.19 10.93 -26.31
N GLY D 95 0.54 10.93 -25.21
CA GLY D 95 0.87 12.15 -24.51
C GLY D 95 -0.07 12.39 -23.34
N ALA D 96 0.42 13.15 -22.36
CA ALA D 96 -0.42 13.49 -21.21
C ALA D 96 -1.69 14.19 -21.65
N ALA D 97 -1.62 15.00 -22.70
CA ALA D 97 -2.76 15.73 -23.21
C ALA D 97 -3.40 15.07 -24.40
N CYS D 98 -2.94 13.87 -24.79
CA CYS D 98 -3.48 13.13 -25.93
C CYS D 98 -3.54 14.01 -27.18
N ASP D 99 -2.41 14.69 -27.45
CA ASP D 99 -2.28 15.59 -28.59
C ASP D 99 -1.03 15.30 -29.41
N GLN D 100 -0.38 14.17 -29.18
CA GLN D 100 0.71 13.70 -30.02
C GLN D 100 0.27 12.47 -30.79
N ARG D 101 0.46 12.52 -32.09
CA ARG D 101 -0.01 11.57 -33.07
C ARG D 101 0.88 10.35 -33.13
N VAL D 102 0.31 9.16 -33.38
CA VAL D 102 1.10 7.93 -33.49
C VAL D 102 0.46 7.04 -34.58
N LEU D 103 1.31 6.41 -35.38
CA LEU D 103 0.87 5.51 -36.44
C LEU D 103 1.78 4.30 -36.39
N ILE D 104 1.23 3.15 -35.97
CA ILE D 104 1.99 1.91 -35.93
C ILE D 104 1.64 1.09 -37.17
N VAL D 105 2.58 0.24 -37.56
CA VAL D 105 2.51 -0.50 -38.81
C VAL D 105 2.41 -1.98 -38.48
N ARG D 106 1.38 -2.64 -39.03
CA ARG D 106 1.26 -4.08 -38.92
C ARG D 106 1.85 -4.74 -40.16
N ARG D 107 2.82 -5.63 -39.95
CA ARG D 107 3.63 -6.21 -40.99
C ARG D 107 3.42 -7.72 -41.08
N ASN D 108 3.74 -8.27 -42.25
CA ASN D 108 3.75 -9.72 -42.42
C ASN D 108 4.74 -10.35 -41.45
N LEU D 109 4.27 -11.35 -40.70
CA LEU D 109 5.12 -11.99 -39.71
C LEU D 109 6.39 -12.59 -40.33
N LEU D 110 6.32 -13.05 -41.58
CA LEU D 110 7.46 -13.64 -42.25
C LEU D 110 8.46 -12.62 -42.76
N ASP D 111 8.10 -11.34 -42.80
CA ASP D 111 9.00 -10.26 -43.21
C ASP D 111 9.80 -9.69 -42.06
N LEU D 112 9.51 -10.09 -40.84
CA LEU D 112 10.21 -9.54 -39.69
C LEU D 112 11.63 -10.07 -39.64
N SER D 113 12.52 -9.28 -39.05
CA SER D 113 13.85 -9.77 -38.78
C SER D 113 13.80 -10.89 -37.76
N LYS D 114 14.90 -11.62 -37.65
CA LYS D 114 14.99 -12.66 -36.63
C LYS D 114 14.77 -12.09 -35.23
N GLU D 115 15.44 -10.98 -34.91
CA GLU D 115 15.29 -10.42 -33.56
C GLU D 115 13.86 -9.97 -33.31
N GLU D 116 13.18 -9.47 -34.35
CA GLU D 116 11.81 -9.03 -34.20
C GLU D 116 10.86 -10.21 -34.08
N LYS D 117 11.08 -11.27 -34.86
CA LYS D 117 10.32 -12.50 -34.70
C LYS D 117 10.43 -13.01 -33.28
N ASN D 118 11.65 -13.02 -32.74
CA ASN D 118 11.83 -13.57 -31.40
C ASN D 118 11.18 -12.67 -30.36
N HIS D 119 11.18 -11.37 -30.62
CA HIS D 119 10.54 -10.41 -29.74
C HIS D 119 9.01 -10.61 -29.72
N PHE D 120 8.40 -10.80 -30.89
CA PHE D 120 6.96 -11.03 -30.91
C PHE D 120 6.58 -12.29 -30.13
N VAL D 121 7.27 -13.40 -30.38
CA VAL D 121 6.96 -14.66 -29.69
C VAL D 121 7.08 -14.49 -28.17
N ARG D 122 8.14 -13.85 -27.70
CA ARG D 122 8.31 -13.67 -26.26
C ARG D 122 7.29 -12.69 -25.72
N ALA D 123 6.90 -11.68 -26.51
CA ALA D 123 5.84 -10.78 -26.10
C ALA D 123 4.52 -11.54 -25.91
N LEU D 124 4.16 -12.41 -26.87
CA LEU D 124 2.97 -13.23 -26.71
C LEU D 124 3.04 -14.06 -25.44
N ASP D 125 4.16 -14.75 -25.24
CA ASP D 125 4.31 -15.60 -24.05
C ASP D 125 4.25 -14.79 -22.77
N MET D 126 4.85 -13.60 -22.77
CA MET D 126 4.70 -12.72 -21.61
C MET D 126 3.23 -12.32 -21.39
N ALA D 127 2.49 -12.04 -22.46
CA ALA D 127 1.08 -11.72 -22.28
C ALA D 127 0.32 -12.90 -21.69
N LYS D 128 0.76 -14.14 -21.96
CA LYS D 128 0.06 -15.32 -21.45
C LYS D 128 0.24 -15.50 -19.94
N ARG D 129 1.33 -15.00 -19.35
CA ARG D 129 1.55 -15.21 -17.91
C ARG D 129 1.35 -13.95 -17.06
N THR D 130 1.16 -12.77 -17.65
CA THR D 130 1.06 -11.53 -16.89
C THR D 130 -0.39 -11.18 -16.57
N THR D 131 -0.67 -10.94 -15.30
CA THR D 131 -2.03 -10.57 -14.88
C THR D 131 -2.49 -9.31 -15.59
N HIS D 132 -3.68 -9.35 -16.18
CA HIS D 132 -4.20 -8.13 -16.78
C HIS D 132 -4.31 -7.04 -15.71
N PRO D 133 -3.63 -5.90 -15.89
CA PRO D 133 -3.64 -4.90 -14.82
C PRO D 133 -5.02 -4.31 -14.55
N LEU D 134 -5.91 -4.30 -15.53
CA LEU D 134 -7.16 -3.59 -15.40
C LEU D 134 -8.36 -4.49 -15.18
N PHE D 135 -8.55 -5.53 -15.98
CA PHE D 135 -9.81 -6.25 -16.04
C PHE D 135 -9.77 -7.53 -15.22
N VAL D 136 -10.92 -7.85 -14.61
CA VAL D 136 -11.21 -9.12 -13.98
C VAL D 136 -12.38 -9.74 -14.74
N ILE D 137 -12.57 -11.04 -14.62
CA ILE D 137 -13.64 -11.72 -15.35
C ILE D 137 -14.62 -12.36 -14.39
N ALA D 138 -15.91 -12.29 -14.73
CA ALA D 138 -16.93 -12.99 -13.97
C ALA D 138 -16.86 -14.49 -14.22
N THR D 139 -17.02 -15.26 -13.14
CA THR D 139 -17.09 -16.72 -13.26
C THR D 139 -18.51 -17.23 -13.10
N ARG D 140 -19.47 -16.33 -12.88
CA ARG D 140 -20.87 -16.66 -12.68
C ARG D 140 -21.71 -15.64 -13.43
N ARG D 141 -22.95 -16.03 -13.74
CA ARG D 141 -23.89 -15.12 -14.39
C ARG D 141 -24.36 -14.08 -13.36
N SER D 142 -25.08 -13.05 -13.82
CA SER D 142 -25.31 -11.89 -12.97
C SER D 142 -26.13 -12.24 -11.73
N GLU D 143 -27.06 -13.19 -11.84
CA GLU D 143 -27.89 -13.55 -10.68
C GLU D 143 -27.09 -14.22 -9.57
N GLU D 144 -25.95 -14.84 -9.88
CA GLU D 144 -25.12 -15.47 -8.88
C GLU D 144 -23.81 -14.73 -8.66
N ILE D 145 -23.70 -13.49 -9.18
CA ILE D 145 -22.42 -12.80 -9.24
C ILE D 145 -21.93 -12.41 -7.85
N LEU D 146 -22.81 -12.30 -6.86
CA LEU D 146 -22.35 -11.91 -5.54
C LEU D 146 -22.07 -13.11 -4.64
N GLY D 147 -22.15 -14.31 -5.19
CA GLY D 147 -21.69 -15.49 -4.50
C GLY D 147 -22.68 -16.05 -3.52
N PRO D 148 -22.32 -17.19 -2.92
CA PRO D 148 -23.24 -17.85 -1.97
C PRO D 148 -23.74 -16.96 -0.85
N ASP D 149 -22.88 -16.18 -0.20
CA ASP D 149 -23.31 -15.33 0.91
C ASP D 149 -23.81 -13.97 0.47
N GLY D 150 -23.92 -13.71 -0.84
CA GLY D 150 -24.37 -12.42 -1.31
C GLY D 150 -23.39 -11.28 -1.14
N ASN D 151 -22.17 -11.57 -0.70
CA ASN D 151 -21.21 -10.51 -0.41
C ASN D 151 -19.82 -10.83 -0.94
N THR D 152 -19.70 -11.69 -1.97
CA THR D 152 -18.42 -12.14 -2.51
C THR D 152 -18.44 -12.07 -4.03
N PRO D 153 -17.98 -10.98 -4.63
CA PRO D 153 -17.99 -10.87 -6.10
C PRO D 153 -17.23 -12.02 -6.74
N GLN D 154 -17.90 -12.68 -7.68
CA GLN D 154 -17.37 -13.87 -8.34
C GLN D 154 -16.52 -13.49 -9.55
N PHE D 155 -15.44 -12.74 -9.29
CA PHE D 155 -14.55 -12.28 -10.34
C PHE D 155 -13.14 -12.78 -10.07
N GLU D 156 -12.41 -13.10 -11.12
CA GLU D 156 -11.04 -13.54 -10.98
C GLU D 156 -10.10 -12.64 -11.75
N ASN D 157 -8.88 -12.55 -11.25
CA ASN D 157 -7.81 -12.03 -12.07
C ASN D 157 -7.59 -12.96 -13.24
N ILE D 158 -7.00 -12.44 -14.30
CA ILE D 158 -6.77 -13.22 -15.50
C ILE D 158 -5.63 -12.58 -16.26
N SER D 159 -4.87 -13.40 -17.00
CA SER D 159 -3.73 -12.86 -17.72
C SER D 159 -4.20 -12.08 -18.93
N ILE D 160 -3.30 -11.24 -19.46
CA ILE D 160 -3.64 -10.41 -20.61
C ILE D 160 -4.12 -11.28 -21.74
N TYR D 161 -3.39 -12.37 -22.02
CA TYR D 161 -3.79 -13.19 -23.16
C TYR D 161 -5.03 -14.01 -22.86
N ASN D 162 -5.17 -14.55 -21.65
CA ASN D 162 -6.37 -15.31 -21.35
C ASN D 162 -7.61 -14.40 -21.33
N TYR D 163 -7.43 -13.10 -21.05
CA TYR D 163 -8.54 -12.16 -21.21
C TYR D 163 -8.99 -12.09 -22.67
N PHE D 164 -8.03 -12.04 -23.59
CA PHE D 164 -8.31 -12.12 -25.02
C PHE D 164 -9.10 -13.39 -25.35
N VAL D 165 -8.77 -14.53 -24.73
CA VAL D 165 -9.51 -15.76 -25.00
C VAL D 165 -10.91 -15.67 -24.42
N TRP D 166 -11.00 -15.17 -23.18
CA TRP D 166 -12.25 -15.16 -22.43
C TRP D 166 -13.31 -14.27 -23.09
N THR D 167 -12.95 -13.08 -23.55
CA THR D 167 -13.97 -12.20 -24.14
C THR D 167 -14.57 -12.83 -25.39
N HIS D 168 -13.71 -13.48 -26.20
CA HIS D 168 -14.18 -14.24 -27.36
C HIS D 168 -15.11 -15.36 -26.91
N TYR D 169 -14.72 -16.09 -25.85
CA TYR D 169 -15.58 -17.14 -25.32
C TYR D 169 -16.95 -16.60 -24.91
N TYR D 170 -16.96 -15.48 -24.15
CA TYR D 170 -18.19 -14.91 -23.63
C TYR D 170 -19.13 -14.47 -24.75
N SER D 171 -18.58 -13.99 -25.87
CA SER D 171 -19.41 -13.53 -26.97
C SER D 171 -20.07 -14.68 -27.74
N VAL D 172 -19.58 -15.92 -27.62
CA VAL D 172 -20.14 -17.03 -28.37
C VAL D 172 -20.87 -18.05 -27.50
N LYS D 173 -20.78 -17.94 -26.18
CA LYS D 173 -21.36 -18.94 -25.28
C LYS D 173 -22.87 -19.05 -25.45
N LYS D 174 -23.38 -20.22 -25.08
CA LYS D 174 -24.81 -20.47 -25.12
C LYS D 174 -25.54 -19.76 -23.98
N THR D 175 -26.79 -19.42 -24.22
CA THR D 175 -27.64 -18.88 -23.16
C THR D 175 -28.05 -19.99 -22.21
N PHE D 176 -27.72 -19.82 -20.93
CA PHE D 176 -28.16 -20.76 -19.92
C PHE D 176 -29.62 -20.50 -19.57
N LEU D 177 -30.44 -21.54 -19.65
CA LEU D 177 -31.85 -21.41 -19.38
C LEU D 177 -32.30 -21.97 -18.03
N GLY D 178 -31.49 -22.77 -17.37
CA GLY D 178 -31.85 -23.32 -16.07
C GLY D 178 -31.32 -24.74 -16.00
N VAL D 179 -31.06 -25.19 -14.77
CA VAL D 179 -30.55 -26.54 -14.57
C VAL D 179 -31.55 -27.55 -15.11
N GLY D 180 -31.03 -28.57 -15.82
CA GLY D 180 -31.86 -29.58 -16.44
C GLY D 180 -32.40 -29.21 -17.81
N GLN D 181 -32.27 -27.94 -18.19
CA GLN D 181 -32.74 -27.44 -19.47
C GLN D 181 -31.57 -27.36 -20.46
N GLU D 182 -31.90 -27.46 -21.73
CA GLU D 182 -30.93 -27.33 -22.81
C GLU D 182 -30.55 -25.89 -23.05
N SER D 183 -29.26 -25.59 -23.03
CA SER D 183 -28.81 -24.23 -23.24
C SER D 183 -29.06 -23.85 -24.69
N PHE D 184 -29.35 -22.58 -24.91
CA PHE D 184 -29.74 -22.11 -26.24
C PHE D 184 -28.53 -21.63 -27.02
N GLY D 185 -28.39 -22.14 -28.24
CA GLY D 185 -27.16 -21.98 -29.01
C GLY D 185 -27.29 -21.26 -30.33
N GLU D 186 -28.48 -20.76 -30.67
CA GLU D 186 -28.63 -19.98 -31.91
C GLU D 186 -28.43 -18.49 -31.58
N VAL D 187 -27.27 -18.23 -31.01
CA VAL D 187 -26.90 -16.88 -30.60
C VAL D 187 -25.38 -16.79 -30.70
N ASP D 188 -24.88 -15.63 -31.11
CA ASP D 188 -23.45 -15.43 -31.26
C ASP D 188 -23.22 -13.94 -31.47
N PHE D 189 -22.63 -13.29 -30.48
CA PHE D 189 -22.50 -11.84 -30.50
C PHE D 189 -21.33 -11.36 -31.35
N SER D 190 -20.58 -12.27 -31.96
CA SER D 190 -19.38 -11.87 -32.66
C SER D 190 -19.16 -12.62 -33.97
N HIS D 191 -20.03 -13.55 -34.34
CA HIS D 191 -19.93 -14.31 -35.57
C HIS D 191 -21.29 -14.39 -36.25
N GLU D 192 -21.27 -14.75 -37.53
CA GLU D 192 -22.50 -15.03 -38.26
C GLU D 192 -23.43 -13.81 -38.26
N GLY D 193 -22.87 -12.67 -38.61
CA GLY D 193 -23.64 -11.47 -38.69
C GLY D 193 -22.73 -10.30 -38.98
N PRO D 194 -23.31 -9.13 -39.21
CA PRO D 194 -22.49 -7.95 -39.55
C PRO D 194 -21.41 -7.60 -38.52
N ALA D 195 -21.60 -7.89 -37.23
CA ALA D 195 -20.62 -7.41 -36.26
C ALA D 195 -19.31 -8.18 -36.31
N PHE D 196 -19.23 -9.23 -37.11
CA PHE D 196 -18.06 -10.11 -37.10
C PHE D 196 -16.76 -9.34 -37.28
N LEU D 197 -16.71 -8.44 -38.26
CA LEU D 197 -15.44 -7.80 -38.57
C LEU D 197 -15.09 -6.70 -37.58
N THR D 198 -16.09 -5.91 -37.15
CA THR D 198 -15.82 -4.83 -36.20
C THR D 198 -15.54 -5.37 -34.81
N TRP D 199 -16.22 -6.45 -34.42
CA TRP D 199 -15.90 -7.11 -33.16
C TRP D 199 -14.44 -7.58 -33.12
N HIS D 200 -14.01 -8.37 -34.12
CA HIS D 200 -12.65 -8.90 -34.10
C HIS D 200 -11.63 -7.79 -34.30
N ARG D 201 -12.01 -6.68 -34.95
CA ARG D 201 -11.10 -5.54 -35.04
C ARG D 201 -10.82 -4.94 -33.66
N TYR D 202 -11.86 -4.69 -32.86
CA TYR D 202 -11.60 -4.13 -31.53
C TYR D 202 -10.89 -5.13 -30.62
N HIS D 203 -11.28 -6.40 -30.68
CA HIS D 203 -10.56 -7.48 -30.01
C HIS D 203 -9.04 -7.35 -30.20
N LEU D 204 -8.59 -7.19 -31.44
CA LEU D 204 -7.16 -7.06 -31.70
C LEU D 204 -6.63 -5.74 -31.16
N LEU D 205 -7.35 -4.65 -31.43
CA LEU D 205 -6.94 -3.33 -30.97
C LEU D 205 -6.68 -3.33 -29.48
N ARG D 206 -7.54 -4.04 -28.72
CA ARG D 206 -7.41 -4.12 -27.27
C ARG D 206 -6.22 -4.97 -26.83
N LEU D 207 -5.97 -6.09 -27.50
CA LEU D 207 -4.78 -6.88 -27.16
C LEU D 207 -3.51 -6.08 -27.44
N GLU D 208 -3.47 -5.38 -28.59
CA GLU D 208 -2.30 -4.61 -28.98
C GLU D 208 -2.01 -3.51 -27.96
N LYS D 209 -3.06 -2.79 -27.55
CA LYS D 209 -2.89 -1.76 -26.53
C LYS D 209 -2.39 -2.36 -25.22
N ASP D 210 -2.96 -3.50 -24.82
CA ASP D 210 -2.57 -4.15 -23.57
C ASP D 210 -1.11 -4.62 -23.64
N MET D 211 -0.67 -5.12 -24.79
CA MET D 211 0.71 -5.56 -24.91
C MET D 211 1.66 -4.37 -24.98
N GLN D 212 1.23 -3.25 -25.59
CA GLN D 212 2.03 -2.03 -25.55
C GLN D 212 2.33 -1.64 -24.10
N GLU D 213 1.32 -1.58 -23.24
CA GLU D 213 1.56 -1.17 -21.86
C GLU D 213 2.41 -2.21 -21.12
N MET D 214 2.11 -3.50 -21.33
CA MET D 214 2.86 -4.57 -20.68
C MET D 214 4.35 -4.51 -21.03
N LEU D 215 4.67 -4.21 -22.28
CA LEU D 215 6.05 -4.08 -22.75
C LEU D 215 6.64 -2.70 -22.59
N GLN D 216 5.85 -1.71 -22.21
CA GLN D 216 6.26 -0.29 -22.33
C GLN D 216 6.94 -0.01 -23.65
N GLU D 217 6.26 -0.42 -24.71
CA GLU D 217 6.69 -0.17 -26.08
C GLU D 217 5.47 0.41 -26.79
N PRO D 218 5.31 1.73 -26.76
CA PRO D 218 4.12 2.32 -27.37
C PRO D 218 4.01 2.02 -28.86
N SER D 219 5.10 1.67 -29.53
CA SER D 219 5.04 1.38 -30.96
C SER D 219 4.89 -0.11 -31.29
N PHE D 220 4.82 -0.99 -30.29
CA PHE D 220 4.63 -2.41 -30.59
C PHE D 220 3.34 -2.63 -31.37
N SER D 221 3.42 -3.45 -32.40
CA SER D 221 2.27 -3.73 -33.25
C SER D 221 2.15 -5.23 -33.49
N LEU D 222 0.93 -5.65 -33.86
CA LEU D 222 0.75 -7.08 -34.11
C LEU D 222 1.01 -7.40 -35.57
N PRO D 223 1.82 -8.41 -35.89
CA PRO D 223 1.99 -8.83 -37.28
C PRO D 223 0.77 -9.61 -37.79
N TYR D 224 0.82 -9.99 -39.06
CA TYR D 224 -0.21 -10.81 -39.65
C TYR D 224 0.39 -12.01 -40.37
N TRP D 225 -0.47 -12.99 -40.62
CA TRP D 225 -0.16 -14.21 -41.34
C TRP D 225 -1.02 -14.21 -42.60
N ASN D 226 -0.38 -14.08 -43.75
CA ASN D 226 -1.10 -14.22 -45.02
C ASN D 226 -1.40 -15.68 -45.26
N PHE D 227 -2.58 -16.13 -44.84
CA PHE D 227 -2.97 -17.51 -45.03
C PHE D 227 -3.56 -17.80 -46.40
N ALA D 228 -3.70 -16.80 -47.26
CA ALA D 228 -4.30 -17.00 -48.58
C ALA D 228 -3.20 -17.32 -49.61
N THR D 229 -2.56 -18.46 -49.40
CA THR D 229 -1.43 -18.90 -50.20
C THR D 229 -1.66 -20.18 -50.99
N GLY D 230 -2.80 -20.85 -50.82
CA GLY D 230 -3.04 -22.12 -51.47
C GLY D 230 -2.21 -23.26 -50.92
N LYS D 231 -1.55 -23.06 -49.78
CA LYS D 231 -0.61 -24.04 -49.28
C LYS D 231 -1.30 -25.19 -48.54
N ASN D 232 -0.57 -26.32 -48.52
CA ASN D 232 -0.82 -27.60 -47.87
C ASN D 232 -0.40 -27.60 -46.40
N VAL D 233 0.45 -26.66 -46.01
CA VAL D 233 1.08 -26.61 -44.71
C VAL D 233 0.94 -25.19 -44.16
N CYS D 234 1.25 -25.05 -42.88
CA CYS D 234 1.23 -23.75 -42.18
C CYS D 234 2.67 -23.21 -42.16
N ASP D 235 2.95 -22.21 -43.01
CA ASP D 235 4.32 -21.71 -43.19
C ASP D 235 4.80 -20.86 -42.03
N ILE D 236 3.94 -20.54 -41.06
CA ILE D 236 4.39 -19.90 -39.83
C ILE D 236 4.51 -20.91 -38.71
N CYS D 237 4.32 -22.20 -38.97
CA CYS D 237 4.41 -23.21 -37.92
C CYS D 237 5.84 -23.77 -37.87
N THR D 238 6.74 -22.90 -37.42
CA THR D 238 8.13 -23.27 -37.19
C THR D 238 8.48 -22.89 -35.75
N ASP D 239 9.54 -23.51 -35.22
CA ASP D 239 9.80 -23.34 -33.79
C ASP D 239 10.34 -21.94 -33.46
N ASP D 240 10.78 -21.17 -34.45
CA ASP D 240 11.13 -19.77 -34.18
C ASP D 240 9.93 -18.84 -34.19
N LEU D 241 8.74 -19.35 -34.50
CA LEU D 241 7.53 -18.55 -34.40
C LEU D 241 6.28 -19.40 -34.54
N MET D 242 5.55 -19.64 -33.47
CA MET D 242 4.22 -20.28 -33.49
C MET D 242 4.27 -21.78 -33.33
N GLY D 243 5.39 -22.41 -33.72
CA GLY D 243 5.63 -23.80 -33.33
C GLY D 243 5.36 -24.85 -34.38
N SER D 244 6.30 -25.79 -34.54
CA SER D 244 6.08 -26.86 -35.48
C SER D 244 5.43 -28.03 -34.74
N ARG D 245 5.20 -29.10 -35.50
CA ARG D 245 4.54 -30.28 -34.98
C ARG D 245 5.44 -31.06 -34.01
N SER D 246 4.86 -31.60 -32.95
CA SER D 246 5.62 -32.44 -32.02
C SER D 246 5.97 -33.79 -32.66
N ASN D 247 7.23 -34.18 -32.56
CA ASN D 247 7.63 -35.49 -33.06
C ASN D 247 7.14 -36.62 -32.17
N PHE D 248 6.57 -36.31 -31.02
CA PHE D 248 6.10 -37.34 -30.11
C PHE D 248 4.58 -37.46 -30.08
N ASP D 249 3.86 -36.48 -30.64
CA ASP D 249 2.40 -36.51 -30.75
C ASP D 249 2.00 -35.52 -31.83
N SER D 250 1.42 -36.02 -32.92
CA SER D 250 1.15 -35.20 -34.10
C SER D 250 0.17 -34.06 -33.87
N THR D 251 -0.57 -34.08 -32.77
CA THR D 251 -1.56 -33.06 -32.50
C THR D 251 -1.10 -32.06 -31.46
N LEU D 252 0.14 -32.16 -30.99
CA LEU D 252 0.76 -31.24 -30.03
C LEU D 252 1.81 -30.40 -30.74
N ILE D 253 2.22 -29.33 -30.07
CA ILE D 253 3.23 -28.44 -30.60
C ILE D 253 4.61 -28.90 -30.13
N SER D 254 5.61 -28.70 -30.99
CA SER D 254 6.98 -29.08 -30.68
C SER D 254 7.38 -28.56 -29.30
N PRO D 255 8.00 -29.41 -28.46
CA PRO D 255 8.51 -28.95 -27.15
C PRO D 255 9.58 -27.90 -27.25
N ASN D 256 10.12 -27.63 -28.44
CA ASN D 256 11.09 -26.57 -28.62
C ASN D 256 10.44 -25.22 -28.91
N SER D 257 9.11 -25.12 -28.85
CA SER D 257 8.41 -23.85 -28.95
C SER D 257 7.77 -23.51 -27.60
N VAL D 258 7.80 -22.23 -27.20
CA VAL D 258 7.17 -21.87 -25.93
C VAL D 258 5.69 -22.20 -25.94
N PHE D 259 5.05 -22.21 -27.11
CA PHE D 259 3.60 -22.41 -27.12
C PHE D 259 3.20 -23.81 -26.74
N SER D 260 4.15 -24.76 -26.70
CA SER D 260 3.87 -26.11 -26.23
C SER D 260 3.65 -26.15 -24.72
N GLN D 261 4.02 -25.08 -24.03
CA GLN D 261 3.83 -24.93 -22.58
C GLN D 261 2.48 -24.31 -22.22
N TRP D 262 1.82 -23.64 -23.16
CA TRP D 262 0.55 -22.98 -22.87
C TRP D 262 -0.50 -24.00 -22.48
N ARG D 263 -1.33 -23.65 -21.51
CA ARG D 263 -2.49 -24.46 -21.18
C ARG D 263 -3.75 -23.64 -21.40
N VAL D 264 -4.79 -24.27 -21.91
CA VAL D 264 -5.93 -23.53 -22.44
C VAL D 264 -6.92 -23.20 -21.35
N VAL D 265 -7.66 -22.10 -21.55
CA VAL D 265 -8.81 -21.77 -20.71
C VAL D 265 -10.07 -21.98 -21.53
N CYS D 266 -11.19 -22.21 -20.82
CA CYS D 266 -12.56 -22.27 -21.35
C CYS D 266 -12.92 -23.58 -22.06
N ASP D 267 -12.24 -24.69 -21.79
CA ASP D 267 -12.53 -25.97 -22.43
C ASP D 267 -13.42 -26.85 -21.57
N SER D 268 -14.30 -26.26 -20.79
CA SER D 268 -15.24 -27.05 -19.99
C SER D 268 -16.66 -26.68 -20.34
N LEU D 269 -17.02 -26.76 -21.63
CA LEU D 269 -18.36 -26.34 -22.04
C LEU D 269 -19.46 -27.13 -21.35
N GLU D 270 -19.26 -28.44 -21.10
CA GLU D 270 -20.32 -29.21 -20.47
C GLU D 270 -20.63 -28.68 -19.07
N ASP D 271 -19.59 -28.23 -18.33
CA ASP D 271 -19.85 -27.63 -17.02
C ASP D 271 -20.60 -26.33 -17.17
N TYR D 272 -20.12 -25.46 -18.05
CA TYR D 272 -20.76 -24.15 -18.19
C TYR D 272 -22.22 -24.27 -18.61
N ASP D 273 -22.52 -25.21 -19.53
CA ASP D 273 -23.84 -25.30 -20.13
C ASP D 273 -24.83 -26.16 -19.34
N THR D 274 -24.38 -26.87 -18.32
CA THR D 274 -25.29 -27.58 -17.43
C THR D 274 -25.38 -26.97 -16.05
N LEU D 275 -24.31 -26.32 -15.58
CA LEU D 275 -24.34 -25.64 -14.29
C LEU D 275 -24.65 -24.17 -14.40
N GLY D 276 -24.52 -23.60 -15.61
CA GLY D 276 -24.69 -22.16 -15.78
C GLY D 276 -23.53 -21.31 -15.31
N THR D 277 -22.36 -21.89 -15.14
CA THR D 277 -21.20 -21.08 -14.79
C THR D 277 -20.59 -20.47 -16.06
N LEU D 278 -19.51 -19.73 -15.88
CA LEU D 278 -18.77 -19.15 -16.98
C LEU D 278 -17.34 -19.64 -16.90
N CYS D 279 -16.67 -19.65 -18.05
CA CYS D 279 -15.23 -19.89 -18.12
C CYS D 279 -14.49 -19.09 -17.05
N ASN D 280 -13.64 -19.75 -16.28
CA ASN D 280 -12.80 -19.04 -15.33
C ASN D 280 -11.33 -19.12 -15.74
N SER D 281 -10.45 -18.64 -14.88
CA SER D 281 -9.06 -18.43 -15.22
C SER D 281 -8.18 -19.67 -15.05
N THR D 282 -8.73 -20.79 -14.58
CA THR D 282 -7.93 -21.98 -14.38
C THR D 282 -7.65 -22.65 -15.71
N GLU D 283 -6.38 -22.91 -15.99
CA GLU D 283 -6.01 -23.56 -17.22
C GLU D 283 -6.06 -25.08 -17.06
N ASP D 284 -6.13 -25.76 -18.19
CA ASP D 284 -6.24 -27.22 -18.18
C ASP D 284 -5.24 -27.81 -19.17
N GLY D 285 -5.71 -28.24 -20.35
CA GLY D 285 -4.88 -28.97 -21.28
C GLY D 285 -4.04 -28.15 -22.25
N PRO D 286 -3.24 -28.83 -23.06
CA PRO D 286 -2.37 -28.13 -24.01
C PRO D 286 -3.12 -27.75 -25.28
N ILE D 287 -2.49 -26.86 -26.05
CA ILE D 287 -2.98 -26.55 -27.39
C ILE D 287 -2.88 -27.80 -28.25
N ARG D 288 -3.97 -28.15 -28.94
CA ARG D 288 -3.93 -29.16 -29.99
C ARG D 288 -3.87 -28.46 -31.33
N ARG D 289 -2.99 -28.93 -32.21
CA ARG D 289 -2.89 -28.33 -33.51
C ARG D 289 -2.36 -29.40 -34.47
N ASN D 290 -3.02 -29.54 -35.61
CA ASN D 290 -2.68 -30.58 -36.58
C ASN D 290 -2.93 -30.03 -37.98
N PRO D 291 -2.12 -29.10 -38.44
CA PRO D 291 -2.42 -28.43 -39.71
C PRO D 291 -2.56 -29.43 -40.85
N ALA D 292 -3.57 -29.21 -41.69
CA ALA D 292 -3.99 -30.08 -42.78
C ALA D 292 -4.41 -31.47 -42.31
N GLY D 293 -4.61 -31.67 -41.01
CA GLY D 293 -4.83 -33.02 -40.50
C GLY D 293 -6.23 -33.60 -40.56
N ASN D 294 -7.23 -32.87 -41.06
CA ASN D 294 -8.63 -33.30 -40.99
C ASN D 294 -8.92 -34.19 -42.20
N VAL D 295 -8.48 -35.45 -42.11
CA VAL D 295 -8.62 -36.38 -43.23
C VAL D 295 -10.08 -36.69 -43.53
N ALA D 296 -10.96 -36.59 -42.52
CA ALA D 296 -12.39 -36.79 -42.72
C ALA D 296 -13.04 -35.73 -43.58
N ARG D 297 -12.34 -34.63 -43.87
CA ARG D 297 -12.96 -33.48 -44.50
C ARG D 297 -11.93 -32.80 -45.40
N PRO D 298 -11.68 -33.37 -46.59
CA PRO D 298 -10.55 -32.91 -47.42
C PRO D 298 -10.66 -31.46 -47.87
N MET D 299 -11.83 -30.84 -47.84
CA MET D 299 -11.86 -29.46 -48.30
C MET D 299 -11.23 -28.50 -47.30
N VAL D 300 -10.99 -28.92 -46.06
CA VAL D 300 -10.30 -28.09 -45.08
C VAL D 300 -8.86 -28.56 -44.88
N GLN D 301 -8.28 -29.24 -45.87
CA GLN D 301 -6.89 -29.66 -45.81
C GLN D 301 -5.98 -28.79 -46.65
N ARG D 302 -6.50 -27.70 -47.21
CA ARG D 302 -5.68 -26.73 -47.93
C ARG D 302 -6.21 -25.32 -47.66
N LEU D 303 -5.29 -24.37 -47.48
CA LEU D 303 -5.61 -22.98 -47.20
C LEU D 303 -6.21 -22.28 -48.41
N PRO D 304 -6.85 -21.12 -48.21
CA PRO D 304 -7.38 -20.35 -49.34
C PRO D 304 -6.28 -19.97 -50.33
N GLU D 305 -6.69 -19.81 -51.61
CA GLU D 305 -5.88 -19.39 -52.75
C GLU D 305 -5.74 -17.87 -52.79
N PRO D 306 -4.64 -17.34 -53.34
CA PRO D 306 -4.48 -15.88 -53.40
C PRO D 306 -5.61 -15.17 -54.13
N GLN D 307 -6.28 -15.83 -55.07
CA GLN D 307 -7.36 -15.18 -55.81
C GLN D 307 -8.65 -15.10 -55.00
N ASP D 308 -8.80 -15.94 -53.97
CA ASP D 308 -9.95 -15.86 -53.08
C ASP D 308 -10.02 -14.49 -52.39
N VAL D 309 -8.87 -13.94 -52.00
CA VAL D 309 -8.89 -12.61 -51.42
C VAL D 309 -9.27 -11.57 -52.47
N ALA D 310 -8.70 -11.68 -53.68
CA ALA D 310 -9.02 -10.69 -54.71
C ALA D 310 -10.48 -10.75 -55.11
N GLN D 311 -11.06 -11.94 -55.12
CA GLN D 311 -12.45 -12.07 -55.53
C GLN D 311 -13.39 -11.48 -54.48
N CYS D 312 -13.12 -11.72 -53.19
CA CYS D 312 -14.00 -11.19 -52.16
C CYS D 312 -13.89 -9.67 -52.07
N LEU D 313 -12.75 -9.09 -52.45
CA LEU D 313 -12.65 -7.63 -52.47
C LEU D 313 -13.47 -6.99 -53.58
N GLU D 314 -14.10 -7.78 -54.46
CA GLU D 314 -15.02 -7.27 -55.47
C GLU D 314 -16.47 -7.30 -55.03
N VAL D 315 -16.79 -7.94 -53.90
CA VAL D 315 -18.15 -7.94 -53.35
C VAL D 315 -18.39 -6.58 -52.69
N GLY D 316 -19.32 -5.79 -53.27
CA GLY D 316 -19.43 -4.38 -52.95
C GLY D 316 -20.43 -4.00 -51.88
N LEU D 317 -21.32 -4.91 -51.51
CA LEU D 317 -22.22 -4.69 -50.39
C LEU D 317 -21.56 -5.28 -49.14
N PHE D 318 -21.45 -4.48 -48.07
CA PHE D 318 -20.84 -5.00 -46.85
C PHE D 318 -21.61 -6.20 -46.32
N ASP D 319 -22.92 -6.08 -46.20
CA ASP D 319 -23.72 -7.22 -45.78
C ASP D 319 -25.05 -7.13 -46.51
N THR D 320 -25.80 -8.22 -46.43
CA THR D 320 -27.10 -8.34 -47.06
C THR D 320 -28.05 -9.09 -46.14
N PRO D 321 -29.36 -8.82 -46.24
CA PRO D 321 -30.32 -9.62 -45.48
C PRO D 321 -30.16 -11.11 -45.80
N PRO D 322 -30.42 -12.00 -44.84
CA PRO D 322 -30.93 -11.70 -43.50
C PRO D 322 -29.81 -11.43 -42.46
N PHE D 323 -28.64 -11.00 -42.95
CA PHE D 323 -27.51 -10.60 -42.10
C PHE D 323 -27.06 -11.75 -41.19
N TYR D 324 -26.83 -12.89 -41.81
CA TYR D 324 -26.62 -14.14 -41.10
C TYR D 324 -25.59 -14.96 -41.87
N SER D 325 -25.36 -16.19 -41.45
CA SER D 325 -24.35 -17.00 -42.11
C SER D 325 -24.79 -17.50 -43.49
N ASN D 326 -26.06 -17.33 -43.86
CA ASN D 326 -26.50 -17.73 -45.20
C ASN D 326 -26.80 -16.53 -46.10
N SER D 327 -26.24 -15.36 -45.81
CA SER D 327 -26.33 -14.23 -46.72
C SER D 327 -25.49 -14.46 -47.98
N THR D 328 -26.02 -14.00 -49.13
CA THR D 328 -25.32 -14.04 -50.40
C THR D 328 -24.93 -12.63 -50.81
N ASN D 329 -23.86 -12.55 -51.59
CA ASN D 329 -23.33 -11.29 -52.11
C ASN D 329 -22.98 -10.33 -51.01
N SER D 330 -22.61 -10.86 -49.85
CA SER D 330 -22.24 -10.06 -48.69
C SER D 330 -20.74 -10.13 -48.51
N PHE D 331 -20.07 -8.98 -48.51
CA PHE D 331 -18.64 -9.00 -48.23
C PHE D 331 -18.34 -9.63 -46.87
N ARG D 332 -19.11 -9.25 -45.85
CA ARG D 332 -18.88 -9.77 -44.50
C ARG D 332 -18.98 -11.28 -44.49
N ASN D 333 -20.04 -11.83 -45.06
CA ASN D 333 -20.19 -13.28 -45.07
C ASN D 333 -19.15 -13.93 -45.97
N THR D 334 -18.62 -13.19 -46.95
CA THR D 334 -17.61 -13.80 -47.82
C THR D 334 -16.27 -13.87 -47.11
N VAL D 335 -15.82 -12.77 -46.51
CA VAL D 335 -14.54 -12.82 -45.82
C VAL D 335 -14.64 -13.70 -44.59
N GLU D 336 -15.79 -13.71 -43.89
CA GLU D 336 -15.95 -14.63 -42.78
C GLU D 336 -15.84 -16.07 -43.26
N GLY D 337 -16.35 -16.34 -44.44
CA GLY D 337 -16.12 -17.62 -45.07
C GLY D 337 -17.31 -18.55 -45.16
N PHE D 338 -18.54 -18.04 -45.03
CA PHE D 338 -19.69 -18.89 -45.23
C PHE D 338 -20.16 -18.91 -46.69
N SER D 339 -19.79 -17.90 -47.47
CA SER D 339 -19.95 -17.85 -48.91
C SER D 339 -18.64 -18.21 -49.57
N ASP D 340 -18.69 -18.59 -50.85
CA ASP D 340 -17.46 -18.77 -51.62
C ASP D 340 -16.90 -17.39 -51.98
N PRO D 341 -15.65 -17.31 -52.45
CA PRO D 341 -15.03 -15.98 -52.63
C PRO D 341 -15.76 -15.05 -53.58
N THR D 342 -16.64 -15.57 -54.47
CA THR D 342 -17.41 -14.69 -55.34
C THR D 342 -18.61 -14.10 -54.65
N GLY D 343 -19.03 -14.68 -53.51
CA GLY D 343 -20.18 -14.25 -52.76
C GLY D 343 -21.34 -15.21 -52.79
N LYS D 344 -21.21 -16.36 -53.45
CA LYS D 344 -22.33 -17.28 -53.58
C LYS D 344 -22.37 -18.07 -52.28
N TYR D 345 -23.55 -18.18 -51.66
CA TYR D 345 -23.63 -18.99 -50.45
C TYR D 345 -23.80 -20.45 -50.83
N ASP D 346 -23.19 -21.35 -50.04
CA ASP D 346 -23.34 -22.80 -50.19
C ASP D 346 -23.10 -23.44 -48.84
N PRO D 347 -24.07 -24.16 -48.28
CA PRO D 347 -23.91 -24.72 -46.93
C PRO D 347 -22.71 -25.67 -46.82
N ALA D 348 -22.16 -26.15 -47.93
CA ALA D 348 -21.06 -27.11 -47.91
C ALA D 348 -19.68 -26.49 -47.97
N VAL D 349 -19.57 -25.18 -48.17
CA VAL D 349 -18.29 -24.54 -48.43
C VAL D 349 -17.73 -23.88 -47.16
N SER D 350 -16.42 -24.01 -46.99
CA SER D 350 -15.66 -23.17 -46.07
C SER D 350 -14.62 -22.42 -46.87
N SER D 351 -14.56 -21.10 -46.68
CA SER D 351 -13.51 -20.34 -47.35
C SER D 351 -12.96 -19.29 -46.40
N LEU D 352 -11.92 -18.61 -46.88
CA LEU D 352 -11.19 -17.55 -46.19
C LEU D 352 -11.08 -17.81 -44.68
N HIS D 353 -11.67 -16.92 -43.87
CA HIS D 353 -11.42 -16.92 -42.43
C HIS D 353 -11.84 -18.23 -41.78
N ASN D 354 -13.06 -18.71 -42.08
CA ASN D 354 -13.49 -19.98 -41.49
C ASN D 354 -12.57 -21.12 -41.92
N LEU D 355 -12.12 -21.11 -43.19
CA LEU D 355 -11.22 -22.15 -43.70
C LEU D 355 -9.87 -22.14 -42.98
N ALA D 356 -9.29 -20.96 -42.77
CA ALA D 356 -8.03 -20.89 -42.06
C ALA D 356 -8.14 -21.53 -40.68
N HIS D 357 -9.27 -21.34 -39.99
CA HIS D 357 -9.47 -21.98 -38.69
C HIS D 357 -9.53 -23.50 -38.81
N LEU D 358 -10.35 -24.01 -39.74
CA LEU D 358 -10.57 -25.45 -39.79
C LEU D 358 -9.33 -26.18 -40.28
N PHE D 359 -8.52 -25.50 -41.11
CA PHE D 359 -7.25 -26.05 -41.57
C PHE D 359 -6.37 -26.47 -40.42
N LEU D 360 -6.44 -25.76 -39.28
CA LEU D 360 -5.58 -26.07 -38.14
C LEU D 360 -5.94 -27.37 -37.46
N ASN D 361 -7.15 -27.87 -37.67
CA ASN D 361 -7.64 -29.15 -37.17
C ASN D 361 -7.24 -29.37 -35.70
N GLY D 362 -7.70 -28.47 -34.86
CA GLY D 362 -7.38 -28.52 -33.45
C GLY D 362 -8.05 -27.41 -32.67
N THR D 363 -7.40 -27.02 -31.56
CA THR D 363 -7.89 -25.95 -30.70
C THR D 363 -8.31 -24.72 -31.50
N GLY D 364 -7.49 -24.32 -32.48
CA GLY D 364 -7.79 -23.16 -33.30
C GLY D 364 -9.01 -23.28 -34.19
N GLY D 365 -9.56 -24.48 -34.35
CA GLY D 365 -10.75 -24.66 -35.15
C GLY D 365 -12.00 -24.99 -34.38
N GLN D 366 -12.01 -24.66 -33.09
CA GLN D 366 -13.19 -24.76 -32.25
C GLN D 366 -13.55 -23.38 -31.74
N VAL D 367 -14.81 -22.99 -31.88
CA VAL D 367 -15.15 -21.59 -31.76
C VAL D 367 -15.09 -21.14 -30.29
N HIS D 368 -15.46 -22.01 -29.36
CA HIS D 368 -15.35 -21.57 -27.97
C HIS D 368 -13.91 -21.49 -27.50
N LEU D 369 -12.95 -22.08 -28.24
CA LEU D 369 -11.57 -22.19 -27.78
C LEU D 369 -10.53 -21.47 -28.62
N SER D 370 -10.86 -21.08 -29.86
CA SER D 370 -9.82 -20.86 -30.87
C SER D 370 -8.76 -19.82 -30.52
N PRO D 371 -9.04 -18.70 -29.82
CA PRO D 371 -7.94 -17.77 -29.49
C PRO D 371 -6.88 -18.41 -28.58
N ASN D 372 -7.18 -19.55 -27.96
CA ASN D 372 -6.15 -20.26 -27.20
C ASN D 372 -4.93 -20.57 -28.06
N ASP D 373 -5.13 -20.79 -29.38
CA ASP D 373 -4.00 -20.99 -30.28
C ASP D 373 -3.55 -19.61 -30.76
N PRO D 374 -2.34 -19.17 -30.43
CA PRO D 374 -1.95 -17.78 -30.75
C PRO D 374 -1.94 -17.47 -32.25
N ILE D 375 -1.96 -18.47 -33.13
CA ILE D 375 -2.16 -18.23 -34.56
C ILE D 375 -3.41 -17.40 -34.79
N PHE D 376 -4.39 -17.52 -33.89
CA PHE D 376 -5.59 -16.69 -33.97
C PHE D 376 -5.23 -15.23 -34.22
N VAL D 377 -4.31 -14.68 -33.42
CA VAL D 377 -3.92 -13.27 -33.58
C VAL D 377 -3.55 -12.98 -35.03
N LEU D 378 -2.65 -13.79 -35.59
CA LEU D 378 -2.13 -13.53 -36.93
C LEU D 378 -3.19 -13.81 -37.99
N LEU D 379 -3.99 -14.84 -37.77
CA LEU D 379 -5.12 -15.12 -38.64
C LEU D 379 -6.05 -13.92 -38.69
N HIS D 380 -6.34 -13.31 -37.54
CA HIS D 380 -7.31 -12.22 -37.53
C HIS D 380 -6.72 -10.85 -37.86
N THR D 381 -5.42 -10.64 -37.69
CA THR D 381 -4.87 -9.38 -38.18
C THR D 381 -4.90 -9.34 -39.71
N PHE D 382 -4.70 -10.48 -40.36
CA PHE D 382 -4.83 -10.52 -41.81
C PHE D 382 -6.28 -10.33 -42.24
N THR D 383 -7.23 -10.99 -41.55
CA THR D 383 -8.64 -10.73 -41.82
C THR D 383 -8.97 -9.25 -41.65
N ASP D 384 -8.43 -8.61 -40.61
CA ASP D 384 -8.66 -7.20 -40.44
C ASP D 384 -8.03 -6.38 -41.57
N ALA D 385 -6.91 -6.86 -42.16
CA ALA D 385 -6.29 -6.13 -43.27
C ALA D 385 -7.17 -6.15 -44.52
N VAL D 386 -7.79 -7.29 -44.82
CA VAL D 386 -8.79 -7.36 -45.87
C VAL D 386 -9.93 -6.40 -45.60
N PHE D 387 -10.47 -6.45 -44.37
CA PHE D 387 -11.55 -5.56 -43.98
C PHE D 387 -11.15 -4.11 -44.21
N ASP D 388 -9.94 -3.75 -43.79
CA ASP D 388 -9.49 -2.38 -43.96
C ASP D 388 -9.37 -2.02 -45.44
N GLU D 389 -8.87 -2.95 -46.26
CA GLU D 389 -8.73 -2.67 -47.68
C GLU D 389 -10.10 -2.47 -48.33
N TRP D 390 -11.10 -3.25 -47.91
CA TRP D 390 -12.46 -3.03 -48.35
C TRP D 390 -12.95 -1.63 -47.96
N LEU D 391 -12.63 -1.20 -46.72
CA LEU D 391 -13.07 0.12 -46.25
C LEU D 391 -12.50 1.25 -47.11
N ARG D 392 -11.23 1.15 -47.50
CA ARG D 392 -10.63 2.18 -48.34
C ARG D 392 -11.22 2.12 -49.74
N ARG D 393 -11.51 0.92 -50.21
CA ARG D 393 -11.91 0.70 -51.58
C ARG D 393 -13.34 1.10 -51.83
N TYR D 394 -14.20 1.02 -50.81
CA TYR D 394 -15.59 1.38 -50.97
C TYR D 394 -15.98 2.57 -50.10
N ASN D 395 -15.02 3.45 -49.81
CA ASN D 395 -15.26 4.65 -49.05
C ASN D 395 -16.11 4.38 -47.80
N ALA D 396 -15.72 3.33 -47.06
CA ALA D 396 -16.28 3.03 -45.74
C ALA D 396 -17.80 3.11 -45.75
N ASP D 397 -18.42 2.52 -46.77
CA ASP D 397 -19.86 2.64 -46.98
C ASP D 397 -20.57 1.75 -45.97
N ILE D 398 -21.07 2.37 -44.89
CA ILE D 398 -21.70 1.63 -43.81
C ILE D 398 -23.20 1.44 -44.01
N SER D 399 -23.75 1.90 -45.15
CA SER D 399 -25.20 1.94 -45.31
C SER D 399 -25.84 0.56 -45.21
N THR D 400 -25.12 -0.49 -45.60
CA THR D 400 -25.67 -1.84 -45.53
C THR D 400 -25.51 -2.50 -44.17
N PHE D 401 -24.75 -1.90 -43.27
CA PHE D 401 -24.68 -2.42 -41.91
C PHE D 401 -26.00 -2.12 -41.22
N PRO D 402 -26.85 -3.09 -40.97
CA PRO D 402 -28.23 -2.81 -40.57
C PRO D 402 -28.31 -2.14 -39.20
N LEU D 403 -29.30 -1.25 -39.04
CA LEU D 403 -29.53 -0.66 -37.72
C LEU D 403 -30.42 -1.52 -36.85
N GLU D 404 -31.31 -2.31 -37.46
CA GLU D 404 -32.24 -3.15 -36.72
C GLU D 404 -32.39 -4.47 -37.47
N ASN D 405 -32.96 -5.47 -36.78
CA ASN D 405 -33.32 -6.77 -37.33
C ASN D 405 -32.11 -7.65 -37.67
N ALA D 406 -30.91 -7.22 -37.31
CA ALA D 406 -29.75 -8.10 -37.35
C ALA D 406 -29.83 -9.09 -36.19
N PRO D 407 -29.12 -10.23 -36.29
CA PRO D 407 -29.04 -11.13 -35.13
C PRO D 407 -28.58 -10.35 -33.90
N ILE D 408 -28.99 -10.83 -32.73
CA ILE D 408 -28.75 -10.08 -31.52
C ILE D 408 -27.25 -9.90 -31.33
N GLY D 409 -26.84 -8.67 -31.02
CA GLY D 409 -25.45 -8.28 -30.93
C GLY D 409 -24.90 -7.62 -32.17
N HIS D 410 -25.60 -7.71 -33.30
CA HIS D 410 -25.05 -7.28 -34.57
C HIS D 410 -25.71 -6.03 -35.14
N ASN D 411 -26.70 -5.45 -34.45
CA ASN D 411 -27.19 -4.14 -34.88
C ASN D 411 -26.04 -3.15 -34.83
N ARG D 412 -26.12 -2.14 -35.71
CA ARG D 412 -25.00 -1.22 -35.89
C ARG D 412 -24.64 -0.52 -34.59
N GLN D 413 -25.63 -0.13 -33.79
CA GLN D 413 -25.30 0.64 -32.60
C GLN D 413 -25.13 -0.23 -31.37
N TYR D 414 -25.19 -1.55 -31.51
CA TYR D 414 -24.94 -2.44 -30.39
C TYR D 414 -23.54 -2.19 -29.82
N ASN D 415 -23.44 -2.12 -28.50
CA ASN D 415 -22.13 -2.15 -27.84
C ASN D 415 -21.57 -3.56 -27.95
N MET D 416 -20.39 -3.69 -28.58
CA MET D 416 -19.86 -5.01 -28.87
C MET D 416 -19.56 -5.76 -27.59
N VAL D 417 -20.08 -6.98 -27.47
CA VAL D 417 -20.06 -7.71 -26.20
C VAL D 417 -18.82 -8.60 -25.99
N PRO D 418 -18.15 -8.54 -24.83
CA PRO D 418 -18.30 -7.75 -23.61
C PRO D 418 -17.22 -6.70 -23.43
N PHE D 419 -16.95 -5.87 -24.43
CA PHE D 419 -15.84 -4.94 -24.33
C PHE D 419 -16.20 -3.77 -23.40
N TRP D 420 -15.18 -3.26 -22.73
CA TRP D 420 -15.33 -2.17 -21.79
C TRP D 420 -14.21 -1.14 -22.01
N PRO D 421 -14.54 0.17 -21.96
CA PRO D 421 -15.89 0.77 -21.83
C PRO D 421 -16.72 0.47 -23.07
N PRO D 422 -18.04 0.72 -23.06
CA PRO D 422 -18.87 0.36 -24.22
C PRO D 422 -18.33 0.93 -25.54
N VAL D 423 -18.32 0.12 -26.58
CA VAL D 423 -17.82 0.56 -27.88
C VAL D 423 -18.71 -0.07 -28.94
N THR D 424 -19.21 0.75 -29.87
CA THR D 424 -20.21 0.29 -30.82
C THR D 424 -19.51 -0.25 -32.06
N ASN D 425 -20.25 -1.04 -32.83
CA ASN D 425 -19.76 -1.46 -34.13
C ASN D 425 -19.36 -0.27 -34.98
N THR D 426 -20.13 0.82 -34.89
CA THR D 426 -19.87 2.01 -35.68
C THR D 426 -18.46 2.57 -35.44
N GLU D 427 -18.03 2.61 -34.18
CA GLU D 427 -16.74 3.24 -33.88
C GLU D 427 -15.59 2.52 -34.57
N MET D 428 -15.77 1.25 -34.93
CA MET D 428 -14.76 0.46 -35.61
C MET D 428 -14.90 0.42 -37.14
N PHE D 429 -16.02 0.89 -37.71
CA PHE D 429 -16.24 0.86 -39.16
C PHE D 429 -15.62 2.09 -39.81
N VAL D 430 -14.30 2.21 -39.66
CA VAL D 430 -13.54 3.36 -40.16
C VAL D 430 -12.20 2.87 -40.72
N THR D 431 -11.68 3.58 -41.72
CA THR D 431 -10.36 3.25 -42.23
C THR D 431 -9.35 3.38 -41.09
N ALA D 432 -8.51 2.38 -40.93
CA ALA D 432 -7.66 2.34 -39.74
C ALA D 432 -6.56 3.42 -39.73
N PRO D 433 -5.86 3.70 -40.85
CA PRO D 433 -4.70 4.62 -40.75
C PRO D 433 -5.01 6.03 -40.26
N ASP D 434 -6.15 6.62 -40.65
CA ASP D 434 -6.49 7.97 -40.21
C ASP D 434 -7.35 8.03 -38.94
N ASN D 435 -7.87 6.89 -38.48
CA ASN D 435 -8.85 6.93 -37.40
C ASN D 435 -8.51 6.06 -36.20
N LEU D 436 -7.66 5.05 -36.34
CA LEU D 436 -7.36 4.14 -35.24
C LEU D 436 -5.87 3.97 -34.98
N GLY D 437 -5.01 4.68 -35.72
CA GLY D 437 -3.61 4.68 -35.42
C GLY D 437 -2.79 3.51 -35.90
N TYR D 438 -3.25 2.76 -36.91
CA TYR D 438 -2.47 1.63 -37.40
C TYR D 438 -2.68 1.43 -38.90
N THR D 439 -1.73 0.76 -39.54
CA THR D 439 -1.87 0.50 -40.95
C THR D 439 -1.18 -0.82 -41.25
N TYR D 440 -1.50 -1.42 -42.39
CA TYR D 440 -0.89 -2.68 -42.80
C TYR D 440 0.12 -2.43 -43.91
N GLU D 441 1.33 -2.94 -43.72
CA GLU D 441 2.30 -3.08 -44.80
C GLU D 441 1.95 -4.35 -45.56
N ILE D 442 1.22 -4.20 -46.67
CA ILE D 442 0.67 -5.33 -47.40
C ILE D 442 0.38 -4.86 -48.81
N GLN D 443 0.36 -5.79 -49.75
CA GLN D 443 -0.02 -5.49 -51.13
C GLN D 443 -1.04 -6.53 -51.61
N TRP D 444 -1.94 -6.10 -52.49
CA TRP D 444 -3.02 -7.04 -52.78
C TRP D 444 -2.88 -7.65 -54.18
N PRO D 445 -3.26 -8.91 -54.35
CA PRO D 445 -3.11 -9.56 -55.67
C PRO D 445 -4.05 -8.94 -56.69
N SER D 446 -3.53 -8.70 -57.90
CA SER D 446 -4.33 -8.41 -59.10
C SER D 446 -3.40 -8.32 -60.31
C1 NAG E . -3.73 22.51 -4.12
C2 NAG E . -3.58 21.52 -5.30
C3 NAG E . -3.59 22.24 -6.64
C4 NAG E . -4.77 23.20 -6.75
C5 NAG E . -4.78 24.14 -5.55
C6 NAG E . -5.97 25.08 -5.53
C7 NAG E . -2.35 19.45 -4.83
C8 NAG E . -3.69 18.83 -4.56
N2 NAG E . -2.36 20.74 -5.17
O3 NAG E . -3.69 21.24 -7.65
O4 NAG E . -4.71 23.90 -7.99
O5 NAG E . -4.85 23.35 -4.35
O6 NAG E . -7.18 24.38 -5.78
O7 NAG E . -1.31 18.82 -4.73
C1 NAG E . -5.98 23.80 -8.72
C2 NAG E . -5.94 24.82 -9.87
C3 NAG E . -7.27 24.78 -10.65
C4 NAG E . -7.62 23.35 -11.06
C5 NAG E . -7.57 22.41 -9.85
C6 NAG E . -7.80 20.96 -10.21
C7 NAG E . -4.48 26.64 -9.10
C8 NAG E . -4.44 28.03 -8.52
N2 NAG E . -5.70 26.16 -9.35
O3 NAG E . -7.15 25.60 -11.80
O4 NAG E . -8.92 23.30 -11.63
O5 NAG E . -6.27 22.48 -9.24
O6 NAG E . -8.71 20.34 -9.31
O7 NAG E . -3.46 25.99 -9.33
C1 FUC E . -8.04 24.48 -4.65
C2 FUC E . -9.43 24.53 -5.25
C3 FUC E . -9.94 23.12 -5.47
C4 FUC E . -10.07 22.37 -4.12
C5 FUC E . -8.88 22.62 -3.20
C6 FUC E . -9.31 23.35 -1.95
O2 FUC E . -9.45 25.29 -6.49
O3 FUC E . -11.27 23.15 -6.05
O4 FUC E . -11.30 22.72 -3.42
O5 FUC E . -7.79 23.38 -3.77
C1 NAG F . -15.87 40.33 11.92
C2 NAG F . -16.21 40.90 10.49
C3 NAG F . -15.95 42.44 10.31
C4 NAG F . -15.07 43.10 11.39
C5 NAG F . -14.49 42.07 12.33
C6 NAG F . -13.83 42.63 13.57
C7 NAG F . -16.07 39.12 8.78
C8 NAG F . -15.22 38.43 7.76
N2 NAG F . -15.52 40.14 9.45
O3 NAG F . -17.22 43.08 10.23
O4 NAG F . -14.04 43.89 10.81
O5 NAG F . -15.62 41.33 12.76
O6 NAG F . -12.50 42.14 13.73
O7 NAG F . -17.24 38.78 8.98
C1 FUC F . -11.92 42.21 15.08
C2 FUC F . -12.22 43.57 15.86
C3 FUC F . -13.38 43.39 16.90
C4 FUC F . -12.93 42.43 17.99
C5 FUC F . -12.29 41.15 17.35
C6 FUC F . -10.85 40.81 17.81
O2 FUC F . -12.34 44.75 15.02
O3 FUC F . -13.70 44.62 17.53
O4 FUC F . -12.02 43.10 18.89
O5 FUC F . -12.35 41.08 15.85
C1 NAG G . -28.75 32.03 9.95
C2 NAG G . -29.22 32.56 8.60
C3 NAG G . -30.71 32.90 8.67
C4 NAG G . -31.51 31.70 9.14
C5 NAG G . -30.94 31.12 10.43
C6 NAG G . -31.54 29.78 10.78
C7 NAG G . -27.62 33.72 7.14
C8 NAG G . -26.85 34.99 6.91
N2 NAG G . -28.43 33.72 8.21
O3 NAG G . -31.18 33.31 7.40
O4 NAG G . -32.87 32.12 9.34
O5 NAG G . -29.53 30.88 10.31
O6 NAG G . -31.38 28.89 9.70
O7 NAG G . -27.50 32.75 6.40
C1 NAG G . -33.90 31.32 8.67
C2 NAG G . -35.24 31.65 9.35
C3 NAG G . -36.41 30.94 8.67
C4 NAG G . -36.39 31.20 7.17
C5 NAG G . -35.04 30.78 6.61
C6 NAG G . -34.91 31.03 5.11
C7 NAG G . -35.10 32.24 11.71
C8 NAG G . -35.04 31.75 13.13
N2 NAG G . -35.20 31.32 10.77
O3 NAG G . -37.64 31.40 9.21
O4 NAG G . -37.45 30.52 6.50
O5 NAG G . -34.01 31.55 7.24
O6 NAG G . -34.34 32.30 4.85
O7 NAG G . -35.06 33.44 11.44
C1 NAG H . -37.43 15.64 28.49
C2 NAG H . -37.38 15.47 26.99
C3 NAG H . -38.79 15.50 26.42
C4 NAG H . -39.67 14.46 27.11
C5 NAG H . -39.59 14.57 28.63
C6 NAG H . -40.22 13.41 29.35
C7 NAG H . -35.29 16.23 25.93
C8 NAG H . -34.58 17.36 25.25
N2 NAG H . -36.54 16.47 26.33
O3 NAG H . -38.70 15.24 25.02
O4 NAG H . -41.04 14.63 26.73
O5 NAG H . -38.21 14.59 29.06
O6 NAG H . -40.32 13.68 30.74
O7 NAG H . -34.74 15.15 26.14
C1 NAG H . -41.58 13.35 26.29
C2 NAG H . -43.11 13.44 26.25
C3 NAG H . -43.70 12.11 25.78
C4 NAG H . -43.03 11.62 24.51
C5 NAG H . -41.51 11.65 24.64
C6 NAG H . -40.79 11.29 23.36
C7 NAG H . -43.89 15.05 27.96
C8 NAG H . -44.42 15.21 29.35
N2 NAG H . -43.65 13.80 27.56
O3 NAG H . -45.10 12.27 25.55
O4 NAG H . -43.45 10.29 24.22
O5 NAG H . -41.09 12.96 25.00
O6 NAG H . -41.20 12.12 22.28
O7 NAG H . -43.67 16.02 27.23
C1 NAG I . 1.89 8.97 -1.25
C2 NAG I . 0.59 9.31 -1.96
C3 NAG I . -0.48 8.23 -1.72
C4 NAG I . 0.07 6.84 -2.03
C5 NAG I . 1.40 6.62 -1.29
C6 NAG I . 2.10 5.33 -1.65
C7 NAG I . -0.04 11.66 -2.38
C8 NAG I . 0.25 11.40 -3.83
N2 NAG I . 0.12 10.62 -1.56
O3 NAG I . -1.57 8.55 -2.58
O4 NAG I . -0.86 5.83 -1.67
O5 NAG I . 2.32 7.67 -1.62
O6 NAG I . 2.13 5.20 -3.06
O7 NAG I . -0.45 12.77 -1.99
C1 NAG I . -1.16 4.95 -2.81
C2 NAG I . -1.93 3.69 -2.39
C3 NAG I . -2.22 2.81 -3.62
C4 NAG I . -2.88 3.62 -4.72
C5 NAG I . -2.06 4.90 -4.97
C6 NAG I . -2.65 5.82 -6.02
C7 NAG I . -1.34 3.17 -0.05
C8 NAG I . -0.50 2.31 0.85
N2 NAG I . -1.20 2.94 -1.37
O3 NAG I . -3.04 1.72 -3.22
O4 NAG I . -2.82 2.99 -5.99
O5 NAG I . -1.91 5.67 -3.77
O6 NAG I . -1.77 6.92 -6.22
O7 NAG I . -2.11 4.01 0.38
C1 MAN I . -3.58 1.83 -6.45
C2 MAN I . -4.14 2.19 -7.90
C3 MAN I . -5.04 1.03 -8.37
C4 MAN I . -4.59 -0.25 -7.54
C5 MAN I . -4.92 0.00 -5.98
C6 MAN I . -3.94 -0.66 -5.09
O2 MAN I . -3.08 2.30 -8.84
O3 MAN I . -5.05 0.84 -9.81
O4 MAN I . -5.07 -1.49 -8.05
O5 MAN I . -4.70 1.39 -5.68
O6 MAN I . -4.62 -1.26 -4.01
C1 MAN I . -4.58 -2.61 -4.53
C2 MAN I . -5.63 -3.59 -3.88
C3 MAN I . -5.70 -4.76 -4.87
C4 MAN I . -4.51 -4.59 -6.00
C5 MAN I . -3.10 -4.27 -5.32
C6 MAN I . -2.06 -3.77 -6.30
O2 MAN I . -6.97 -3.03 -3.71
O3 MAN I . -7.05 -4.94 -5.40
O4 MAN I . -4.35 -5.67 -6.92
O5 MAN I . -3.28 -3.22 -4.34
O6 MAN I . -1.02 -4.73 -6.36
C1 FUC I . 3.43 5.01 -3.64
C2 FUC I . 3.06 4.32 -4.96
C3 FUC I . 2.71 5.40 -6.01
C4 FUC I . 3.94 6.22 -6.32
C5 FUC I . 4.80 6.51 -5.09
C6 FUC I . 6.16 5.67 -5.17
O2 FUC I . 1.97 3.39 -4.79
O3 FUC I . 2.30 4.78 -7.24
O4 FUC I . 4.77 5.51 -7.24
O5 FUC I . 4.17 6.23 -3.80
C1 NAG J . 25.42 -2.79 0.14
C2 NAG J . 24.43 -4.00 -0.13
C3 NAG J . 24.58 -5.23 0.83
C4 NAG J . 25.49 -5.02 2.05
C5 NAG J . 25.76 -3.56 2.27
C6 NAG J . 26.76 -3.29 3.35
C7 NAG J . 22.34 -3.45 -1.31
C8 NAG J . 20.95 -2.90 -1.18
N2 NAG J . 23.05 -3.53 -0.18
O3 NAG J . 25.10 -6.30 0.07
O4 NAG J . 24.94 -5.62 3.22
O5 NAG J . 26.35 -3.13 1.05
O6 NAG J . 26.27 -2.35 4.30
O7 NAG J . 22.78 -3.83 -2.39
C1 FUC J . 27.32 -1.57 4.95
C2 FUC J . 28.60 -2.45 5.39
C3 FUC J . 29.78 -2.22 4.41
C4 FUC J . 30.21 -0.75 4.53
C5 FUC J . 29.00 0.21 4.34
C6 FUC J . 28.82 1.20 5.50
O2 FUC J . 28.40 -3.85 5.72
O3 FUC J . 30.88 -3.05 4.75
O4 FUC J . 30.77 -0.52 5.81
O5 FUC J . 27.69 -0.46 4.10
C1 NAG K . 25.57 -2.36 -15.65
C2 NAG K . 24.79 -3.63 -15.95
C3 NAG K . 25.49 -4.42 -17.03
C4 NAG K . 25.68 -3.57 -18.28
C5 NAG K . 26.41 -2.29 -17.90
C6 NAG K . 26.50 -1.30 -19.04
C7 NAG K . 23.49 -4.60 -14.09
C8 NAG K . 23.55 -5.44 -12.84
N2 NAG K . 24.65 -4.42 -14.73
O3 NAG K . 24.73 -5.58 -17.37
O4 NAG K . 26.46 -4.29 -19.23
O5 NAG K . 25.72 -1.61 -16.83
O6 NAG K . 25.20 -1.04 -19.55
O7 NAG K . 22.43 -4.13 -14.53
C1 NAG K . 26.02 -4.28 -20.61
C2 NAG K . 27.20 -4.76 -21.48
C3 NAG K . 26.78 -4.92 -22.95
C4 NAG K . 25.51 -5.74 -23.06
C5 NAG K . 24.43 -5.11 -22.19
C6 NAG K . 23.13 -5.87 -22.22
C7 NAG K . 29.39 -4.16 -20.57
C8 NAG K . 30.51 -3.16 -20.56
N2 NAG K . 28.36 -3.89 -21.37
O3 NAG K . 27.79 -5.61 -23.68
O4 NAG K . 25.08 -5.82 -24.42
O5 NAG K . 24.88 -5.11 -20.82
O6 NAG K . 22.82 -6.35 -20.92
O7 NAG K . 29.43 -5.19 -19.89
C1 NAG L . 16.57 29.97 -27.77
C2 NAG L . 16.04 30.49 -29.09
C3 NAG L . 14.61 30.04 -29.30
C4 NAG L . 14.47 28.53 -29.16
C5 NAG L . 15.09 28.04 -27.86
C6 NAG L . 15.19 26.53 -27.79
C7 NAG L . 16.87 32.64 -29.98
C8 NAG L . 17.69 31.83 -30.95
N2 NAG L . 16.13 31.95 -29.12
O3 NAG L . 14.21 30.42 -30.62
O4 NAG L . 13.08 28.21 -29.12
O5 NAG L . 16.43 28.54 -27.72
O6 NAG L . 15.85 25.97 -28.93
O7 NAG L . 16.91 33.87 -29.97
C1 NAG L . 12.60 27.54 -30.30
C2 NAG L . 11.25 27.02 -29.90
C3 NAG L . 10.66 26.23 -31.06
C4 NAG L . 10.59 27.08 -32.32
C5 NAG L . 11.94 27.77 -32.59
C6 NAG L . 11.86 28.83 -33.67
C7 NAG L . 10.92 26.68 -27.48
C8 NAG L . 10.43 28.10 -27.42
N2 NAG L . 11.32 26.23 -28.69
O3 NAG L . 9.36 25.79 -30.66
O4 NAG L . 10.27 26.28 -33.45
O5 NAG L . 12.45 28.42 -31.42
O6 NAG L . 11.33 30.06 -33.19
O7 NAG L . 10.99 25.98 -26.47
C1 MAN L . 9.00 26.62 -34.09
C2 MAN L . 7.83 26.33 -33.08
C3 MAN L . 6.69 25.57 -33.64
C4 MAN L . 6.44 26.12 -35.03
C5 MAN L . 7.56 25.59 -35.96
C6 MAN L . 7.41 26.04 -37.44
O2 MAN L . 7.16 27.54 -32.69
O3 MAN L . 5.53 25.63 -32.72
O4 MAN L . 5.21 25.72 -35.51
O5 MAN L . 8.91 25.95 -35.40
O6 MAN L . 8.58 25.76 -38.27
C1 NAG M . 39.45 15.62 -28.39
C2 NAG M . 38.01 15.22 -28.68
C3 NAG M . 37.92 14.55 -30.05
C4 NAG M . 38.60 15.37 -31.13
C5 NAG M . 39.98 15.86 -30.68
C6 NAG M . 40.56 16.96 -31.54
C7 NAG M . 36.80 14.82 -26.59
C8 NAG M . 36.33 13.79 -25.61
N2 NAG M . 37.48 14.36 -27.64
O3 NAG M . 36.55 14.39 -30.38
O4 NAG M . 38.74 14.53 -32.26
O5 NAG M . 39.92 16.44 -29.37
O6 NAG M . 40.16 16.91 -32.89
O7 NAG M . 36.58 16.03 -26.45
C1 NAG M . 38.06 15.07 -33.42
C2 NAG M . 38.58 14.30 -34.64
C3 NAG M . 37.90 14.77 -35.92
C4 NAG M . 36.39 14.82 -35.76
C5 NAG M . 35.99 15.55 -34.48
C6 NAG M . 34.50 15.50 -34.20
C7 NAG M . 40.94 13.54 -34.51
C8 NAG M . 42.36 13.96 -34.68
N2 NAG M . 40.03 14.49 -34.76
O3 NAG M . 38.24 13.89 -36.97
O4 NAG M . 35.80 15.49 -36.87
O5 NAG M . 36.63 14.94 -33.36
O6 NAG M . 34.10 14.18 -33.86
O7 NAG M . 40.62 12.41 -34.15
C1 NAG N . -20.85 -18.74 32.39
C2 NAG N . -22.34 -18.47 32.15
C3 NAG N . -23.13 -18.67 33.45
C4 NAG N . -22.91 -20.07 33.98
C5 NAG N . -21.41 -20.30 34.21
C6 NAG N . -21.07 -21.69 34.68
C7 NAG N . -22.75 -16.90 30.29
C8 NAG N . -22.78 -18.11 29.38
N2 NAG N . -22.56 -17.14 31.59
O3 NAG N . -24.51 -18.44 33.20
O4 NAG N . -23.57 -20.28 35.23
O5 NAG N . -20.68 -20.06 33.00
O6 NAG N . -21.84 -22.69 34.03
O7 NAG N . -22.91 -15.77 29.86
C1 NAG N . -24.93 -20.81 35.27
C2 NAG N . -25.55 -19.79 36.20
C3 NAG N . -27.08 -19.69 36.00
C4 NAG N . -27.70 -20.96 35.40
C5 NAG N . -26.92 -21.50 34.19
C6 NAG N . -27.65 -21.31 32.88
C7 NAG N . -23.97 -19.94 38.08
C8 NAG N . -23.79 -20.24 39.54
N2 NAG N . -25.22 -20.06 37.60
O3 NAG N . -27.37 -18.57 35.16
O4 NAG N . -27.89 -21.97 36.38
O5 NAG N . -25.65 -20.84 34.05
O6 NAG N . -27.39 -22.36 31.96
O7 NAG N . -23.04 -19.60 37.37
C1 FUC N . -20.96 -23.55 33.29
C2 FUC N . -21.71 -24.91 33.14
C3 FUC N . -22.35 -25.05 31.74
C4 FUC N . -21.25 -24.93 30.65
C5 FUC N . -20.23 -23.79 30.98
C6 FUC N . -18.84 -24.28 31.36
O2 FUC N . -22.69 -25.05 34.16
O3 FUC N . -22.99 -26.35 31.59
O4 FUC N . -20.57 -26.18 30.48
O5 FUC N . -20.65 -22.95 32.05
C1 NAG O . 3.57 -4.04 21.72
C2 NAG O . 3.68 -2.49 21.66
C3 NAG O . 3.38 -1.97 20.24
C4 NAG O . 4.16 -2.76 19.18
C5 NAG O . 3.89 -4.24 19.37
C6 NAG O . 4.55 -5.16 18.35
C7 NAG O . 3.12 -0.99 23.55
C8 NAG O . 4.54 -0.55 23.55
N2 NAG O . 2.76 -1.89 22.62
O3 NAG O . 3.73 -0.59 20.20
O4 NAG O . 3.71 -2.42 17.87
O5 NAG O . 4.35 -4.63 20.68
O6 NAG O . 5.82 -4.72 17.90
O7 NAG O . 2.29 -0.54 24.35
C1 NAG O . 4.44 -1.40 17.17
C2 NAG O . 3.81 -1.40 15.80
C3 NAG O . 4.47 -0.35 14.93
C4 NAG O . 4.30 1.04 15.54
C5 NAG O . 4.64 1.08 17.05
C6 NAG O . 3.87 2.18 17.77
C7 NAG O . 2.85 -3.54 15.03
C8 NAG O . 1.55 -3.06 15.60
N2 NAG O . 3.90 -2.71 15.18
O3 NAG O . 3.82 -0.39 13.67
O4 NAG O . 5.15 1.93 14.82
O5 NAG O . 4.28 -0.12 17.76
O6 NAG O . 4.25 3.50 17.36
O7 NAG O . 2.96 -4.62 14.47
C1 MAN O . 4.45 3.12 14.31
C2 MAN O . 4.23 3.08 12.77
C3 MAN O . 3.10 4.14 12.47
C4 MAN O . 3.27 5.43 13.37
C5 MAN O . 4.75 5.58 13.87
C6 MAN O . 4.99 6.82 14.78
O2 MAN O . 3.85 1.77 12.25
O3 MAN O . 1.75 3.62 12.60
O4 MAN O . 2.85 6.61 12.68
O5 MAN O . 5.17 4.35 14.60
O6 MAN O . 4.65 7.99 14.07
C1 NAG P . -4.47 -44.20 30.28
C2 NAG P . -5.47 -44.87 31.22
C3 NAG P . -5.24 -46.39 31.23
C4 NAG P . -5.23 -46.96 29.81
C5 NAG P . -4.30 -46.16 28.91
C6 NAG P . -4.43 -46.53 27.45
C7 NAG P . -6.24 -43.55 33.17
C8 NAG P . -5.89 -43.07 34.54
N2 NAG P . -5.32 -44.32 32.56
O3 NAG P . -6.26 -47.03 31.99
O4 NAG P . -4.82 -48.33 29.84
O5 NAG P . -4.60 -44.76 28.99
O6 NAG P . -5.75 -46.30 26.96
O7 NAG P . -7.31 -43.26 32.63
C1 NAG P . -5.83 -49.19 29.25
C2 NAG P . -5.22 -50.54 28.76
C3 NAG P . -6.33 -51.46 28.23
C4 NAG P . -7.41 -51.64 29.27
C5 NAG P . -7.99 -50.28 29.66
C6 NAG P . -9.07 -50.35 30.71
C7 NAG P . -2.90 -50.32 27.94
C8 NAG P . -2.03 -50.11 26.74
N2 NAG P . -4.22 -50.33 27.72
O3 NAG P . -5.74 -52.70 27.86
O4 NAG P . -8.45 -52.48 28.74
O5 NAG P . -6.92 -49.46 30.19
O6 NAG P . -8.64 -49.74 31.92
O7 NAG P . -2.43 -50.48 29.07
C1 NAG Q . -14.37 -32.02 -1.57
C2 NAG Q . -15.36 -32.11 -2.74
C3 NAG Q . -16.81 -32.05 -2.24
C4 NAG Q . -17.04 -33.07 -1.13
C5 NAG Q . -16.03 -32.82 -0.03
C6 NAG Q . -16.16 -33.75 1.17
C7 NAG Q . -14.50 -31.24 -4.86
C8 NAG Q . -14.07 -32.65 -5.16
N2 NAG Q . -15.12 -31.04 -3.69
O3 NAG Q . -17.68 -32.30 -3.35
O4 NAG Q . -18.37 -32.94 -0.62
O5 NAG Q . -14.71 -32.99 -0.57
O6 NAG Q . -16.00 -35.11 0.82
O7 NAG Q . -14.29 -30.32 -5.64
C1 NAG Q . -19.07 -34.19 -0.74
C2 NAG Q . -20.38 -34.10 0.04
C3 NAG Q . -21.18 -35.39 -0.10
C4 NAG Q . -21.44 -35.66 -1.57
C5 NAG Q . -20.11 -35.74 -2.33
C6 NAG Q . -20.28 -35.90 -3.83
C7 NAG Q . -20.30 -32.58 1.99
C8 NAG Q . -20.78 -31.51 1.06
N2 NAG Q . -20.13 -33.80 1.45
O3 NAG Q . -22.41 -35.32 0.61
O4 NAG Q . -22.21 -36.84 -1.74
O5 NAG Q . -19.35 -34.53 -2.12
O6 NAG Q . -19.44 -36.91 -4.35
O7 NAG Q . -20.08 -32.37 3.18
C1 NAG R . 5.28 -48.28 6.40
C2 NAG R . 3.80 -48.28 6.78
C3 NAG R . 3.24 -49.70 6.73
C4 NAG R . 3.48 -50.35 5.38
C5 NAG R . 4.96 -50.27 4.99
C6 NAG R . 5.18 -50.68 3.55
C7 NAG R . 3.34 -46.41 8.30
C8 NAG R . 3.21 -45.99 9.74
N2 NAG R . 3.63 -47.70 8.10
O3 NAG R . 1.85 -49.63 7.02
O4 NAG R . 3.11 -51.73 5.45
O5 NAG R . 5.44 -48.92 5.12
O6 NAG R . 6.55 -50.62 3.16
O7 NAG R . 3.20 -45.61 7.38
C1 NAG R . 2.22 -52.11 4.37
C2 NAG R . 2.24 -53.65 4.13
C3 NAG R . 1.17 -54.06 3.11
C4 NAG R . -0.18 -53.45 3.44
C5 NAG R . -0.04 -51.95 3.55
C6 NAG R . -1.33 -51.24 3.89
C7 NAG R . 4.52 -54.48 4.53
C8 NAG R . 5.82 -54.92 3.88
N2 NAG R . 3.55 -54.11 3.70
O3 NAG R . 1.05 -55.48 3.06
O4 NAG R . -1.15 -53.80 2.44
O5 NAG R . 0.88 -51.66 4.62
O6 NAG R . -1.68 -51.45 5.25
O7 NAG R . 4.40 -54.47 5.76
C1 NAG S . -29.51 2.12 -12.59
C2 NAG S . -31.04 2.23 -12.62
C3 NAG S . -31.61 2.37 -11.20
C4 NAG S . -31.07 1.28 -10.29
C5 NAG S . -29.54 1.24 -10.36
C6 NAG S . -28.93 0.11 -9.58
C7 NAG S . -32.01 3.18 -14.66
C8 NAG S . -32.10 1.76 -15.17
N2 NAG S . -31.48 3.34 -13.45
O3 NAG S . -33.02 2.30 -11.25
O4 NAG S . -31.54 1.53 -8.96
O5 NAG S . -29.12 1.06 -11.72
O6 NAG S . -29.51 -1.14 -9.93
O7 NAG S . -32.38 4.14 -15.33
C1 NAG S . -32.29 0.42 -8.38
C2 NAG S . -32.57 0.75 -6.92
C3 NAG S . -33.33 -0.40 -6.24
C4 NAG S . -34.57 -0.77 -7.05
C5 NAG S . -34.20 -1.03 -8.51
C6 NAG S . -35.40 -1.31 -9.39
C7 NAG S . -30.71 2.23 -6.31
C8 NAG S . -29.46 2.38 -5.47
N2 NAG S . -31.34 1.06 -6.20
O3 NAG S . -33.71 -0.03 -4.93
O4 NAG S . -35.21 -1.92 -6.50
O5 NAG S . -33.54 0.13 -9.06
O6 NAG S . -35.10 -1.09 -10.76
O7 NAG S . -31.11 3.12 -7.04
C1 FUC S . -28.51 -2.04 -10.42
C2 FUC S . -29.08 -3.39 -10.04
C3 FUC S . -30.18 -3.79 -11.04
C4 FUC S . -29.60 -3.98 -12.41
C5 FUC S . -28.53 -2.93 -12.75
C6 FUC S . -27.19 -3.60 -12.93
O2 FUC S . -29.63 -3.34 -8.75
O3 FUC S . -30.75 -5.06 -10.66
O4 FUC S . -29.02 -5.31 -12.50
O5 FUC S . -28.32 -1.82 -11.81
C1 NAG T . -5.73 -9.93 -8.16
C2 NAG T . -6.72 -10.01 -7.00
C3 NAG T . -6.35 -9.01 -5.90
C4 NAG T . -4.86 -9.07 -5.54
C5 NAG T . -4.03 -8.98 -6.80
C6 NAG T . -2.55 -9.09 -6.55
C7 NAG T . -8.97 -10.69 -7.68
C8 NAG T . -10.31 -10.22 -8.16
N2 NAG T . -8.06 -9.74 -7.46
O3 NAG T . -7.20 -9.26 -4.79
O4 NAG T . -4.46 -7.96 -4.74
O5 NAG T . -4.40 -10.05 -7.68
O6 NAG T . -1.84 -8.91 -7.77
O7 NAG T . -8.71 -11.88 -7.52
C1 NAG T . -4.72 -8.23 -3.37
C2 NAG T . -3.62 -7.60 -2.51
C3 NAG T . -3.99 -7.65 -1.03
C4 NAG T . -5.41 -7.15 -0.76
C5 NAG T . -6.37 -7.89 -1.67
C6 NAG T . -7.80 -7.45 -1.55
C7 NAG T . -1.29 -7.75 -3.32
C8 NAG T . -0.07 -8.62 -3.39
N2 NAG T . -2.36 -8.28 -2.71
O3 NAG T . -3.02 -6.89 -0.30
O4 NAG T . -5.76 -7.45 0.59
O5 NAG T . -5.98 -7.67 -3.04
O6 NAG T . -8.59 -7.77 -2.68
O7 NAG T . -1.32 -6.63 -3.81
C1 MAN T . -6.16 -6.29 1.39
C2 MAN T . -4.82 -5.50 1.67
C3 MAN T . -4.60 -5.21 3.16
C4 MAN T . -5.93 -4.79 3.77
C5 MAN T . -6.65 -6.13 3.93
C6 MAN T . -7.85 -6.16 4.97
O2 MAN T . -4.79 -4.24 0.98
O3 MAN T . -3.40 -4.37 3.46
O4 MAN T . -5.79 -4.15 5.02
O5 MAN T . -7.01 -6.69 2.58
O6 MAN T . -9.16 -6.19 4.35
C1 FUC T . -1.70 -7.50 -8.09
C2 FUC T . -0.22 -7.32 -7.96
C3 FUC T . 0.45 -8.27 -8.87
C4 FUC T . 0.20 -7.87 -10.34
C5 FUC T . -1.22 -7.20 -10.57
C6 FUC T . -1.14 -5.79 -11.21
O2 FUC T . 0.24 -7.64 -6.68
O3 FUC T . 1.85 -8.16 -8.62
O4 FUC T . 1.27 -7.02 -10.78
O5 FUC T . -2.18 -7.13 -9.40
C1 NAG U . -13.49 -23.24 -12.99
C2 NAG U . -14.20 -23.72 -11.72
C3 NAG U . -13.91 -25.19 -11.49
C4 NAG U . -14.29 -26.00 -12.72
C5 NAG U . -13.61 -25.43 -13.96
C6 NAG U . -14.10 -26.06 -15.24
C7 NAG U . -14.47 -21.94 -10.02
C8 NAG U . -13.82 -21.24 -8.86
N2 NAG U . -13.76 -22.93 -10.58
O3 NAG U . -14.60 -25.66 -10.35
O4 NAG U . -13.81 -27.33 -12.54
O5 NAG U . -13.91 -24.02 -14.09
O6 NAG U . -15.52 -26.05 -15.27
O7 NAG U . -15.59 -21.63 -10.43
C1 NAG U . -14.80 -28.36 -12.66
C2 NAG U . -14.01 -29.69 -12.78
C3 NAG U . -14.95 -30.89 -12.78
C4 NAG U . -15.93 -30.82 -11.61
C5 NAG U . -16.64 -29.47 -11.64
C6 NAG U . -17.61 -29.27 -10.49
C7 NAG U . -11.87 -29.57 -13.98
C8 NAG U . -11.19 -29.60 -15.33
N2 NAG U . -13.20 -29.69 -13.99
O3 NAG U . -14.17 -32.09 -12.67
O4 NAG U . -16.87 -31.88 -11.70
O5 NAG U . -15.67 -28.42 -11.54
O6 NAG U . -17.05 -28.47 -9.47
O7 NAG U . -11.22 -29.44 -12.94
C1 NAG V . -31.14 -18.58 -43.51
C2 NAG V . -32.26 -19.28 -44.28
C3 NAG V . -33.59 -19.14 -43.54
C4 NAG V . -33.45 -19.54 -42.07
C5 NAG V . -32.26 -18.83 -41.44
C6 NAG V . -31.94 -19.29 -40.04
C7 NAG V . -32.30 -19.51 -46.72
C8 NAG V . -32.09 -20.97 -46.51
N2 NAG V . -32.38 -18.75 -45.63
O3 NAG V . -34.54 -19.98 -44.19
O4 NAG V . -34.68 -19.20 -41.43
O5 NAG V . -31.08 -19.08 -42.21
O6 NAG V . -32.15 -20.68 -39.93
O7 NAG V . -32.41 -19.03 -47.85
C1 NAG V . -35.17 -20.24 -40.57
C2 NAG V . -36.26 -19.62 -39.72
C3 NAG V . -37.06 -20.70 -39.05
C4 NAG V . -37.89 -21.47 -40.07
C5 NAG V . -37.08 -21.82 -41.32
C6 NAG V . -37.67 -21.25 -42.59
C7 NAG V . -35.59 -17.42 -38.81
C8 NAG V . -36.20 -16.80 -40.03
N2 NAG V . -35.66 -18.75 -38.72
O3 NAG V . -37.93 -20.06 -38.13
O4 NAG V . -38.35 -22.70 -39.49
O5 NAG V . -35.70 -21.42 -41.30
O6 NAG V . -38.40 -22.23 -43.31
O7 NAG V . -35.07 -16.73 -37.93
C1 MAN V . -39.79 -22.84 -39.38
C2 MAN V . -40.34 -21.61 -38.59
C3 MAN V . -41.46 -21.94 -37.74
C4 MAN V . -42.34 -22.90 -38.56
C5 MAN V . -41.64 -24.28 -38.56
C6 MAN V . -42.12 -25.23 -39.67
O2 MAN V . -41.00 -20.74 -39.44
O3 MAN V . -42.11 -20.72 -37.34
O4 MAN V . -43.65 -22.96 -38.07
O5 MAN V . -40.17 -24.08 -38.75
O6 MAN V . -42.70 -26.44 -39.10
C1 FUC V . -31.25 -21.28 -38.98
C2 FUC V . -31.73 -22.74 -38.78
C3 FUC V . -31.31 -23.69 -39.95
C4 FUC V . -29.86 -23.47 -40.42
C5 FUC V . -29.58 -21.96 -40.64
C6 FUC V . -28.15 -21.64 -41.02
O2 FUC V . -33.15 -22.82 -38.59
O3 FUC V . -31.41 -25.04 -39.51
O4 FUC V . -28.96 -24.00 -39.47
O5 FUC V . -29.89 -21.19 -39.44
C1 NAG W . -9.34 -33.14 -36.73
C2 NAG W . -10.65 -33.01 -35.94
C3 NAG W . -11.21 -34.40 -35.61
C4 NAG W . -11.32 -35.27 -36.86
C5 NAG W . -10.01 -35.28 -37.64
C6 NAG W . -10.16 -35.96 -38.99
C7 NAG W . -10.77 -30.95 -34.63
C8 NAG W . -10.60 -30.33 -33.28
N2 NAG W . -10.49 -32.25 -34.71
O3 NAG W . -12.50 -34.23 -35.03
O4 NAG W . -11.58 -36.61 -36.46
O5 NAG W . -9.56 -33.94 -37.90
O6 NAG W . -8.90 -36.21 -39.58
O7 NAG W . -11.10 -30.30 -35.60
C1 NAG W . -12.76 -37.10 -37.15
C2 NAG W . -12.82 -38.61 -36.94
C3 NAG W . -14.09 -39.19 -37.54
C4 NAG W . -15.31 -38.46 -36.99
C5 NAG W . -15.16 -36.96 -37.23
C6 NAG W . -16.27 -36.16 -36.62
C7 NAG W . -10.53 -39.47 -36.81
C8 NAG W . -9.41 -40.14 -37.54
N2 NAG W . -11.64 -39.26 -37.51
O3 NAG W . -14.17 -40.56 -37.19
O4 NAG W . -16.51 -38.97 -37.57
O5 NAG W . -13.95 -36.49 -36.64
O6 NAG W . -16.14 -36.13 -35.20
O7 NAG W . -10.44 -39.16 -35.63
C1 NAG X . -22.79 -2.92 14.94
C2 NAG X . -23.08 -4.38 14.58
C3 NAG X . -22.80 -4.62 13.10
C4 NAG X . -23.60 -3.66 12.24
C5 NAG X . -23.24 -2.23 12.65
C6 NAG X . -23.98 -1.15 11.88
C7 NAG X . -22.80 -6.04 16.37
C8 NAG X . -24.29 -5.93 16.59
N2 NAG X . -22.28 -5.28 15.40
O3 NAG X . -23.14 -5.98 12.77
O4 NAG X . -23.34 -3.87 10.86
O5 NAG X . -23.54 -2.04 14.05
O6 NAG X . -25.37 -1.43 11.73
O7 NAG X . -22.10 -6.80 17.04
ZN ZN Y . -20.74 14.81 25.34
ZN ZN Z . -20.22 15.54 22.17
CA1 0TR AA . -23.88 13.23 23.45
OA1 0TR AA . -22.52 12.94 23.31
CA2 0TR AA . -24.17 14.55 23.13
OA2 0TR AA . -23.03 15.30 22.71
CA3 0TR AA . -25.44 15.16 23.19
CB3 0TR AA . -26.66 14.59 23.55
CA5 0TR AA . -26.09 12.23 24.13
CA6 0TR AA . -24.71 12.20 23.90
CAE 0TR AA . -26.96 13.30 23.98
ZN ZN BA . 27.72 19.70 -14.64
ZN ZN CA . 30.59 21.45 -15.16
CA1 0TR DA . 29.52 20.61 -19.02
OA1 0TR DA . 28.66 21.30 -18.18
CA2 0TR DA . 29.85 19.32 -18.59
OA2 0TR DA . 29.26 18.90 -17.37
CA3 0TR DA . 30.66 18.38 -19.18
CB3 0TR DA . 31.35 18.52 -20.37
CA5 0TR DA . 30.78 20.84 -21.17
CA6 0TR DA . 29.93 21.30 -20.17
CAE 0TR DA . 31.40 19.60 -21.26
C1 NAG EA . 0.97 -32.76 39.35
C2 NAG EA . 0.01 -33.52 40.28
C3 NAG EA . 0.67 -33.95 41.61
C4 NAG EA . 1.53 -32.85 42.26
C5 NAG EA . 1.93 -31.80 41.24
C6 NAG EA . 3.23 -31.08 41.55
C7 NAG EA . -2.24 -32.76 39.64
C8 NAG EA . -3.42 -31.90 40.01
N2 NAG EA . -1.22 -32.77 40.50
O3 NAG EA . 1.47 -35.11 41.37
O4 NAG EA . 0.82 -32.28 43.35
O5 NAG EA . 2.14 -32.48 40.01
O6 NAG EA . 3.57 -30.14 40.54
O7 NAG EA . -2.23 -33.43 38.60
ZN ZN FA . -0.24 -31.95 12.26
ZN ZN GA . 2.48 -31.97 10.18
CA1 0TR HA . 0.06 -35.00 8.89
OA1 0TR HA . -0.24 -33.64 9.12
CA2 0TR HA . 0.26 -35.75 10.07
OA2 0TR HA . 0.10 -35.04 11.27
CA3 0TR HA . 0.56 -37.12 10.15
CB3 0TR HA . 0.73 -38.01 9.09
CA5 0TR HA . 0.39 -36.61 7.01
CA6 0TR HA . 0.12 -35.37 7.55
CAE 0TR HA . 0.66 -37.79 7.70
ZN ZN IA . -13.94 -15.41 -33.68
ZN ZN JA . -11.87 -16.28 -36.21
CA1 0TR KA . -14.49 -19.46 -36.03
OA1 0TR KA . -14.88 -18.12 -36.08
CA2 0TR KA . -13.81 -19.84 -34.87
OA2 0TR KA . -13.61 -18.87 -33.89
CA3 0TR KA . -13.32 -21.07 -34.54
CB3 0TR KA . -13.37 -22.25 -35.26
CA5 0TR KA . -14.56 -21.58 -37.37
CA6 0TR KA . -14.82 -20.23 -37.14
CAE 0TR KA . -13.92 -22.47 -36.52
#